data_6WW5
#
_entry.id   6WW5
#
_cell.length_a   1.00
_cell.length_b   1.00
_cell.length_c   1.00
_cell.angle_alpha   90.00
_cell.angle_beta   90.00
_cell.angle_gamma   90.00
#
_symmetry.space_group_name_H-M   'P 1'
#
loop_
_entity.id
_entity.type
_entity.pdbx_description
1 polymer 'DASS family sodium-coupled anion symporter'
2 polymer 'Fab84 Heavy Chain'
3 polymer 'Fab84 Light Chain'
4 non-polymer 1,2-DIHEXANOYL-SN-GLYCERO-3-PHOSPHOETHANOLAMINE
5 non-polymer HEXANE
6 non-polymer N-OCTANE
#
loop_
_entity_poly.entity_id
_entity_poly.type
_entity_poly.pdbx_seq_one_letter_code
_entity_poly.pdbx_strand_id
1 'polypeptide(L)'
;REWFLHRNSLIVLADVALFLALYHFLPFEHNVVLGISMLAFIAVLWLTEALHVTVTAILVPVMAVFFGIFETQAALNNFA
NSIIFLFLGGFALAAAMHHQGLDKVIADKVLAMAQGKMSVAVFMLFGVTALLSMWISNTATAAMMLPLVLGVLSKVDADK
QRSTYVFVLLGVAYSASIGGIATLVGSPPNAIAAAEVGLSFTDWMKFGLPTAMMMLPMAIAILYFLLKPTLNGMFELDRA
PVNWDKGKVVTLGIFGLTVFLWIFSSPINAALGGFKSFDTLVALGAILMLSFARVVHWKEIQKTADWGVLLLFGGGLCLS
NVLKQTGTSVFLANALSDMVSHMGIFVVILVVATFVVFLTEFASNTASAALLIPVFATVAEAFGMSPVLLSVLIAVAASC
AFMLPVATPPNAIVFASGHIKQSEMMRVGLYLNIACIGLLTAIAMLFWQ
;
A,B
2 'polypeptide(L)'
;MKKNIAFLLASMFVFSIATNAYAEISEVQLVESGGGLVQPGGSLRLSCAASGFTIYSSSIHWVRQAPGKGLEWVASIYSS
SGSTSYADSVKGRFTISADTSKNTAYLQMNSLRAEDTAVYYCARYNIHYWRWYNPAGQAMDYWGQGTLVTVFNQIKGGPS
VFPLAPSSKSTSGGTAALGCLVKDYFPEPVTVSWNSGALTSGVHTFPAVLQSSGLYSLSSVVTVPSSSLGTQTYICNVNH
KPSNTKVDKKVEPKSCDKTHT
;
C,E
3 'polypeptide(L)'
;MKKNIAFLLASMFVFSIATNAYASDIQMTQSPSSLSASVGDRVTITCRASQSVSSAVAWYQQKPGKAPKLLIYSASSLYS
GVPSRFSGSRSGTDFTLTISSLQPEDFATYYCQQRYGLLVTFGQGTKVEIKRTVAAPSVFIFPPSDSQLKSGTASVVCLL
NNFYPREAKVQWKVDNALQSGNSQESVTEQDSKDSTYSLSSTLTLSKADYEKHKVYACEVTHQGLSSPVTKSFNRGEC
;
F,D
#
loop_
_chem_comp.id
_chem_comp.type
_chem_comp.name
_chem_comp.formula
6PE non-polymer 1,2-DIHEXANOYL-SN-GLYCERO-3-PHOSPHOETHANOLAMINE 'C17 H33 N O8 P -1'
HEX non-polymer HEXANE 'C6 H14'
OCT non-polymer N-OCTANE 'C8 H18'
#
# COMPACT_ATOMS: atom_id res chain seq x y z
N LEU A 5 -19.21 19.55 36.44
CA LEU A 5 -19.08 20.74 37.27
C LEU A 5 -19.07 21.99 36.41
N HIS A 6 -17.99 22.17 35.65
CA HIS A 6 -17.88 23.28 34.72
C HIS A 6 -18.92 23.15 33.62
N ARG A 7 -19.08 24.21 32.83
CA ARG A 7 -20.05 24.16 31.73
C ARG A 7 -19.56 23.24 30.63
N ASN A 8 -18.40 23.53 30.06
CA ASN A 8 -17.89 22.72 28.97
C ASN A 8 -17.80 21.25 29.37
N SER A 9 -17.54 20.97 30.64
CA SER A 9 -17.53 19.59 31.09
C SER A 9 -18.90 18.95 30.96
N LEU A 10 -19.95 19.67 31.32
CA LEU A 10 -21.30 19.18 31.10
C LEU A 10 -21.57 18.99 29.62
N ILE A 11 -21.10 19.91 28.80
CA ILE A 11 -21.23 19.75 27.36
C ILE A 11 -20.63 18.43 26.92
N VAL A 12 -19.42 18.14 27.40
CA VAL A 12 -18.74 16.92 26.98
C VAL A 12 -19.51 15.69 27.45
N LEU A 13 -19.99 15.71 28.69
CA LEU A 13 -20.65 14.52 29.20
C LEU A 13 -21.99 14.30 28.52
N ALA A 14 -22.71 15.37 28.23
CA ALA A 14 -23.92 15.24 27.43
C ALA A 14 -23.59 14.74 26.03
N ASP A 15 -22.47 15.19 25.47
CA ASP A 15 -22.02 14.68 24.18
C ASP A 15 -21.79 13.19 24.23
N VAL A 16 -21.12 12.71 25.28
CA VAL A 16 -20.85 11.28 25.40
C VAL A 16 -22.16 10.52 25.53
N ALA A 17 -23.08 11.03 26.33
CA ALA A 17 -24.37 10.37 26.45
C ALA A 17 -25.08 10.31 25.11
N LEU A 18 -25.02 11.39 24.36
CA LEU A 18 -25.61 11.42 23.03
C LEU A 18 -24.97 10.40 22.12
N PHE A 19 -23.64 10.32 22.14
CA PHE A 19 -22.92 9.38 21.29
C PHE A 19 -23.28 7.95 21.64
N LEU A 20 -23.36 7.64 22.93
CA LEU A 20 -23.75 6.29 23.34
C LEU A 20 -25.18 5.99 22.90
N ALA A 21 -26.08 6.95 23.10
CA ALA A 21 -27.47 6.73 22.73
C ALA A 21 -27.61 6.51 21.24
N LEU A 22 -26.85 7.25 20.44
CA LEU A 22 -26.84 6.99 19.00
C LEU A 22 -26.30 5.61 18.71
N TYR A 23 -25.05 5.35 19.10
CA TYR A 23 -24.39 4.08 18.93
C TYR A 23 -25.28 2.89 19.26
N HIS A 24 -26.18 3.07 20.22
CA HIS A 24 -26.97 1.95 20.70
C HIS A 24 -28.37 1.90 20.10
N PHE A 25 -28.99 3.05 19.87
CA PHE A 25 -30.40 3.12 19.50
C PHE A 25 -30.63 3.43 18.03
N LEU A 26 -29.61 3.85 17.31
CA LEU A 26 -29.71 4.04 15.88
C LEU A 26 -29.64 2.69 15.18
N PRO A 27 -30.74 2.14 14.68
CA PRO A 27 -30.66 0.84 14.01
C PRO A 27 -30.22 0.96 12.57
N PHE A 28 -28.94 0.71 12.30
CA PHE A 28 -28.34 0.79 10.97
C PHE A 28 -27.32 -0.32 10.88
N GLU A 29 -26.47 -0.25 9.86
CA GLU A 29 -25.25 -1.04 9.88
C GLU A 29 -24.25 -0.43 10.85
N HIS A 30 -23.41 -1.26 11.43
CA HIS A 30 -22.55 -0.82 12.52
C HIS A 30 -21.69 0.36 12.12
N ASN A 31 -21.10 0.30 10.94
CA ASN A 31 -20.25 1.40 10.49
C ASN A 31 -21.03 2.68 10.20
N VAL A 32 -22.24 2.59 9.67
CA VAL A 32 -23.02 3.80 9.48
C VAL A 32 -23.28 4.46 10.83
N VAL A 33 -23.70 3.68 11.82
CA VAL A 33 -24.09 4.26 13.09
C VAL A 33 -22.87 4.77 13.83
N LEU A 34 -21.77 4.06 13.72
CA LEU A 34 -20.52 4.51 14.30
C LEU A 34 -20.08 5.84 13.73
N GLY A 35 -20.10 5.97 12.40
CA GLY A 35 -19.72 7.23 11.79
C GLY A 35 -20.67 8.34 12.14
N ILE A 36 -21.97 8.05 12.20
CA ILE A 36 -22.96 9.05 12.57
C ILE A 36 -22.68 9.55 13.98
N SER A 37 -22.44 8.62 14.91
CA SER A 37 -22.22 8.99 16.30
C SER A 37 -20.94 9.78 16.46
N MET A 38 -19.86 9.36 15.78
CA MET A 38 -18.62 10.12 15.82
C MET A 38 -18.83 11.51 15.25
N LEU A 39 -19.58 11.61 14.16
CA LEU A 39 -19.82 12.91 13.55
C LEU A 39 -20.57 13.83 14.49
N ALA A 40 -21.60 13.32 15.14
CA ALA A 40 -22.33 14.13 16.12
C ALA A 40 -21.42 14.57 17.25
N PHE A 41 -20.65 13.64 17.80
CA PHE A 41 -19.75 13.94 18.90
C PHE A 41 -18.75 15.02 18.51
N ILE A 42 -18.06 14.81 17.41
CA ILE A 42 -17.04 15.75 16.94
C ILE A 42 -17.66 17.09 16.61
N ALA A 43 -18.86 17.09 16.05
CA ALA A 43 -19.50 18.34 15.70
C ALA A 43 -19.82 19.15 16.95
N VAL A 44 -20.47 18.53 17.92
CA VAL A 44 -20.80 19.23 19.14
C VAL A 44 -19.54 19.73 19.83
N LEU A 45 -18.41 19.03 19.64
CA LEU A 45 -17.17 19.47 20.27
C LEU A 45 -16.46 20.56 19.47
N TRP A 46 -16.69 20.63 18.17
CA TRP A 46 -16.03 21.61 17.33
C TRP A 46 -16.82 22.90 17.15
N LEU A 47 -18.12 22.88 17.45
CA LEU A 47 -18.91 24.10 17.46
C LEU A 47 -18.81 24.79 18.81
N THR A 48 -19.18 24.07 19.88
CA THR A 48 -19.17 24.64 21.22
C THR A 48 -17.77 24.97 21.71
N GLU A 49 -16.75 24.37 21.13
CA GLU A 49 -15.38 24.58 21.56
C GLU A 49 -15.22 24.28 23.05
N ALA A 50 -15.92 23.25 23.50
CA ALA A 50 -15.72 22.76 24.86
C ALA A 50 -14.27 22.41 25.09
N LEU A 51 -13.79 21.39 24.40
CA LEU A 51 -12.38 21.05 24.34
C LEU A 51 -11.73 21.86 23.24
N HIS A 52 -10.50 22.27 23.48
CA HIS A 52 -9.75 22.97 22.44
C HIS A 52 -9.88 22.21 21.14
N VAL A 53 -10.26 22.94 20.12
CA VAL A 53 -10.50 22.44 18.78
C VAL A 53 -9.46 21.39 18.39
N THR A 54 -8.20 21.64 18.73
CA THR A 54 -7.15 20.70 18.38
C THR A 54 -7.19 19.43 19.21
N VAL A 55 -7.61 19.55 20.47
CA VAL A 55 -7.78 18.35 21.28
C VAL A 55 -8.81 17.43 20.64
N THR A 56 -9.89 18.00 20.12
CA THR A 56 -10.87 17.18 19.42
C THR A 56 -10.28 16.59 18.15
N ALA A 57 -9.47 17.35 17.43
CA ALA A 57 -8.79 16.79 16.28
C ALA A 57 -8.02 15.55 16.65
N ILE A 58 -7.29 15.62 17.76
CA ILE A 58 -6.54 14.49 18.26
C ILE A 58 -7.46 13.35 18.66
N LEU A 59 -8.64 13.69 19.17
CA LEU A 59 -9.58 12.68 19.63
C LEU A 59 -10.24 11.94 18.48
N VAL A 60 -10.25 12.52 17.29
CA VAL A 60 -10.87 11.88 16.14
C VAL A 60 -10.15 10.56 15.85
N PRO A 61 -8.84 10.55 15.65
CA PRO A 61 -8.16 9.27 15.44
C PRO A 61 -8.35 8.28 16.58
N VAL A 62 -8.31 8.75 17.82
CA VAL A 62 -8.40 7.85 18.95
C VAL A 62 -9.71 7.09 18.92
N MET A 63 -10.76 7.69 18.36
CA MET A 63 -12.02 7.00 18.18
C MET A 63 -12.12 6.34 16.82
N ALA A 64 -11.19 6.60 15.92
CA ALA A 64 -11.12 5.89 14.65
C ALA A 64 -10.25 4.65 14.74
N VAL A 65 -9.60 4.43 15.87
CA VAL A 65 -8.78 3.26 16.09
C VAL A 65 -9.43 2.33 17.12
N PHE A 66 -9.77 2.87 18.27
CA PHE A 66 -10.54 2.21 19.30
C PHE A 66 -11.88 1.69 18.81
N PHE A 67 -12.28 1.95 17.56
CA PHE A 67 -13.45 1.23 17.07
C PHE A 67 -13.11 0.47 15.78
N GLY A 68 -11.83 0.30 15.46
CA GLY A 68 -11.46 -0.61 14.40
C GLY A 68 -11.54 -0.07 12.99
N ILE A 69 -11.89 1.20 12.81
CA ILE A 69 -11.97 1.75 11.47
C ILE A 69 -10.61 1.78 10.81
N PHE A 70 -9.56 2.04 11.58
CA PHE A 70 -8.25 2.28 11.02
C PHE A 70 -7.18 1.68 11.90
N GLU A 71 -6.01 1.49 11.32
CA GLU A 71 -4.82 1.14 12.08
C GLU A 71 -4.15 2.43 12.52
N THR A 72 -3.61 2.39 13.74
CA THR A 72 -3.09 3.59 14.38
C THR A 72 -2.33 4.49 13.41
N GLN A 73 -1.34 3.94 12.72
CA GLN A 73 -0.52 4.78 11.85
C GLN A 73 -1.31 5.26 10.65
N ALA A 74 -2.22 4.43 10.13
CA ALA A 74 -3.04 4.88 9.02
C ALA A 74 -3.89 6.09 9.40
N ALA A 75 -4.13 6.28 10.69
CA ALA A 75 -4.84 7.45 11.19
C ALA A 75 -3.89 8.61 11.44
N LEU A 76 -2.79 8.34 12.13
CA LEU A 76 -1.82 9.38 12.44
C LEU A 76 -1.19 9.97 11.20
N ASN A 77 -1.15 9.25 10.08
CA ASN A 77 -0.59 9.81 8.87
C ASN A 77 -1.44 10.92 8.29
N ASN A 78 -2.66 11.10 8.79
CA ASN A 78 -3.44 12.26 8.37
C ASN A 78 -2.81 13.57 8.83
N PHE A 79 -1.95 13.54 9.85
CA PHE A 79 -1.34 14.74 10.37
C PHE A 79 -0.06 15.10 9.66
N ALA A 80 0.14 14.59 8.44
CA ALA A 80 1.33 14.87 7.66
C ALA A 80 1.00 15.19 6.21
N ASN A 81 -0.24 15.60 5.94
CA ASN A 81 -0.60 15.95 4.57
C ASN A 81 0.20 17.15 4.10
N SER A 82 0.57 17.14 2.83
CA SER A 82 1.51 18.13 2.34
C SER A 82 1.00 19.54 2.54
N ILE A 83 -0.32 19.72 2.68
CA ILE A 83 -0.88 21.03 2.95
C ILE A 83 -0.44 21.54 4.30
N ILE A 84 -0.29 20.64 5.28
CA ILE A 84 0.23 21.04 6.58
C ILE A 84 1.58 21.73 6.43
N PHE A 85 2.46 21.15 5.62
CA PHE A 85 3.79 21.73 5.46
C PHE A 85 3.75 22.96 4.58
N LEU A 86 2.77 23.06 3.68
CA LEU A 86 2.59 24.31 2.97
C LEU A 86 2.24 25.44 3.94
N PHE A 87 1.35 25.16 4.88
CA PHE A 87 1.02 26.16 5.90
C PHE A 87 2.17 26.41 6.85
N LEU A 88 3.00 25.39 7.12
CA LEU A 88 4.19 25.63 7.93
C LEU A 88 5.14 26.57 7.22
N GLY A 89 5.29 26.42 5.91
CA GLY A 89 6.09 27.36 5.14
C GLY A 89 5.48 28.75 5.17
N GLY A 90 4.16 28.82 5.11
CA GLY A 90 3.51 30.12 5.24
C GLY A 90 3.78 30.78 6.58
N PHE A 91 3.73 29.99 7.66
CA PHE A 91 4.07 30.51 8.99
C PHE A 91 5.52 30.95 9.05
N ALA A 92 6.40 30.20 8.41
CA ALA A 92 7.80 30.60 8.37
C ALA A 92 7.97 31.95 7.69
N LEU A 93 7.29 32.13 6.56
CA LEU A 93 7.38 33.41 5.86
C LEU A 93 6.79 34.54 6.69
N ALA A 94 5.67 34.29 7.35
CA ALA A 94 5.09 35.28 8.25
C ALA A 94 6.10 35.67 9.32
N ALA A 95 6.76 34.69 9.92
CA ALA A 95 7.73 34.97 10.97
C ALA A 95 8.92 35.73 10.42
N ALA A 96 9.32 35.42 9.20
CA ALA A 96 10.42 36.14 8.58
C ALA A 96 10.08 37.60 8.36
N MET A 97 8.94 37.87 7.75
CA MET A 97 8.56 39.24 7.44
C MET A 97 7.80 39.90 8.57
N HIS A 98 7.80 39.31 9.76
CA HIS A 98 7.46 40.00 10.99
C HIS A 98 8.68 40.29 11.85
N HIS A 99 9.46 39.26 12.19
CA HIS A 99 10.70 39.43 12.92
C HIS A 99 11.60 40.43 12.23
N GLN A 100 11.70 40.34 10.91
CA GLN A 100 12.54 41.22 10.11
C GLN A 100 11.84 42.54 9.81
N GLY A 101 10.66 42.78 10.37
CA GLY A 101 9.99 44.07 10.24
C GLY A 101 9.63 44.45 8.84
N LEU A 102 9.09 43.52 8.07
CA LEU A 102 8.75 43.75 6.68
C LEU A 102 7.31 44.20 6.52
N ASP A 103 6.40 43.58 7.25
CA ASP A 103 5.00 43.96 7.19
C ASP A 103 4.79 45.39 7.66
N LYS A 104 5.44 45.76 8.76
CA LYS A 104 5.32 47.10 9.30
C LYS A 104 5.85 48.13 8.31
N VAL A 105 7.01 47.85 7.70
CA VAL A 105 7.58 48.81 6.77
C VAL A 105 6.72 48.93 5.53
N ILE A 106 6.13 47.82 5.08
CA ILE A 106 5.20 47.88 3.97
C ILE A 106 4.06 48.83 4.31
N ALA A 107 3.45 48.64 5.48
CA ALA A 107 2.34 49.50 5.88
C ALA A 107 2.74 50.96 5.89
N ASP A 108 3.84 51.29 6.56
CA ASP A 108 4.30 52.68 6.60
C ASP A 108 4.63 53.24 5.23
N LYS A 109 5.13 52.41 4.32
CA LYS A 109 5.47 52.92 3.00
C LYS A 109 4.22 53.16 2.18
N VAL A 110 3.15 52.42 2.45
CA VAL A 110 1.87 52.67 1.79
C VAL A 110 1.23 53.94 2.33
N LEU A 111 1.08 54.04 3.65
CA LEU A 111 0.43 55.21 4.23
C LEU A 111 1.09 56.50 3.79
N ALA A 112 2.41 56.49 3.63
CA ALA A 112 3.12 57.72 3.28
C ALA A 112 2.75 58.20 1.89
N MET A 113 2.33 57.30 1.01
CA MET A 113 1.89 57.74 -0.32
C MET A 113 0.68 58.64 -0.21
N ALA A 114 -0.23 58.33 0.70
CA ALA A 114 -1.29 59.26 1.11
C ALA A 114 -0.63 60.30 2.01
N GLN A 115 -0.16 61.37 1.39
CA GLN A 115 0.68 62.34 2.09
C GLN A 115 0.13 62.63 3.49
N GLY A 116 -1.07 63.17 3.56
CA GLY A 116 -1.66 63.45 4.86
C GLY A 116 -3.16 63.30 4.91
N LYS A 117 -3.74 62.59 3.95
CA LYS A 117 -5.19 62.49 3.82
C LYS A 117 -5.67 61.16 4.40
N MET A 118 -6.48 61.23 5.45
CA MET A 118 -7.10 60.03 5.98
C MET A 118 -8.06 59.42 4.97
N SER A 119 -8.74 60.26 4.20
CA SER A 119 -9.81 59.77 3.31
C SER A 119 -9.30 58.71 2.36
N VAL A 120 -8.01 58.74 2.02
CA VAL A 120 -7.42 57.71 1.21
C VAL A 120 -6.56 56.75 2.04
N ALA A 121 -6.10 57.18 3.20
CA ALA A 121 -5.25 56.32 4.01
C ALA A 121 -6.03 55.18 4.64
N VAL A 122 -7.32 55.38 4.92
CA VAL A 122 -8.11 54.28 5.47
C VAL A 122 -8.30 53.19 4.42
N PHE A 123 -8.53 53.58 3.18
CA PHE A 123 -8.62 52.58 2.12
C PHE A 123 -7.28 51.94 1.85
N MET A 124 -6.20 52.71 2.01
CA MET A 124 -4.87 52.12 1.98
C MET A 124 -4.72 51.07 3.07
N LEU A 125 -5.24 51.35 4.26
CA LEU A 125 -5.17 50.39 5.36
C LEU A 125 -5.93 49.12 5.02
N PHE A 126 -7.11 49.25 4.43
CA PHE A 126 -7.88 48.07 4.06
C PHE A 126 -7.14 47.24 3.01
N GLY A 127 -6.61 47.91 1.98
CA GLY A 127 -5.86 47.19 0.97
C GLY A 127 -4.65 46.50 1.54
N VAL A 128 -3.90 47.20 2.39
CA VAL A 128 -2.71 46.63 2.99
C VAL A 128 -3.08 45.43 3.86
N THR A 129 -4.12 45.57 4.66
CA THR A 129 -4.50 44.50 5.57
C THR A 129 -4.93 43.26 4.80
N ALA A 130 -5.64 43.44 3.70
CA ALA A 130 -6.02 42.29 2.90
C ALA A 130 -4.88 41.81 2.01
N LEU A 131 -3.82 42.59 1.88
CA LEU A 131 -2.64 42.18 1.15
C LEU A 131 -1.67 41.41 2.03
N LEU A 132 -1.72 41.62 3.33
CA LEU A 132 -0.88 40.88 4.27
C LEU A 132 -1.59 39.67 4.84
N SER A 133 -2.90 39.75 5.04
CA SER A 133 -3.63 38.63 5.60
C SER A 133 -3.59 37.43 4.68
N MET A 134 -3.21 37.62 3.42
CA MET A 134 -3.02 36.50 2.52
C MET A 134 -2.01 35.53 3.08
N TRP A 135 -0.87 36.07 3.54
CA TRP A 135 0.28 35.30 3.96
C TRP A 135 0.41 35.20 5.47
N ILE A 136 0.31 36.32 6.16
CA ILE A 136 0.77 36.38 7.54
C ILE A 136 -0.21 35.65 8.44
N SER A 137 -1.38 36.22 8.61
CA SER A 137 -2.45 35.61 9.38
C SER A 137 -3.62 36.59 9.40
N ASN A 138 -4.73 36.18 10.00
CA ASN A 138 -5.87 37.06 10.15
C ASN A 138 -5.84 37.79 11.49
N THR A 139 -5.49 37.08 12.55
CA THR A 139 -5.39 37.71 13.86
C THR A 139 -4.18 38.61 13.96
N ALA A 140 -3.02 38.11 13.55
CA ALA A 140 -1.78 38.83 13.78
C ALA A 140 -1.77 40.16 13.07
N THR A 141 -2.21 40.19 11.83
CA THR A 141 -2.16 41.44 11.07
C THR A 141 -3.18 42.44 11.58
N ALA A 142 -4.33 41.97 12.06
CA ALA A 142 -5.28 42.87 12.67
C ALA A 142 -4.71 43.49 13.94
N ALA A 143 -4.05 42.68 14.76
CA ALA A 143 -3.41 43.22 15.96
C ALA A 143 -2.33 44.22 15.59
N MET A 144 -1.56 43.91 14.55
CA MET A 144 -0.51 44.82 14.12
C MET A 144 -1.08 46.13 13.61
N MET A 145 -2.24 46.07 12.95
CA MET A 145 -2.80 47.24 12.29
C MET A 145 -3.62 48.12 13.21
N LEU A 146 -4.27 47.55 14.21
CA LEU A 146 -5.09 48.35 15.11
C LEU A 146 -4.31 49.55 15.65
N PRO A 147 -3.08 49.41 16.13
CA PRO A 147 -2.31 50.59 16.53
C PRO A 147 -2.14 51.61 15.43
N LEU A 148 -1.89 51.16 14.21
CA LEU A 148 -1.79 52.09 13.10
C LEU A 148 -3.09 52.84 12.91
N VAL A 149 -4.22 52.14 13.01
CA VAL A 149 -5.51 52.81 12.84
C VAL A 149 -5.69 53.86 13.91
N LEU A 150 -5.41 53.51 15.18
CA LEU A 150 -5.58 54.49 16.24
C LEU A 150 -4.67 55.70 16.01
N GLY A 151 -3.45 55.47 15.53
CA GLY A 151 -2.60 56.57 15.18
C GLY A 151 -3.20 57.43 14.08
N VAL A 152 -3.92 56.81 13.14
CA VAL A 152 -4.63 57.56 12.12
C VAL A 152 -5.73 58.40 12.74
N LEU A 153 -6.37 57.86 13.79
CA LEU A 153 -7.59 58.44 14.34
C LEU A 153 -7.38 59.05 15.71
N SER A 154 -6.14 59.35 16.10
CA SER A 154 -5.92 60.07 17.34
C SER A 154 -6.34 61.52 17.21
N LYS A 155 -6.41 62.05 16.00
CA LYS A 155 -6.84 63.42 15.79
C LYS A 155 -8.32 63.60 16.05
N VAL A 156 -9.14 62.69 15.52
CA VAL A 156 -10.58 62.84 15.52
C VAL A 156 -11.17 62.40 16.85
N ASP A 157 -12.43 62.74 17.09
CA ASP A 157 -13.08 62.46 18.36
C ASP A 157 -13.57 61.03 18.42
N ALA A 158 -13.73 60.53 19.65
CA ALA A 158 -14.13 59.15 19.88
C ALA A 158 -15.58 58.97 20.28
N ASP A 159 -16.24 60.03 20.78
CA ASP A 159 -17.64 59.97 21.13
C ASP A 159 -18.54 60.76 20.20
N LYS A 160 -18.03 61.85 19.62
CA LYS A 160 -18.87 62.68 18.76
C LYS A 160 -19.00 62.08 17.38
N GLN A 161 -17.88 61.98 16.65
CA GLN A 161 -17.84 61.25 15.38
C GLN A 161 -17.18 59.90 15.64
N ARG A 162 -17.95 58.99 16.21
CA ARG A 162 -17.49 57.64 16.47
C ARG A 162 -17.67 56.72 15.28
N SER A 163 -18.60 57.05 14.38
CA SER A 163 -18.81 56.22 13.21
C SER A 163 -17.54 56.06 12.40
N THR A 164 -16.65 57.04 12.45
CA THR A 164 -15.37 56.92 11.75
C THR A 164 -14.51 55.82 12.36
N TYR A 165 -14.46 55.73 13.68
CA TYR A 165 -13.72 54.65 14.31
C TYR A 165 -14.30 53.30 13.94
N VAL A 166 -15.63 53.19 13.99
CA VAL A 166 -16.26 51.93 13.65
C VAL A 166 -15.92 51.55 12.22
N PHE A 167 -16.03 52.51 11.31
CA PHE A 167 -15.69 52.24 9.92
C PHE A 167 -14.26 51.75 9.79
N VAL A 168 -13.30 52.50 10.35
CA VAL A 168 -11.90 52.14 10.16
C VAL A 168 -11.62 50.75 10.71
N LEU A 169 -12.03 50.50 11.96
CA LEU A 169 -11.67 49.25 12.61
C LEU A 169 -12.39 48.07 11.98
N LEU A 170 -13.69 48.20 11.73
CA LEU A 170 -14.42 47.10 11.12
C LEU A 170 -13.89 46.81 9.73
N GLY A 171 -13.61 47.84 8.95
CA GLY A 171 -13.02 47.61 7.66
C GLY A 171 -11.70 46.87 7.76
N VAL A 172 -10.89 47.20 8.76
CA VAL A 172 -9.63 46.51 8.94
C VAL A 172 -9.85 45.03 9.22
N ALA A 173 -10.73 44.72 10.17
CA ALA A 173 -10.92 43.33 10.57
C ALA A 173 -11.60 42.52 9.48
N TYR A 174 -12.65 43.08 8.89
CA TYR A 174 -13.27 42.54 7.70
C TYR A 174 -12.25 42.28 6.60
N SER A 175 -11.32 43.21 6.39
CA SER A 175 -10.33 43.05 5.34
C SER A 175 -9.39 41.91 5.66
N ALA A 176 -9.03 41.75 6.94
CA ALA A 176 -8.22 40.61 7.31
C ALA A 176 -8.94 39.31 7.04
N SER A 177 -10.17 39.18 7.54
CA SER A 177 -10.94 37.97 7.34
C SER A 177 -11.20 37.70 5.88
N ILE A 178 -11.16 38.74 5.05
CA ILE A 178 -11.38 38.58 3.62
C ILE A 178 -10.10 38.18 2.92
N GLY A 179 -9.09 39.03 2.96
CA GLY A 179 -7.80 38.69 2.43
C GLY A 179 -7.34 37.29 2.80
N GLY A 180 -7.84 36.76 3.91
CA GLY A 180 -7.59 35.36 4.20
C GLY A 180 -8.17 34.43 3.16
N ILE A 181 -9.06 34.94 2.32
CA ILE A 181 -9.75 34.15 1.32
C ILE A 181 -8.97 34.05 0.02
N ALA A 182 -7.82 34.72 -0.07
CA ALA A 182 -7.15 34.93 -1.34
C ALA A 182 -5.96 34.00 -1.56
N THR A 183 -5.62 33.19 -0.58
CA THR A 183 -4.48 32.28 -0.70
C THR A 183 -4.70 31.09 0.23
N LEU A 184 -4.18 29.94 -0.19
CA LEU A 184 -4.22 28.78 0.70
C LEU A 184 -3.74 29.19 2.08
N VAL A 185 -2.48 29.61 2.17
CA VAL A 185 -2.04 30.32 3.35
C VAL A 185 -2.86 31.60 3.48
N GLY A 186 -3.07 32.02 4.71
CA GLY A 186 -3.92 33.16 4.96
C GLY A 186 -5.03 32.84 5.93
N SER A 187 -5.61 31.65 5.78
CA SER A 187 -6.63 31.18 6.69
C SER A 187 -6.62 29.67 6.61
N PRO A 188 -6.82 28.97 7.72
CA PRO A 188 -6.76 27.51 7.71
C PRO A 188 -7.83 26.89 6.82
N PRO A 189 -9.06 27.38 6.84
CA PRO A 189 -10.13 26.71 6.09
C PRO A 189 -9.78 26.51 4.63
N ASN A 190 -9.07 27.47 4.04
CA ASN A 190 -8.44 27.26 2.76
C ASN A 190 -7.74 25.91 2.69
N ALA A 191 -6.85 25.64 3.65
CA ALA A 191 -6.08 24.41 3.60
C ALA A 191 -6.93 23.19 3.88
N ILE A 192 -7.90 23.31 4.78
CA ILE A 192 -8.78 22.18 5.05
C ILE A 192 -9.47 21.76 3.77
N ALA A 193 -10.03 22.73 3.06
CA ALA A 193 -10.65 22.44 1.78
C ALA A 193 -9.68 21.79 0.82
N ALA A 194 -8.52 22.43 0.63
CA ALA A 194 -7.56 21.95 -0.36
C ALA A 194 -7.15 20.51 -0.06
N ALA A 195 -6.83 20.23 1.19
CA ALA A 195 -6.45 18.88 1.57
C ALA A 195 -7.58 17.90 1.36
N GLU A 196 -8.82 18.32 1.63
CA GLU A 196 -9.93 17.40 1.47
C GLU A 196 -10.27 17.15 0.01
N VAL A 197 -9.87 18.03 -0.91
CA VAL A 197 -10.17 17.82 -2.32
C VAL A 197 -8.93 17.98 -3.18
N GLY A 198 -7.76 17.98 -2.57
CA GLY A 198 -6.53 17.98 -3.33
C GLY A 198 -6.36 19.16 -4.27
N LEU A 199 -6.13 20.33 -3.72
CA LEU A 199 -5.96 21.54 -4.49
C LEU A 199 -4.55 22.08 -4.33
N SER A 200 -4.08 22.74 -5.38
CA SER A 200 -2.79 23.39 -5.38
C SER A 200 -2.95 24.80 -4.82
N PHE A 201 -1.90 25.60 -4.95
CA PHE A 201 -1.98 27.02 -4.60
C PHE A 201 -2.77 27.79 -5.63
N THR A 202 -2.30 27.80 -6.88
CA THR A 202 -2.93 28.56 -7.94
C THR A 202 -4.19 27.91 -8.47
N ASP A 203 -4.50 26.68 -8.05
CA ASP A 203 -5.78 26.07 -8.33
C ASP A 203 -6.80 26.36 -7.25
N TRP A 204 -6.40 27.10 -6.21
CA TRP A 204 -7.31 27.65 -5.22
C TRP A 204 -7.39 29.17 -5.29
N MET A 205 -6.31 29.82 -5.71
CA MET A 205 -6.36 31.25 -5.93
C MET A 205 -7.44 31.62 -6.93
N LYS A 206 -7.68 30.75 -7.91
CA LYS A 206 -8.69 31.02 -8.92
C LYS A 206 -10.05 31.25 -8.29
N PHE A 207 -10.33 30.58 -7.17
CA PHE A 207 -11.56 30.81 -6.42
C PHE A 207 -11.42 31.88 -5.38
N GLY A 208 -10.22 32.08 -4.86
CA GLY A 208 -10.05 32.98 -3.74
C GLY A 208 -9.88 34.43 -4.11
N LEU A 209 -8.87 34.72 -4.95
CA LEU A 209 -8.55 36.10 -5.22
C LEU A 209 -9.71 36.85 -5.85
N PRO A 210 -10.37 36.36 -6.90
CA PRO A 210 -11.52 37.10 -7.42
C PRO A 210 -12.59 37.32 -6.37
N THR A 211 -12.86 36.31 -5.56
CA THR A 211 -13.84 36.45 -4.50
C THR A 211 -13.43 37.56 -3.53
N ALA A 212 -12.16 37.58 -3.13
CA ALA A 212 -11.71 38.59 -2.18
C ALA A 212 -11.78 39.98 -2.77
N MET A 213 -11.36 40.15 -4.03
CA MET A 213 -11.42 41.47 -4.66
C MET A 213 -12.85 41.90 -4.96
N MET A 214 -13.79 40.96 -5.07
CA MET A 214 -15.18 41.33 -5.28
C MET A 214 -15.95 41.48 -3.98
N MET A 215 -15.41 41.00 -2.86
CA MET A 215 -16.09 41.07 -1.58
C MET A 215 -15.53 42.14 -0.66
N LEU A 216 -14.26 42.51 -0.83
CA LEU A 216 -13.70 43.56 0.00
C LEU A 216 -14.29 44.91 -0.35
N PRO A 217 -14.25 45.37 -1.60
CA PRO A 217 -14.90 46.65 -1.91
C PRO A 217 -16.36 46.64 -1.56
N MET A 218 -17.02 45.50 -1.72
CA MET A 218 -18.41 45.40 -1.28
C MET A 218 -18.53 45.77 0.19
N ALA A 219 -17.75 45.13 1.04
CA ALA A 219 -17.86 45.38 2.47
C ALA A 219 -17.53 46.82 2.80
N ILE A 220 -16.49 47.38 2.19
CA ILE A 220 -16.15 48.76 2.43
C ILE A 220 -17.31 49.67 2.04
N ALA A 221 -17.99 49.35 0.94
CA ALA A 221 -19.13 50.15 0.51
C ALA A 221 -20.25 50.09 1.54
N ILE A 222 -20.55 48.88 2.02
CA ILE A 222 -21.65 48.74 2.94
C ILE A 222 -21.34 49.41 4.27
N LEU A 223 -20.07 49.44 4.67
CA LEU A 223 -19.70 50.21 5.84
C LEU A 223 -19.86 51.70 5.60
N TYR A 224 -19.34 52.19 4.47
CA TYR A 224 -19.46 53.60 4.16
C TYR A 224 -20.90 54.05 4.02
N PHE A 225 -21.83 53.15 3.73
CA PHE A 225 -23.20 53.62 3.55
C PHE A 225 -24.07 53.39 4.78
N LEU A 226 -23.84 52.33 5.55
CA LEU A 226 -24.58 52.17 6.79
C LEU A 226 -24.11 53.14 7.84
N LEU A 227 -22.87 53.57 7.74
CA LEU A 227 -22.26 54.54 8.64
C LEU A 227 -21.87 55.75 7.82
N LYS A 228 -22.14 56.94 8.35
CA LYS A 228 -21.91 58.17 7.62
C LYS A 228 -20.73 58.90 8.23
N PRO A 229 -19.51 58.40 8.03
CA PRO A 229 -18.36 58.98 8.72
C PRO A 229 -17.98 60.38 8.27
N THR A 230 -16.91 60.89 8.89
CA THR A 230 -16.38 62.23 8.65
C THR A 230 -14.90 62.11 8.28
N LEU A 231 -14.61 61.28 7.30
CA LEU A 231 -13.25 60.86 6.99
C LEU A 231 -12.36 62.01 6.51
N ASN A 232 -12.92 63.20 6.32
CA ASN A 232 -12.10 64.33 5.95
C ASN A 232 -11.24 64.76 7.13
N GLY A 233 -9.96 64.98 6.88
CA GLY A 233 -9.06 65.38 7.94
C GLY A 233 -7.63 65.33 7.48
N MET A 234 -6.73 65.49 8.44
CA MET A 234 -5.30 65.48 8.20
C MET A 234 -4.69 64.38 9.06
N PHE A 235 -3.41 64.10 8.79
CA PHE A 235 -2.80 62.84 9.14
C PHE A 235 -1.47 63.11 9.85
N GLU A 236 -1.41 62.79 11.14
CA GLU A 236 -0.18 62.95 11.93
C GLU A 236 0.09 61.62 12.62
N LEU A 237 1.09 60.90 12.12
CA LEU A 237 1.52 59.63 12.69
C LEU A 237 2.84 59.83 13.42
N ASP A 238 2.90 59.39 14.67
CA ASP A 238 4.03 59.64 15.56
C ASP A 238 4.74 58.32 15.83
N ARG A 239 5.76 58.03 15.03
CA ARG A 239 6.65 56.90 15.28
C ARG A 239 7.86 57.06 14.40
N ALA A 240 9.01 56.61 14.90
CA ALA A 240 10.24 56.66 14.15
C ALA A 240 10.05 55.98 12.80
N PRO A 241 10.03 56.71 11.69
CA PRO A 241 9.81 56.07 10.39
C PRO A 241 10.78 54.92 10.14
N VAL A 242 10.46 54.12 9.14
CA VAL A 242 11.18 52.89 8.84
C VAL A 242 11.80 53.02 7.46
N ASN A 243 12.73 52.11 7.16
CA ASN A 243 13.40 52.13 5.87
C ASN A 243 13.95 50.76 5.55
N TRP A 244 14.17 50.53 4.27
CA TRP A 244 14.71 49.26 3.79
C TRP A 244 16.12 49.04 4.32
N ASP A 245 16.40 47.81 4.73
CA ASP A 245 17.73 47.42 5.19
C ASP A 245 17.98 45.99 4.78
N LYS A 246 19.26 45.65 4.61
CA LYS A 246 19.60 44.31 4.20
C LYS A 246 19.08 43.32 5.22
N GLY A 247 18.52 42.21 4.73
CA GLY A 247 17.73 41.30 5.52
C GLY A 247 16.24 41.43 5.26
N LYS A 248 15.81 42.61 4.84
CA LYS A 248 14.44 42.79 4.38
C LYS A 248 14.31 42.59 2.88
N VAL A 249 15.26 43.10 2.11
CA VAL A 249 15.22 42.86 0.67
C VAL A 249 15.49 41.41 0.38
N VAL A 250 16.35 40.77 1.17
CA VAL A 250 16.57 39.34 1.03
C VAL A 250 15.28 38.58 1.29
N THR A 251 14.56 38.97 2.35
CA THR A 251 13.31 38.31 2.66
C THR A 251 12.29 38.55 1.57
N LEU A 252 12.29 39.74 0.97
CA LEU A 252 11.40 40.02 -0.13
C LEU A 252 11.73 39.16 -1.34
N GLY A 253 13.01 39.03 -1.66
CA GLY A 253 13.39 38.16 -2.75
C GLY A 253 12.94 36.75 -2.52
N ILE A 254 13.15 36.23 -1.31
CA ILE A 254 12.74 34.87 -1.00
C ILE A 254 11.23 34.72 -1.09
N PHE A 255 10.50 35.69 -0.55
CA PHE A 255 9.05 35.64 -0.56
C PHE A 255 8.51 35.71 -1.99
N GLY A 256 9.05 36.61 -2.79
CA GLY A 256 8.60 36.72 -4.17
C GLY A 256 8.93 35.49 -4.98
N LEU A 257 10.12 34.93 -4.76
CA LEU A 257 10.49 33.70 -5.45
C LEU A 257 9.59 32.56 -5.03
N THR A 258 9.25 32.49 -3.75
CA THR A 258 8.39 31.43 -3.27
C THR A 258 7.00 31.54 -3.87
N VAL A 259 6.45 32.76 -3.88
CA VAL A 259 5.16 32.99 -4.49
C VAL A 259 5.20 32.67 -5.98
N PHE A 260 6.31 33.00 -6.64
CA PHE A 260 6.45 32.72 -8.06
C PHE A 260 6.43 31.23 -8.32
N LEU A 261 7.16 30.45 -7.54
CA LEU A 261 7.11 29.00 -7.67
C LEU A 261 5.72 28.48 -7.38
N TRP A 262 5.03 29.10 -6.43
CA TRP A 262 3.68 28.66 -6.06
C TRP A 262 2.71 28.89 -7.19
N ILE A 263 2.82 30.03 -7.87
CA ILE A 263 1.87 30.36 -8.93
C ILE A 263 2.17 29.55 -10.18
N PHE A 264 3.34 29.76 -10.77
CA PHE A 264 3.82 28.90 -11.84
C PHE A 264 4.47 27.65 -11.23
N SER A 265 3.61 26.78 -10.72
CA SER A 265 4.07 25.54 -10.12
C SER A 265 3.84 24.33 -11.02
N SER A 266 2.90 24.39 -11.95
CA SER A 266 2.68 23.28 -12.86
C SER A 266 3.69 23.33 -14.00
N PRO A 267 3.87 24.49 -14.66
CA PRO A 267 4.88 24.57 -15.72
C PRO A 267 6.28 24.25 -15.21
N ILE A 268 6.61 24.71 -14.03
CA ILE A 268 7.92 24.45 -13.45
C ILE A 268 8.05 22.99 -13.08
N ASN A 269 7.00 22.44 -12.45
CA ASN A 269 7.07 21.05 -12.02
C ASN A 269 7.26 20.13 -13.20
N ALA A 270 6.50 20.36 -14.28
CA ALA A 270 6.67 19.56 -15.49
C ALA A 270 8.09 19.68 -16.02
N ALA A 271 8.67 20.86 -15.91
CA ALA A 271 10.04 21.10 -16.35
C ALA A 271 11.08 20.65 -15.34
N LEU A 272 10.66 20.00 -14.26
CA LEU A 272 11.57 19.48 -13.26
C LEU A 272 11.50 17.98 -13.08
N GLY A 273 10.35 17.37 -13.38
CA GLY A 273 10.22 15.93 -13.27
C GLY A 273 8.86 15.50 -12.76
N GLY A 274 8.02 16.48 -12.44
CA GLY A 274 6.64 16.18 -12.13
C GLY A 274 6.39 15.67 -10.73
N PHE A 275 6.61 16.48 -9.68
CA PHE A 275 6.47 15.89 -8.36
C PHE A 275 5.13 16.32 -7.78
N LYS A 276 4.63 15.51 -6.85
CA LYS A 276 3.20 15.50 -6.57
C LYS A 276 2.73 16.81 -5.94
N SER A 277 3.45 17.30 -4.93
CA SER A 277 2.97 18.41 -4.13
C SER A 277 4.00 19.53 -4.16
N PHE A 278 4.41 19.91 -5.37
CA PHE A 278 5.57 20.77 -5.53
C PHE A 278 5.39 22.11 -4.84
N ASP A 279 4.15 22.52 -4.56
CA ASP A 279 3.96 23.73 -3.79
C ASP A 279 4.46 23.56 -2.36
N THR A 280 4.23 22.38 -1.79
CA THR A 280 4.72 22.09 -0.45
C THR A 280 6.24 22.02 -0.42
N LEU A 281 6.84 21.45 -1.46
CA LEU A 281 8.29 21.43 -1.56
C LEU A 281 8.84 22.83 -1.75
N VAL A 282 8.07 23.70 -2.41
CA VAL A 282 8.41 25.11 -2.45
C VAL A 282 8.39 25.72 -1.06
N ALA A 283 7.38 25.37 -0.27
CA ALA A 283 7.28 25.90 1.09
C ALA A 283 8.49 25.50 1.92
N LEU A 284 8.82 24.21 1.90
CA LEU A 284 9.99 23.74 2.61
C LEU A 284 11.25 24.43 2.10
N GLY A 285 11.36 24.59 0.79
CA GLY A 285 12.49 25.31 0.23
C GLY A 285 12.55 26.74 0.72
N ALA A 286 11.39 27.35 0.95
CA ALA A 286 11.38 28.70 1.51
C ALA A 286 11.94 28.69 2.92
N ILE A 287 11.53 27.72 3.72
CA ILE A 287 12.12 27.58 5.06
C ILE A 287 13.63 27.47 4.97
N LEU A 288 14.13 26.64 4.04
CA LEU A 288 15.56 26.42 3.96
C LEU A 288 16.29 27.64 3.44
N MET A 289 15.72 28.34 2.46
CA MET A 289 16.33 29.56 1.97
C MET A 289 16.42 30.59 3.08
N LEU A 290 15.35 30.72 3.87
CA LEU A 290 15.35 31.68 4.95
C LEU A 290 16.41 31.33 5.98
N SER A 291 16.43 30.08 6.42
CA SER A 291 17.38 29.68 7.46
C SER A 291 18.81 29.80 6.98
N PHE A 292 19.10 29.39 5.76
CA PHE A 292 20.44 29.55 5.19
C PHE A 292 20.79 31.01 4.92
N ALA A 293 19.79 31.88 4.82
CA ALA A 293 20.02 33.31 4.68
C ALA A 293 19.94 34.05 6.00
N ARG A 294 19.49 33.38 7.06
CA ARG A 294 19.60 33.85 8.43
C ARG A 294 18.65 34.98 8.78
N VAL A 295 17.65 35.24 7.94
CA VAL A 295 16.67 36.26 8.24
C VAL A 295 15.79 35.84 9.40
N VAL A 296 15.48 34.55 9.48
CA VAL A 296 14.71 34.00 10.58
C VAL A 296 15.45 32.83 11.21
N HIS A 297 15.15 32.56 12.46
CA HIS A 297 15.67 31.43 13.20
C HIS A 297 14.51 30.57 13.66
N TRP A 298 14.67 29.25 13.56
CA TRP A 298 13.55 28.34 13.78
C TRP A 298 12.82 28.60 15.09
N LYS A 299 13.46 29.28 16.03
CA LYS A 299 12.79 29.58 17.29
C LYS A 299 11.58 30.47 17.03
N GLU A 300 11.73 31.42 16.12
CA GLU A 300 10.62 32.26 15.71
C GLU A 300 9.53 31.44 15.04
N ILE A 301 9.92 30.54 14.14
CA ILE A 301 8.96 29.73 13.42
C ILE A 301 8.22 28.78 14.33
N GLN A 302 8.77 28.50 15.50
CA GLN A 302 8.11 27.63 16.45
C GLN A 302 7.29 28.40 17.47
N LYS A 303 7.68 29.65 17.73
CA LYS A 303 6.93 30.53 18.63
C LYS A 303 5.74 31.17 17.92
N THR A 304 5.79 31.22 16.60
CA THR A 304 4.77 31.89 15.79
C THR A 304 3.71 30.93 15.28
N ALA A 305 4.13 29.90 14.55
CA ALA A 305 3.19 28.96 13.96
C ALA A 305 2.23 28.43 15.01
N ASP A 306 1.04 28.03 14.54
CA ASP A 306 -0.02 27.52 15.38
C ASP A 306 -0.17 26.05 15.03
N TRP A 307 0.62 25.22 15.69
CA TRP A 307 0.61 23.79 15.42
C TRP A 307 -0.72 23.15 15.77
N GLY A 308 -1.53 23.82 16.57
CA GLY A 308 -2.88 23.34 16.80
C GLY A 308 -3.67 23.25 15.50
N VAL A 309 -3.51 24.25 14.64
CA VAL A 309 -4.14 24.22 13.33
C VAL A 309 -3.60 23.07 12.50
N LEU A 310 -2.30 22.83 12.58
CA LEU A 310 -1.68 21.78 11.79
C LEU A 310 -2.08 20.40 12.26
N LEU A 311 -2.50 20.26 13.50
CA LEU A 311 -3.08 19.01 13.95
C LEU A 311 -4.55 18.95 13.62
N LEU A 312 -5.21 20.10 13.54
CA LEU A 312 -6.60 20.16 13.14
C LEU A 312 -6.79 19.70 11.71
N PHE A 313 -5.88 20.08 10.83
CA PHE A 313 -5.98 19.62 9.46
C PHE A 313 -6.05 18.11 9.42
N GLY A 314 -5.15 17.47 10.16
CA GLY A 314 -5.14 16.02 10.20
C GLY A 314 -6.38 15.44 10.83
N GLY A 315 -6.89 16.08 11.88
CA GLY A 315 -8.10 15.58 12.51
C GLY A 315 -9.29 15.63 11.59
N GLY A 316 -9.46 16.75 10.89
CA GLY A 316 -10.54 16.87 9.93
C GLY A 316 -10.38 15.90 8.78
N LEU A 317 -9.15 15.70 8.31
CA LEU A 317 -8.91 14.72 7.26
C LEU A 317 -9.27 13.32 7.73
N CYS A 318 -8.94 12.99 8.98
CA CYS A 318 -9.31 11.68 9.49
C CYS A 318 -10.82 11.55 9.57
N LEU A 319 -11.51 12.61 9.98
CA LEU A 319 -12.98 12.54 9.98
C LEU A 319 -13.52 12.31 8.59
N SER A 320 -12.92 12.97 7.60
CA SER A 320 -13.32 12.75 6.22
C SER A 320 -13.11 11.29 5.84
N ASN A 321 -11.97 10.73 6.22
CA ASN A 321 -11.64 9.37 5.86
C ASN A 321 -12.54 8.38 6.59
N VAL A 322 -13.00 8.74 7.79
CA VAL A 322 -13.97 7.92 8.51
C VAL A 322 -15.31 7.92 7.81
N LEU A 323 -15.81 9.11 7.46
CA LEU A 323 -17.08 9.17 6.76
C LEU A 323 -16.99 8.50 5.40
N LYS A 324 -15.79 8.43 4.84
CA LYS A 324 -15.57 7.68 3.62
C LYS A 324 -15.69 6.18 3.89
N GLN A 325 -14.81 5.66 4.76
CA GLN A 325 -14.74 4.22 5.00
C GLN A 325 -16.08 3.66 5.43
N THR A 326 -16.67 4.24 6.47
CA THR A 326 -17.93 3.71 6.99
C THR A 326 -19.08 3.86 6.02
N GLY A 327 -18.88 4.53 4.90
CA GLY A 327 -19.98 4.78 4.01
C GLY A 327 -21.09 5.58 4.61
N THR A 328 -20.81 6.30 5.70
CA THR A 328 -21.82 7.17 6.28
C THR A 328 -22.28 8.22 5.29
N SER A 329 -21.33 8.82 4.57
CA SER A 329 -21.66 9.87 3.63
C SER A 329 -22.64 9.36 2.58
N VAL A 330 -22.41 8.15 2.08
CA VAL A 330 -23.32 7.56 1.12
C VAL A 330 -24.67 7.26 1.75
N PHE A 331 -24.68 6.84 3.01
CA PHE A 331 -25.95 6.60 3.68
C PHE A 331 -26.78 7.88 3.71
N LEU A 332 -26.15 8.99 4.06
CA LEU A 332 -26.85 10.27 4.05
C LEU A 332 -27.29 10.61 2.64
N ALA A 333 -26.37 10.59 1.69
CA ALA A 333 -26.69 10.93 0.31
C ALA A 333 -27.91 10.16 -0.19
N ASN A 334 -27.98 8.88 0.14
CA ASN A 334 -29.17 8.10 -0.21
C ASN A 334 -30.39 8.54 0.59
N ALA A 335 -30.18 9.01 1.82
CA ALA A 335 -31.29 9.47 2.62
C ALA A 335 -31.81 10.83 2.17
N LEU A 336 -30.93 11.69 1.68
CA LEU A 336 -31.29 13.02 1.21
C LEU A 336 -31.47 13.08 -0.29
N SER A 337 -31.56 11.94 -0.96
CA SER A 337 -31.60 11.95 -2.42
C SER A 337 -32.81 12.72 -2.94
N ASP A 338 -33.98 12.49 -2.37
CA ASP A 338 -35.17 13.13 -2.91
C ASP A 338 -35.13 14.65 -2.72
N MET A 339 -34.78 15.10 -1.52
CA MET A 339 -34.78 16.53 -1.26
C MET A 339 -33.80 17.25 -2.17
N VAL A 340 -32.59 16.70 -2.34
CA VAL A 340 -31.62 17.34 -3.23
C VAL A 340 -31.96 17.11 -4.69
N SER A 341 -32.78 16.12 -5.00
CA SER A 341 -33.27 15.97 -6.37
C SER A 341 -34.19 17.13 -6.72
N HIS A 342 -35.15 17.43 -5.84
CA HIS A 342 -36.02 18.56 -6.08
C HIS A 342 -35.24 19.87 -6.06
N MET A 343 -34.41 20.05 -5.04
CA MET A 343 -33.56 21.23 -4.97
C MET A 343 -32.49 21.17 -6.05
N GLY A 344 -32.29 22.27 -6.73
CA GLY A 344 -31.32 22.30 -7.80
C GLY A 344 -29.93 22.33 -7.23
N ILE A 345 -29.04 23.06 -7.88
CA ILE A 345 -27.72 23.34 -7.34
C ILE A 345 -27.68 24.73 -6.72
N PHE A 346 -28.27 25.73 -7.41
CA PHE A 346 -28.33 27.07 -6.87
C PHE A 346 -28.86 27.06 -5.45
N VAL A 347 -29.92 26.31 -5.22
CA VAL A 347 -30.50 26.24 -3.89
C VAL A 347 -29.55 25.54 -2.95
N VAL A 348 -28.83 24.53 -3.45
CA VAL A 348 -27.94 23.77 -2.58
C VAL A 348 -26.82 24.66 -2.06
N ILE A 349 -26.14 25.36 -2.97
CA ILE A 349 -25.03 26.21 -2.55
C ILE A 349 -25.57 27.43 -1.80
N LEU A 350 -26.77 27.89 -2.12
CA LEU A 350 -27.37 28.96 -1.35
C LEU A 350 -27.57 28.54 0.09
N VAL A 351 -28.12 27.34 0.30
CA VAL A 351 -28.36 26.85 1.65
C VAL A 351 -27.04 26.66 2.38
N VAL A 352 -26.07 26.07 1.71
CA VAL A 352 -24.77 25.82 2.34
C VAL A 352 -24.12 27.13 2.76
N ALA A 353 -24.08 28.10 1.84
CA ALA A 353 -23.46 29.38 2.14
C ALA A 353 -24.19 30.08 3.26
N THR A 354 -25.53 30.12 3.21
CA THR A 354 -26.29 30.74 4.27
C THR A 354 -25.97 30.09 5.61
N PHE A 355 -25.96 28.77 5.64
CA PHE A 355 -25.78 28.04 6.89
C PHE A 355 -24.43 28.34 7.50
N VAL A 356 -23.36 28.24 6.71
CA VAL A 356 -22.03 28.46 7.26
C VAL A 356 -21.82 29.93 7.58
N VAL A 357 -22.32 30.83 6.73
CA VAL A 357 -22.12 32.26 6.95
C VAL A 357 -22.76 32.70 8.25
N PHE A 358 -23.96 32.22 8.53
CA PHE A 358 -24.62 32.54 9.78
C PHE A 358 -24.22 31.62 10.92
N LEU A 359 -23.41 30.60 10.65
CA LEU A 359 -22.91 29.71 11.69
C LEU A 359 -21.62 30.25 12.29
N THR A 360 -20.63 30.50 11.44
CA THR A 360 -19.32 30.93 11.93
C THR A 360 -19.39 32.18 12.77
N GLU A 361 -20.50 32.91 12.75
CA GLU A 361 -20.67 34.02 13.67
C GLU A 361 -20.71 33.51 15.11
N PHE A 362 -21.36 32.37 15.32
CA PHE A 362 -21.51 31.81 16.66
C PHE A 362 -20.38 30.85 16.99
N ALA A 363 -19.93 30.08 16.02
CA ALA A 363 -18.82 29.16 16.19
C ALA A 363 -17.56 29.76 15.58
N SER A 364 -16.50 28.97 15.55
CA SER A 364 -15.25 29.41 14.95
C SER A 364 -15.24 29.11 13.47
N ASN A 365 -14.32 29.76 12.76
CA ASN A 365 -14.16 29.49 11.35
C ASN A 365 -13.45 28.19 11.10
N THR A 366 -12.28 28.03 11.71
CA THR A 366 -11.47 26.85 11.45
C THR A 366 -12.18 25.58 11.87
N ALA A 367 -12.81 25.58 13.05
CA ALA A 367 -13.51 24.39 13.51
C ALA A 367 -14.72 24.10 12.64
N SER A 368 -15.51 25.12 12.33
CA SER A 368 -16.68 24.91 11.50
C SER A 368 -16.29 24.33 10.14
N ALA A 369 -15.24 24.87 9.54
CA ALA A 369 -14.75 24.32 8.28
C ALA A 369 -14.30 22.88 8.46
N ALA A 370 -13.44 22.63 9.44
CA ALA A 370 -12.95 21.27 9.65
C ALA A 370 -14.10 20.30 9.84
N LEU A 371 -15.21 20.77 10.37
CA LEU A 371 -16.36 19.90 10.59
C LEU A 371 -17.15 19.67 9.31
N LEU A 372 -17.41 20.74 8.56
CA LEU A 372 -18.36 20.68 7.46
C LEU A 372 -17.72 20.26 6.16
N ILE A 373 -16.53 20.76 5.85
CA ILE A 373 -15.87 20.40 4.60
C ILE A 373 -15.77 18.89 4.44
N PRO A 374 -15.34 18.15 5.42
CA PRO A 374 -15.43 16.68 5.31
C PRO A 374 -16.83 16.17 5.03
N VAL A 375 -17.77 16.55 5.89
CA VAL A 375 -19.16 16.14 5.72
C VAL A 375 -19.64 16.42 4.31
N PHE A 376 -19.59 17.68 3.90
CA PHE A 376 -20.21 18.05 2.63
C PHE A 376 -19.39 17.59 1.44
N ALA A 377 -18.08 17.56 1.54
CA ALA A 377 -17.27 17.02 0.46
C ALA A 377 -17.58 15.56 0.21
N THR A 378 -17.70 14.77 1.27
CA THR A 378 -18.05 13.36 1.10
C THR A 378 -19.47 13.20 0.59
N VAL A 379 -20.42 13.92 1.19
CA VAL A 379 -21.80 13.85 0.74
C VAL A 379 -21.95 14.29 -0.70
N ALA A 380 -21.04 15.14 -1.18
CA ALA A 380 -21.05 15.57 -2.56
C ALA A 380 -20.36 14.58 -3.48
N GLU A 381 -19.32 13.90 -3.00
CA GLU A 381 -18.75 12.79 -3.74
C GLU A 381 -19.80 11.70 -3.95
N ALA A 382 -20.66 11.49 -2.95
CA ALA A 382 -21.74 10.53 -3.10
C ALA A 382 -22.72 10.96 -4.17
N PHE A 383 -23.19 12.20 -4.09
CA PHE A 383 -24.21 12.71 -5.01
C PHE A 383 -23.69 12.90 -6.41
N GLY A 384 -22.39 12.76 -6.62
CA GLY A 384 -21.76 13.11 -7.87
C GLY A 384 -21.25 14.52 -7.95
N MET A 385 -21.79 15.42 -7.15
CA MET A 385 -21.37 16.80 -7.17
C MET A 385 -19.86 16.89 -7.00
N SER A 386 -19.31 18.01 -7.43
CA SER A 386 -17.88 18.23 -7.29
C SER A 386 -17.59 18.68 -5.87
N PRO A 387 -16.82 17.91 -5.10
CA PRO A 387 -16.48 18.38 -3.75
C PRO A 387 -15.63 19.62 -3.76
N VAL A 388 -14.96 19.92 -4.88
CA VAL A 388 -14.14 21.11 -4.94
C VAL A 388 -14.98 22.35 -4.69
N LEU A 389 -16.12 22.45 -5.38
CA LEU A 389 -16.96 23.63 -5.26
C LEU A 389 -17.47 23.81 -3.84
N LEU A 390 -18.03 22.76 -3.27
CA LEU A 390 -18.63 22.91 -1.94
C LEU A 390 -17.57 23.15 -0.89
N SER A 391 -16.43 22.46 -0.99
CA SER A 391 -15.37 22.66 -0.03
C SER A 391 -14.84 24.09 -0.10
N VAL A 392 -14.62 24.59 -1.31
CA VAL A 392 -14.18 25.97 -1.47
C VAL A 392 -15.21 26.93 -0.93
N LEU A 393 -16.49 26.65 -1.17
CA LEU A 393 -17.54 27.56 -0.72
C LEU A 393 -17.59 27.61 0.79
N ILE A 394 -17.44 26.46 1.45
CA ILE A 394 -17.48 26.43 2.89
C ILE A 394 -16.21 26.98 3.51
N ALA A 395 -15.12 27.00 2.75
CA ALA A 395 -13.89 27.61 3.24
C ALA A 395 -13.88 29.11 3.03
N VAL A 396 -14.59 29.59 2.02
CA VAL A 396 -14.69 31.00 1.74
C VAL A 396 -15.78 31.66 2.58
N ALA A 397 -16.80 30.91 2.95
CA ALA A 397 -17.89 31.48 3.74
C ALA A 397 -17.58 31.44 5.22
N ALA A 398 -16.91 30.41 5.69
CA ALA A 398 -16.53 30.33 7.08
C ALA A 398 -15.66 31.50 7.50
N SER A 399 -14.92 32.08 6.56
CA SER A 399 -14.17 33.30 6.85
C SER A 399 -15.10 34.48 7.09
N CYS A 400 -16.28 34.47 6.49
CA CYS A 400 -17.25 35.54 6.65
C CYS A 400 -17.87 35.44 8.03
N ALA A 401 -17.18 36.03 9.01
CA ALA A 401 -17.61 36.05 10.39
C ALA A 401 -17.84 37.48 10.87
N PHE A 402 -18.58 38.24 10.09
CA PHE A 402 -18.64 39.69 10.19
C PHE A 402 -19.65 40.20 11.19
N MET A 403 -20.26 39.34 11.98
CA MET A 403 -21.48 39.72 12.69
C MET A 403 -21.27 40.16 14.12
N LEU A 404 -20.34 39.57 14.88
CA LEU A 404 -20.29 39.84 16.29
C LEU A 404 -18.91 39.46 16.81
N PRO A 405 -18.62 39.74 18.10
CA PRO A 405 -17.32 39.37 18.68
C PRO A 405 -17.12 37.86 18.73
N VAL A 406 -16.14 37.35 19.48
CA VAL A 406 -15.30 36.31 18.95
C VAL A 406 -16.17 35.33 18.19
N ALA A 407 -16.02 35.41 16.89
CA ALA A 407 -16.38 34.53 15.79
C ALA A 407 -15.18 34.36 14.88
N THR A 408 -14.43 35.43 14.68
CA THR A 408 -13.03 35.51 14.38
C THR A 408 -12.37 36.36 15.45
N PRO A 409 -11.09 36.14 15.75
CA PRO A 409 -10.42 36.98 16.71
C PRO A 409 -10.42 38.44 16.30
N PRO A 410 -10.14 38.76 15.02
CA PRO A 410 -10.08 40.17 14.61
C PRO A 410 -11.24 41.03 15.09
N ASN A 411 -12.45 40.51 14.98
CA ASN A 411 -13.60 41.25 15.48
C ASN A 411 -13.41 41.60 16.95
N ALA A 412 -12.87 40.67 17.72
CA ALA A 412 -12.70 40.85 19.15
C ALA A 412 -11.53 41.75 19.47
N ILE A 413 -10.48 41.70 18.65
CA ILE A 413 -9.39 42.65 18.76
C ILE A 413 -9.91 44.06 18.64
N VAL A 414 -10.73 44.28 17.61
CA VAL A 414 -11.29 45.61 17.38
C VAL A 414 -12.20 46.01 18.54
N PHE A 415 -13.15 45.15 18.89
CA PHE A 415 -14.08 45.40 19.98
C PHE A 415 -13.46 45.25 21.37
N ALA A 416 -12.16 45.07 21.45
CA ALA A 416 -11.47 45.34 22.70
C ALA A 416 -11.36 46.84 22.96
N SER A 417 -11.14 47.62 21.89
CA SER A 417 -10.84 49.04 22.06
C SER A 417 -11.97 49.79 22.73
N GLY A 418 -13.20 49.52 22.31
CA GLY A 418 -14.37 50.13 22.92
C GLY A 418 -14.96 51.29 22.15
N HIS A 419 -14.40 51.64 21.00
CA HIS A 419 -14.93 52.68 20.15
C HIS A 419 -16.02 52.20 19.21
N ILE A 420 -16.35 50.92 19.24
CA ILE A 420 -17.44 50.38 18.44
C ILE A 420 -18.37 49.63 19.38
N LYS A 421 -19.67 49.71 19.11
CA LYS A 421 -20.61 48.93 19.86
C LYS A 421 -20.73 47.51 19.35
N GLN A 422 -21.69 46.77 19.91
CA GLN A 422 -22.09 45.45 19.47
C GLN A 422 -23.21 45.51 18.45
N SER A 423 -24.25 46.30 18.74
CA SER A 423 -25.39 46.38 17.84
C SER A 423 -24.99 46.83 16.45
N GLU A 424 -24.06 47.80 16.37
CA GLU A 424 -23.60 48.24 15.05
C GLU A 424 -22.92 47.10 14.31
N MET A 425 -22.09 46.33 14.99
CA MET A 425 -21.49 45.17 14.35
C MET A 425 -22.55 44.18 13.92
N MET A 426 -23.56 43.94 14.75
CA MET A 426 -24.59 42.98 14.37
C MET A 426 -25.30 43.43 13.10
N ARG A 427 -25.69 44.70 13.03
CA ARG A 427 -26.41 45.20 11.86
C ARG A 427 -25.53 45.13 10.62
N VAL A 428 -24.33 45.68 10.72
CA VAL A 428 -23.42 45.71 9.59
C VAL A 428 -23.12 44.31 9.11
N GLY A 429 -22.86 43.40 10.03
CA GLY A 429 -22.51 42.05 9.67
C GLY A 429 -23.68 41.28 9.11
N LEU A 430 -24.89 41.61 9.55
CA LEU A 430 -26.07 41.00 8.95
C LEU A 430 -26.17 41.38 7.48
N TYR A 431 -26.09 42.69 7.20
CA TYR A 431 -26.20 43.13 5.82
C TYR A 431 -25.05 42.58 4.99
N LEU A 432 -23.86 42.57 5.56
CA LEU A 432 -22.69 42.07 4.87
C LEU A 432 -22.76 40.59 4.62
N ASN A 433 -23.32 39.84 5.57
CA ASN A 433 -23.40 38.40 5.41
C ASN A 433 -24.43 38.04 4.36
N ILE A 434 -25.51 38.81 4.29
CA ILE A 434 -26.48 38.62 3.21
C ILE A 434 -25.83 38.89 1.87
N ALA A 435 -25.12 40.02 1.75
CA ALA A 435 -24.50 40.36 0.49
C ALA A 435 -23.44 39.35 0.12
N CYS A 436 -22.71 38.83 1.10
CA CYS A 436 -21.68 37.85 0.81
C CYS A 436 -22.29 36.52 0.42
N ILE A 437 -23.43 36.18 1.00
CA ILE A 437 -24.16 35.01 0.53
C ILE A 437 -24.51 35.16 -0.93
N GLY A 438 -25.03 36.33 -1.29
CA GLY A 438 -25.34 36.57 -2.69
C GLY A 438 -24.12 36.44 -3.58
N LEU A 439 -23.01 37.03 -3.14
CA LEU A 439 -21.81 37.02 -3.96
C LEU A 439 -21.25 35.61 -4.08
N LEU A 440 -21.16 34.88 -2.99
CA LEU A 440 -20.67 33.51 -3.05
C LEU A 440 -21.54 32.69 -3.96
N THR A 441 -22.86 32.80 -3.82
CA THR A 441 -23.76 32.05 -4.67
C THR A 441 -23.54 32.37 -6.13
N ALA A 442 -23.37 33.65 -6.47
CA ALA A 442 -23.20 34.04 -7.86
C ALA A 442 -21.88 33.54 -8.43
N ILE A 443 -20.77 33.80 -7.73
CA ILE A 443 -19.49 33.40 -8.26
C ILE A 443 -19.36 31.88 -8.28
N ALA A 444 -20.04 31.19 -7.38
CA ALA A 444 -20.08 29.74 -7.45
C ALA A 444 -20.83 29.29 -8.68
N MET A 445 -22.11 29.64 -8.77
CA MET A 445 -22.90 29.31 -9.95
C MET A 445 -22.16 29.65 -11.23
N LEU A 446 -21.23 30.60 -11.19
CA LEU A 446 -20.37 30.86 -12.33
C LEU A 446 -19.31 29.77 -12.48
N PHE A 447 -18.51 29.55 -11.44
CA PHE A 447 -17.45 28.56 -11.52
C PHE A 447 -17.98 27.18 -11.89
N TRP A 448 -19.24 26.90 -11.57
CA TRP A 448 -19.86 25.66 -12.00
C TRP A 448 -19.75 25.53 -13.52
N GLN A 449 -20.35 26.45 -14.26
CA GLN A 449 -20.14 26.53 -15.71
C GLN A 449 -18.65 26.65 -16.02
N LEU B 5 29.75 34.26 3.70
CA LEU B 5 30.07 35.37 4.60
C LEU B 5 30.21 34.88 6.03
N HIS B 6 29.09 34.48 6.62
CA HIS B 6 29.09 33.92 7.96
C HIS B 6 29.84 32.60 7.98
N ARG B 7 30.11 32.09 9.17
CA ARG B 7 30.81 30.82 9.29
C ARG B 7 29.93 29.67 8.85
N ASN B 8 28.78 29.51 9.50
CA ASN B 8 27.90 28.40 9.16
C ASN B 8 27.52 28.43 7.69
N SER B 9 27.45 29.61 7.09
CA SER B 9 27.17 29.68 5.66
C SER B 9 28.29 29.06 4.85
N LEU B 10 29.55 29.31 5.23
CA LEU B 10 30.66 28.66 4.58
C LEU B 10 30.61 27.16 4.80
N ILE B 11 30.23 26.75 6.00
CA ILE B 11 30.06 25.32 6.26
C ILE B 11 29.07 24.73 5.27
N VAL B 12 27.93 25.40 5.06
CA VAL B 12 26.92 24.86 4.17
C VAL B 12 27.43 24.80 2.75
N LEU B 13 28.12 25.84 2.31
CA LEU B 13 28.55 25.86 0.91
C LEU B 13 29.64 24.83 0.67
N ALA B 14 30.54 24.66 1.63
CA ALA B 14 31.52 23.58 1.53
C ALA B 14 30.82 22.23 1.54
N ASP B 15 29.76 22.10 2.33
CA ASP B 15 28.97 20.88 2.33
C ASP B 15 28.39 20.59 0.96
N VAL B 16 27.83 21.62 0.32
CA VAL B 16 27.25 21.43 -1.00
C VAL B 16 28.32 21.05 -2.01
N ALA B 17 29.47 21.70 -1.93
CA ALA B 17 30.56 21.32 -2.82
C ALA B 17 30.97 19.88 -2.61
N LEU B 18 31.05 19.47 -1.35
CA LEU B 18 31.37 18.08 -1.03
C LEU B 18 30.34 17.13 -1.60
N PHE B 19 29.06 17.46 -1.43
CA PHE B 19 28.00 16.60 -1.92
C PHE B 19 28.06 16.48 -3.43
N LEU B 20 28.30 17.59 -4.13
CA LEU B 20 28.40 17.52 -5.58
C LEU B 20 29.60 16.69 -6.00
N ALA B 21 30.73 16.90 -5.33
CA ALA B 21 31.93 16.16 -5.68
C ALA B 21 31.75 14.66 -5.45
N LEU B 22 31.05 14.29 -4.38
CA LEU B 22 30.72 12.89 -4.18
C LEU B 22 29.80 12.40 -5.29
N TYR B 23 28.64 13.01 -5.42
CA TYR B 23 27.65 12.68 -6.44
C TYR B 23 28.27 12.47 -7.82
N HIS B 24 29.34 13.20 -8.10
CA HIS B 24 29.91 13.17 -9.44
C HIS B 24 31.12 12.24 -9.56
N PHE B 25 31.96 12.17 -8.53
CA PHE B 25 33.24 11.51 -8.61
C PHE B 25 33.26 10.14 -7.92
N LEU B 26 32.26 9.82 -7.13
CA LEU B 26 32.14 8.51 -6.53
C LEU B 26 31.61 7.53 -7.58
N PRO B 27 32.44 6.65 -8.13
CA PRO B 27 31.91 5.72 -9.13
C PRO B 27 31.26 4.51 -8.51
N PHE B 28 29.94 4.51 -8.42
CA PHE B 28 29.15 3.44 -7.84
C PHE B 28 27.88 3.31 -8.67
N GLU B 29 26.90 2.59 -8.13
CA GLU B 29 25.55 2.70 -8.66
C GLU B 29 24.93 4.02 -8.18
N HIS B 30 24.03 4.56 -9.00
CA HIS B 30 23.52 5.90 -8.75
C HIS B 30 22.91 6.04 -7.37
N ASN B 31 22.12 5.06 -6.95
CA ASN B 31 21.50 5.13 -5.63
C ASN B 31 22.50 5.00 -4.50
N VAL B 32 23.53 4.17 -4.65
CA VAL B 32 24.55 4.11 -3.60
C VAL B 32 25.20 5.48 -3.43
N VAL B 33 25.59 6.10 -4.54
CA VAL B 33 26.34 7.34 -4.47
C VAL B 33 25.44 8.47 -3.98
N LEU B 34 24.20 8.45 -4.41
CA LEU B 34 23.22 9.41 -3.93
C LEU B 34 23.03 9.32 -2.43
N GLY B 35 22.83 8.11 -1.92
CA GLY B 35 22.67 7.95 -0.48
C GLY B 35 23.91 8.33 0.28
N ILE B 36 25.09 7.98 -0.26
CA ILE B 36 26.35 8.35 0.39
C ILE B 36 26.46 9.87 0.48
N SER B 37 26.18 10.56 -0.62
CA SER B 37 26.31 11.99 -0.65
C SER B 37 25.31 12.67 0.28
N MET B 38 24.06 12.20 0.27
CA MET B 38 23.09 12.73 1.21
C MET B 38 23.51 12.49 2.64
N LEU B 39 24.05 11.31 2.93
CA LEU B 39 24.48 11.02 4.28
C LEU B 39 25.60 11.94 4.73
N ALA B 40 26.58 12.17 3.86
CA ALA B 40 27.64 13.10 4.19
C ALA B 40 27.09 14.51 4.43
N PHE B 41 26.25 14.97 3.53
CA PHE B 41 25.66 16.30 3.64
C PHE B 41 24.90 16.45 4.96
N ILE B 42 23.99 15.54 5.22
CA ILE B 42 23.16 15.59 6.42
C ILE B 42 24.02 15.47 7.67
N ALA B 43 25.07 14.66 7.61
CA ALA B 43 25.91 14.49 8.78
C ALA B 43 26.64 15.77 9.10
N VAL B 44 27.29 16.37 8.10
CA VAL B 44 28.00 17.61 8.33
C VAL B 44 27.04 18.68 8.82
N LEU B 45 25.77 18.60 8.43
CA LEU B 45 24.81 19.61 8.88
C LEU B 45 24.27 19.33 10.27
N TRP B 46 24.26 18.06 10.69
CA TRP B 46 23.71 17.69 11.99
C TRP B 46 24.75 17.65 13.08
N LEU B 47 26.03 17.61 12.74
CA LEU B 47 27.09 17.73 13.73
C LEU B 47 27.42 19.20 13.99
N THR B 48 27.78 19.92 12.94
CA THR B 48 28.16 21.31 13.07
C THR B 48 27.01 22.21 13.48
N GLU B 49 25.78 21.76 13.29
CA GLU B 49 24.60 22.56 13.60
C GLU B 49 24.65 23.91 12.90
N ALA B 50 25.14 23.90 11.67
CA ALA B 50 25.09 25.10 10.84
C ALA B 50 23.66 25.58 10.71
N LEU B 51 22.83 24.79 10.04
CA LEU B 51 21.40 25.00 10.02
C LEU B 51 20.77 24.34 11.22
N HIS B 52 19.74 24.97 11.76
CA HIS B 52 19.02 24.37 12.86
C HIS B 52 18.72 22.92 12.52
N VAL B 53 19.06 22.05 13.45
CA VAL B 53 18.92 20.62 13.34
C VAL B 53 17.61 20.24 12.66
N THR B 54 16.54 20.93 13.02
CA THR B 54 15.24 20.62 12.44
C THR B 54 15.11 21.08 11.00
N VAL B 55 15.76 22.17 10.64
CA VAL B 55 15.79 22.58 9.24
C VAL B 55 16.43 21.51 8.39
N THR B 56 17.50 20.89 8.88
CA THR B 56 18.10 19.79 8.16
C THR B 56 17.16 18.60 8.08
N ALA B 57 16.44 18.33 9.18
CA ALA B 57 15.44 17.26 9.12
C ALA B 57 14.47 17.49 7.99
N ILE B 58 14.02 18.73 7.85
CA ILE B 58 13.10 19.09 6.77
C ILE B 58 13.78 18.94 5.43
N LEU B 59 15.08 19.21 5.37
CA LEU B 59 15.80 19.16 4.11
C LEU B 59 16.04 17.74 3.65
N VAL B 60 15.97 16.77 4.55
CA VAL B 60 16.19 15.38 4.18
C VAL B 60 15.13 14.95 3.16
N PRO B 61 13.84 15.08 3.46
CA PRO B 61 12.84 14.73 2.45
C PRO B 61 12.99 15.51 1.15
N VAL B 62 13.30 16.79 1.22
CA VAL B 62 13.36 17.60 0.02
C VAL B 62 14.42 17.06 -0.93
N MET B 63 15.46 16.43 -0.39
CA MET B 63 16.46 15.77 -1.22
C MET B 63 16.16 14.30 -1.43
N ALA B 64 15.16 13.76 -0.75
CA ALA B 64 14.67 12.41 -1.02
C ALA B 64 13.56 12.39 -2.04
N VAL B 65 13.10 13.56 -2.48
CA VAL B 65 12.08 13.67 -3.49
C VAL B 65 12.65 14.23 -4.78
N PHE B 66 13.32 15.37 -4.69
CA PHE B 66 14.08 15.96 -5.77
C PHE B 66 15.13 15.05 -6.34
N PHE B 67 15.36 13.85 -5.80
CA PHE B 67 16.20 12.91 -6.54
C PHE B 67 15.45 11.61 -6.79
N GLY B 68 14.13 11.58 -6.62
CA GLY B 68 13.35 10.45 -7.09
C GLY B 68 13.31 9.24 -6.17
N ILE B 69 13.92 9.31 -4.99
CA ILE B 69 13.89 8.17 -4.08
C ILE B 69 12.48 7.89 -3.61
N PHE B 70 11.69 8.94 -3.41
CA PHE B 70 10.39 8.80 -2.77
C PHE B 70 9.39 9.74 -3.41
N GLU B 71 8.12 9.44 -3.19
CA GLU B 71 7.05 10.35 -3.53
C GLU B 71 6.80 11.26 -2.34
N THR B 72 6.51 12.52 -2.64
CA THR B 72 6.42 13.55 -1.61
C THR B 72 5.74 13.06 -0.35
N GLN B 73 4.54 12.52 -0.46
CA GLN B 73 3.81 12.12 0.73
C GLN B 73 4.45 10.91 1.40
N ALA B 74 5.02 10.00 0.62
CA ALA B 74 5.71 8.87 1.22
C ALA B 74 6.88 9.31 2.08
N ALA B 75 7.40 10.51 1.83
CA ALA B 75 8.45 11.10 2.64
C ALA B 75 7.88 11.88 3.82
N LEU B 76 6.89 12.73 3.56
CA LEU B 76 6.29 13.51 4.62
C LEU B 76 5.60 12.66 5.67
N ASN B 77 5.18 11.44 5.33
CA ASN B 77 4.56 10.59 6.33
C ASN B 77 5.54 10.11 7.39
N ASN B 78 6.84 10.32 7.19
CA ASN B 78 7.79 10.04 8.24
C ASN B 78 7.59 10.95 9.45
N PHE B 79 6.95 12.11 9.27
CA PHE B 79 6.76 13.05 10.35
C PHE B 79 5.50 12.79 11.13
N ALA B 80 4.97 11.57 11.06
CA ALA B 80 3.76 11.21 11.78
C ALA B 80 3.89 9.85 12.45
N ASN B 81 5.11 9.40 12.70
CA ASN B 81 5.29 8.11 13.36
C ASN B 81 4.74 8.17 14.77
N SER B 82 4.16 7.07 15.22
CA SER B 82 3.42 7.10 16.46
C SER B 82 4.28 7.52 17.64
N ILE B 83 5.61 7.38 17.51
CA ILE B 83 6.51 7.82 18.56
C ILE B 83 6.47 9.33 18.70
N ILE B 84 6.27 10.05 17.60
CA ILE B 84 6.13 11.48 17.68
C ILE B 84 4.98 11.85 18.60
N PHE B 85 3.85 11.17 18.48
CA PHE B 85 2.70 11.49 19.31
C PHE B 85 2.87 10.97 20.72
N LEU B 86 3.67 9.92 20.90
CA LEU B 86 4.02 9.52 22.26
C LEU B 86 4.81 10.63 22.95
N PHE B 87 5.76 11.23 22.24
CA PHE B 87 6.50 12.35 22.81
C PHE B 87 5.64 13.59 22.97
N LEU B 88 4.66 13.78 22.09
CA LEU B 88 3.75 14.89 22.29
C LEU B 88 2.93 14.70 23.57
N GLY B 89 2.50 13.47 23.84
CA GLY B 89 1.84 13.19 25.09
C GLY B 89 2.77 13.41 26.29
N GLY B 90 4.03 13.06 26.12
CA GLY B 90 4.99 13.35 27.17
C GLY B 90 5.14 14.83 27.44
N PHE B 91 5.19 15.63 26.37
CA PHE B 91 5.24 17.08 26.51
C PHE B 91 3.98 17.61 27.17
N ALA B 92 2.84 17.04 26.83
CA ALA B 92 1.60 17.45 27.47
C ALA B 92 1.66 17.19 28.97
N LEU B 93 2.13 16.03 29.36
CA LEU B 93 2.23 15.71 30.77
C LEU B 93 3.22 16.63 31.46
N ALA B 94 4.35 16.91 30.83
CA ALA B 94 5.30 17.86 31.38
C ALA B 94 4.64 19.21 31.62
N ALA B 95 3.89 19.68 30.63
CA ALA B 95 3.22 20.97 30.76
C ALA B 95 2.17 20.94 31.85
N ALA B 96 1.49 19.82 32.01
CA ALA B 96 0.50 19.70 33.07
C ALA B 96 1.15 19.77 34.44
N MET B 97 2.20 19.00 34.66
CA MET B 97 2.83 18.96 35.97
C MET B 97 3.93 20.00 36.11
N HIS B 98 3.99 20.96 35.19
CA HIS B 98 4.72 22.20 35.41
C HIS B 98 3.78 23.38 35.64
N HIS B 99 2.85 23.62 34.71
CA HIS B 99 1.85 24.67 34.90
C HIS B 99 1.11 24.49 36.21
N GLN B 100 0.75 23.25 36.52
CA GLN B 100 0.04 22.94 37.75
C GLN B 100 0.95 22.82 38.95
N GLY B 101 2.25 23.11 38.78
CA GLY B 101 3.17 23.16 39.90
C GLY B 101 3.36 21.85 40.62
N LEU B 102 3.49 20.76 39.88
CA LEU B 102 3.62 19.42 40.45
C LEU B 102 5.07 19.04 40.66
N ASP B 103 5.92 19.35 39.69
CA ASP B 103 7.33 19.05 39.81
C ASP B 103 7.98 19.80 40.97
N LYS B 104 7.65 21.08 41.10
CA LYS B 104 8.19 21.89 42.18
C LYS B 104 7.75 21.35 43.53
N VAL B 105 6.47 21.00 43.67
CA VAL B 105 6.00 20.51 44.95
C VAL B 105 6.61 19.16 45.27
N ILE B 106 6.82 18.33 44.26
CA ILE B 106 7.53 17.07 44.49
C ILE B 106 8.91 17.34 45.06
N ALA B 107 9.65 18.24 44.42
CA ALA B 107 11.00 18.56 44.90
C ALA B 107 10.98 19.04 46.34
N ASP B 108 10.14 20.02 46.65
CA ASP B 108 10.04 20.53 48.01
C ASP B 108 9.61 19.47 49.00
N LYS B 109 8.76 18.53 48.61
CA LYS B 109 8.33 17.50 49.53
C LYS B 109 9.43 16.48 49.78
N VAL B 110 10.31 16.29 48.80
CA VAL B 110 11.46 15.42 49.01
C VAL B 110 12.48 16.09 49.92
N LEU B 111 12.89 17.32 49.59
CA LEU B 111 13.91 18.00 50.38
C LEU B 111 13.52 18.07 51.85
N ALA B 112 12.22 18.24 52.13
CA ALA B 112 11.79 18.41 53.51
C ALA B 112 12.01 17.13 54.32
N MET B 113 12.02 15.98 53.67
CA MET B 113 12.30 14.74 54.38
C MET B 113 13.70 14.77 54.99
N ALA B 114 14.67 15.33 54.25
CA ALA B 114 15.96 15.68 54.80
C ALA B 114 15.76 16.95 55.61
N GLN B 115 15.47 16.76 56.90
CA GLN B 115 15.04 17.87 57.75
C GLN B 115 15.88 19.11 57.51
N GLY B 116 17.18 19.02 57.76
CA GLY B 116 18.04 20.15 57.53
C GLY B 116 19.45 19.80 57.10
N LYS B 117 19.65 18.58 56.62
CA LYS B 117 20.97 18.07 56.29
C LYS B 117 21.20 18.16 54.79
N MET B 118 22.18 18.97 54.38
CA MET B 118 22.58 19.00 52.98
C MET B 118 23.15 17.67 52.54
N SER B 119 23.87 16.98 53.44
CA SER B 119 24.60 15.79 53.05
C SER B 119 23.69 14.74 52.45
N VAL B 120 22.42 14.75 52.80
CA VAL B 120 21.43 13.87 52.19
C VAL B 120 20.55 14.62 51.20
N ALA B 121 20.42 15.94 51.34
CA ALA B 121 19.55 16.68 50.44
C ALA B 121 20.14 16.78 49.05
N VAL B 122 21.45 16.78 48.92
CA VAL B 122 22.03 16.82 47.58
C VAL B 122 21.75 15.52 46.84
N PHE B 123 21.84 14.40 47.54
CA PHE B 123 21.50 13.13 46.90
C PHE B 123 20.00 13.05 46.63
N MET B 124 19.19 13.65 47.50
CA MET B 124 17.78 13.81 47.20
C MET B 124 17.57 14.60 45.92
N LEU B 125 18.37 15.65 45.72
CA LEU B 125 18.26 16.44 44.50
C LEU B 125 18.60 15.62 43.28
N PHE B 126 19.65 14.82 43.37
CA PHE B 126 20.02 13.98 42.23
C PHE B 126 18.92 12.98 41.91
N GLY B 127 18.41 12.31 42.94
CA GLY B 127 17.32 11.37 42.71
C GLY B 127 16.10 12.02 42.12
N VAL B 128 15.72 13.17 42.66
CA VAL B 128 14.56 13.89 42.15
C VAL B 128 14.77 14.30 40.71
N THR B 129 15.95 14.84 40.40
CA THR B 129 16.21 15.33 39.06
C THR B 129 16.17 14.19 38.05
N ALA B 130 16.69 13.02 38.42
CA ALA B 130 16.62 11.89 37.51
C ALA B 130 15.25 11.23 37.54
N LEU B 131 14.42 11.56 38.50
CA LEU B 131 13.06 11.06 38.56
C LEU B 131 12.10 11.92 37.76
N LEU B 132 12.45 13.19 37.55
CA LEU B 132 11.64 14.07 36.73
C LEU B 132 12.11 14.13 35.30
N SER B 133 13.42 14.02 35.08
CA SER B 133 13.94 14.08 33.72
C SER B 133 13.44 12.92 32.87
N MET B 134 12.90 11.89 33.51
CA MET B 134 12.27 10.81 32.77
C MET B 134 11.17 11.34 31.88
N TRP B 135 10.31 12.19 32.45
CA TRP B 135 9.10 12.66 31.81
C TRP B 135 9.23 14.08 31.28
N ILE B 136 9.73 15.00 32.10
CA ILE B 136 9.56 16.41 31.84
C ILE B 136 10.48 16.82 30.70
N SER B 137 11.78 16.84 30.97
CA SER B 137 12.78 17.14 29.97
C SER B 137 14.13 17.12 30.65
N ASN B 138 15.20 17.31 29.89
CA ASN B 138 16.53 17.38 30.47
C ASN B 138 16.92 18.83 30.75
N THR B 139 16.62 19.73 29.83
CA THR B 139 16.92 21.14 30.03
C THR B 139 16.00 21.76 31.07
N ALA B 140 14.70 21.54 30.94
CA ALA B 140 13.73 22.24 31.77
C ALA B 140 13.92 21.92 33.24
N THR B 141 14.13 20.65 33.56
CA THR B 141 14.24 20.27 34.96
C THR B 141 15.55 20.75 35.56
N ALA B 142 16.62 20.79 34.77
CA ALA B 142 17.86 21.36 35.25
C ALA B 142 17.71 22.85 35.55
N ALA B 143 17.02 23.57 34.66
CA ALA B 143 16.77 24.98 34.92
C ALA B 143 15.92 25.17 36.16
N MET B 144 14.91 24.31 36.33
CA MET B 144 14.06 24.39 37.51
C MET B 144 14.84 24.11 38.78
N MET B 145 15.80 23.18 38.72
CA MET B 145 16.50 22.72 39.91
C MET B 145 17.67 23.61 40.30
N LEU B 146 18.34 24.24 39.34
CA LEU B 146 19.47 25.09 39.68
C LEU B 146 19.14 26.08 40.77
N PRO B 147 18.01 26.80 40.72
CA PRO B 147 17.63 27.66 41.84
C PRO B 147 17.53 26.93 43.17
N LEU B 148 16.96 25.73 43.17
CA LEU B 148 16.89 24.96 44.39
C LEU B 148 18.27 24.65 44.91
N VAL B 149 19.19 24.28 44.02
CA VAL B 149 20.55 23.99 44.45
C VAL B 149 21.18 25.22 45.08
N LEU B 150 21.06 26.36 44.43
CA LEU B 150 21.65 27.58 44.98
C LEU B 150 21.05 27.88 46.35
N GLY B 151 19.75 27.67 46.50
CA GLY B 151 19.13 27.83 47.80
C GLY B 151 19.73 26.88 48.83
N VAL B 152 20.07 25.68 48.40
CA VAL B 152 20.74 24.73 49.28
C VAL B 152 22.12 25.25 49.66
N LEU B 153 22.79 25.94 48.73
CA LEU B 153 24.20 26.30 48.88
C LEU B 153 24.40 27.80 49.09
N SER B 154 23.35 28.53 49.47
CA SER B 154 23.55 29.93 49.81
C SER B 154 24.28 30.09 51.13
N LYS B 155 24.27 29.05 51.98
CA LYS B 155 24.97 29.12 53.24
C LYS B 155 26.48 29.03 53.06
N VAL B 156 26.93 28.10 52.22
CA VAL B 156 28.34 27.78 52.10
C VAL B 156 29.04 28.77 51.18
N ASP B 157 30.36 28.77 51.19
CA ASP B 157 31.15 29.74 50.44
C ASP B 157 31.27 29.30 48.98
N ALA B 158 31.53 30.28 48.12
CA ALA B 158 31.61 30.05 46.68
C ALA B 158 33.03 30.02 46.13
N ASP B 159 33.99 30.60 46.84
CA ASP B 159 35.38 30.56 46.41
C ASP B 159 36.26 29.68 47.28
N LYS B 160 35.95 29.54 48.56
CA LYS B 160 36.79 28.74 49.46
C LYS B 160 36.50 27.25 49.28
N GLN B 161 35.29 26.82 49.61
CA GLN B 161 34.84 25.46 49.32
C GLN B 161 33.91 25.53 48.11
N ARG B 162 34.54 25.63 46.93
CA ARG B 162 33.81 25.66 45.68
C ARG B 162 33.53 24.26 45.14
N SER B 163 34.33 23.28 45.55
CA SER B 163 34.12 21.92 45.08
C SER B 163 32.72 21.43 45.42
N THR B 164 32.12 21.96 46.49
CA THR B 164 30.76 21.58 46.82
C THR B 164 29.77 22.07 45.77
N TYR B 165 29.94 23.30 45.29
CA TYR B 165 29.08 23.80 44.23
C TYR B 165 29.24 22.97 42.97
N VAL B 166 30.48 22.67 42.60
CA VAL B 166 30.71 21.87 41.41
C VAL B 166 30.04 20.52 41.55
N PHE B 167 30.22 19.88 42.70
CA PHE B 167 29.56 18.60 42.93
C PHE B 167 28.06 18.71 42.78
N VAL B 168 27.43 19.65 43.49
CA VAL B 168 25.97 19.73 43.47
C VAL B 168 25.47 19.97 42.05
N LEU B 169 26.03 20.97 41.37
CA LEU B 169 25.50 21.35 40.06
C LEU B 169 25.78 20.28 39.01
N LEU B 170 27.01 19.76 38.97
CA LEU B 170 27.32 18.73 37.99
C LEU B 170 26.49 17.49 38.24
N GLY B 171 26.32 17.09 39.49
CA GLY B 171 25.46 15.97 39.77
C GLY B 171 24.05 16.20 39.29
N VAL B 172 23.54 17.42 39.46
CA VAL B 172 22.20 17.73 38.98
C VAL B 172 22.11 17.56 37.47
N ALA B 173 23.04 18.16 36.73
CA ALA B 173 22.95 18.12 35.27
C ALA B 173 23.21 16.73 34.72
N TYR B 174 24.23 16.07 35.23
CA TYR B 174 24.48 14.66 34.97
C TYR B 174 23.23 13.83 35.25
N SER B 175 22.55 14.08 36.36
CA SER B 175 21.36 13.31 36.70
C SER B 175 20.24 13.56 35.71
N ALA B 176 20.10 14.79 35.24
CA ALA B 176 19.11 15.06 34.21
C ALA B 176 19.43 14.29 32.94
N SER B 177 20.66 14.43 32.45
CA SER B 177 21.06 13.74 31.23
C SER B 177 20.98 12.24 31.37
N ILE B 178 21.04 11.73 32.60
CA ILE B 178 20.95 10.30 32.83
C ILE B 178 19.50 9.86 32.91
N GLY B 179 18.76 10.36 33.89
CA GLY B 179 17.34 10.10 33.96
C GLY B 179 16.63 10.21 32.63
N GLY B 180 17.18 10.99 31.70
CA GLY B 180 16.65 10.97 30.35
C GLY B 180 16.78 9.62 29.69
N ILE B 181 17.60 8.74 30.27
CA ILE B 181 17.88 7.43 29.69
C ILE B 181 16.88 6.39 30.13
N ALA B 182 15.93 6.75 31.00
CA ALA B 182 15.11 5.78 31.70
C ALA B 182 13.71 5.64 31.11
N THR B 183 13.36 6.43 30.12
CA THR B 183 12.03 6.37 29.52
C THR B 183 12.12 6.87 28.09
N LEU B 184 11.27 6.33 27.23
CA LEU B 184 11.18 6.85 25.88
C LEU B 184 11.08 8.37 25.93
N VAL B 185 10.00 8.87 26.52
CA VAL B 185 9.97 10.26 26.91
C VAL B 185 11.09 10.50 27.92
N GLY B 186 11.62 11.71 27.90
CA GLY B 186 12.76 12.02 28.74
C GLY B 186 13.91 12.57 27.94
N SER B 187 14.14 11.99 26.77
CA SER B 187 15.16 12.47 25.87
C SER B 187 14.77 12.02 24.47
N PRO B 188 15.00 12.83 23.45
CA PRO B 188 14.58 12.46 22.09
C PRO B 188 15.28 11.21 21.59
N PRO B 189 16.58 11.06 21.83
CA PRO B 189 17.29 9.91 21.23
C PRO B 189 16.64 8.59 21.55
N ASN B 190 16.09 8.46 22.74
CA ASN B 190 15.20 7.35 23.05
C ASN B 190 14.19 7.13 21.93
N ALA B 191 13.47 8.17 21.55
CA ALA B 191 12.41 8.00 20.57
C ALA B 191 12.97 7.75 19.19
N ILE B 192 14.09 8.39 18.85
CA ILE B 192 14.70 8.14 17.56
C ILE B 192 15.01 6.66 17.42
N ALA B 193 15.66 6.10 18.44
CA ALA B 193 15.95 4.68 18.44
C ALA B 193 14.68 3.85 18.31
N ALA B 194 13.70 4.12 19.16
CA ALA B 194 12.49 3.31 19.18
C ALA B 194 11.80 3.32 17.83
N ALA B 195 11.65 4.50 17.24
CA ALA B 195 11.03 4.61 15.94
C ALA B 195 11.83 3.88 14.87
N GLU B 196 13.15 3.94 14.96
CA GLU B 196 13.96 3.29 13.94
C GLU B 196 13.95 1.78 14.08
N VAL B 197 13.62 1.24 15.26
CA VAL B 197 13.59 -0.21 15.43
C VAL B 197 12.30 -0.68 16.08
N GLY B 198 11.30 0.19 16.11
CA GLY B 198 9.99 -0.23 16.56
C GLY B 198 9.94 -0.76 17.97
N LEU B 199 10.11 0.12 18.95
CA LEU B 199 10.11 -0.25 20.35
C LEU B 199 8.92 0.37 21.07
N SER B 200 8.45 -0.33 22.08
CA SER B 200 7.38 0.16 22.92
C SER B 200 7.97 0.99 24.05
N PHE B 201 7.16 1.33 25.03
CA PHE B 201 7.64 1.99 26.23
C PHE B 201 8.40 1.03 27.12
N THR B 202 7.72 0.00 27.59
CA THR B 202 8.31 -0.96 28.50
C THR B 202 9.26 -1.93 27.82
N ASP B 203 9.33 -1.93 26.50
CA ASP B 203 10.35 -2.67 25.77
C ASP B 203 11.58 -1.82 25.53
N TRP B 204 11.57 -0.58 25.98
CA TRP B 204 12.75 0.28 26.04
C TRP B 204 13.19 0.57 27.46
N MET B 205 12.25 0.60 28.40
CA MET B 205 12.60 0.76 29.79
C MET B 205 13.55 -0.35 30.24
N LYS B 206 13.37 -1.56 29.68
CA LYS B 206 14.22 -2.67 30.05
C LYS B 206 15.69 -2.37 29.83
N PHE B 207 16.00 -1.55 28.81
CA PHE B 207 17.36 -1.10 28.57
C PHE B 207 17.69 0.19 29.29
N GLY B 208 16.68 1.02 29.54
CA GLY B 208 16.95 2.33 30.07
C GLY B 208 17.06 2.40 31.57
N LEU B 209 16.04 1.93 32.26
CA LEU B 209 16.02 2.10 33.71
C LEU B 209 17.20 1.43 34.39
N PRO B 210 17.49 0.15 34.14
CA PRO B 210 18.69 -0.43 34.77
C PRO B 210 19.95 0.34 34.46
N THR B 211 20.11 0.78 33.21
CA THR B 211 21.27 1.57 32.85
C THR B 211 21.33 2.85 33.66
N ALA B 212 20.20 3.55 33.80
CA ALA B 212 20.20 4.80 34.53
C ALA B 212 20.50 4.58 36.02
N MET B 213 19.91 3.56 36.63
CA MET B 213 20.17 3.29 38.03
C MET B 213 21.57 2.75 38.28
N MET B 214 22.22 2.19 37.26
CA MET B 214 23.60 1.74 37.40
C MET B 214 24.61 2.80 37.01
N MET B 215 24.18 3.87 36.32
CA MET B 215 25.08 4.92 35.88
C MET B 215 24.98 6.17 36.71
N LEU B 216 23.83 6.43 37.33
CA LEU B 216 23.71 7.62 38.17
C LEU B 216 24.54 7.49 39.43
N PRO B 217 24.38 6.45 40.24
CA PRO B 217 25.26 6.31 41.41
C PRO B 217 26.71 6.28 41.03
N MET B 218 27.03 5.68 39.89
CA MET B 218 28.41 5.71 39.41
C MET B 218 28.90 7.15 39.29
N ALA B 219 28.14 7.99 38.59
CA ALA B 219 28.57 9.37 38.36
C ALA B 219 28.68 10.12 39.67
N ILE B 220 27.71 9.94 40.56
CA ILE B 220 27.78 10.60 41.86
C ILE B 220 29.03 10.18 42.60
N ALA B 221 29.39 8.90 42.51
CA ALA B 221 30.59 8.43 43.18
C ALA B 221 31.83 9.09 42.61
N ILE B 222 31.91 9.16 41.29
CA ILE B 222 33.10 9.72 40.66
C ILE B 222 33.21 11.20 40.94
N LEU B 223 32.08 11.89 41.10
CA LEU B 223 32.13 13.29 41.52
C LEU B 223 32.60 13.39 42.97
N TYR B 224 32.02 12.59 43.86
CA TYR B 224 32.43 12.63 45.26
C TYR B 224 33.89 12.26 45.45
N PHE B 225 34.50 11.53 44.52
CA PHE B 225 35.88 11.15 44.77
C PHE B 225 36.87 12.02 44.02
N LEU B 226 36.53 12.52 42.84
CA LEU B 226 37.43 13.46 42.17
C LEU B 226 37.42 14.81 42.86
N LEU B 227 36.32 15.14 43.52
CA LEU B 227 36.15 16.37 44.26
C LEU B 227 35.93 16.01 45.72
N LYS B 228 36.57 16.75 46.61
CA LYS B 228 36.52 16.42 48.03
C LYS B 228 35.69 17.47 48.75
N PRO B 229 34.38 17.46 48.56
CA PRO B 229 33.55 18.53 49.11
C PRO B 229 33.44 18.56 50.62
N THR B 230 32.67 19.52 51.11
CA THR B 230 32.44 19.78 52.53
C THR B 230 30.94 19.77 52.81
N LEU B 231 30.29 18.70 52.37
CA LEU B 231 28.83 18.65 52.34
C LEU B 231 28.17 18.71 53.70
N ASN B 232 28.96 18.69 54.77
CA ASN B 232 28.39 18.84 56.11
C ASN B 232 27.90 20.26 56.30
N GLY B 233 26.70 20.39 56.82
CA GLY B 233 26.13 21.71 57.04
C GLY B 233 24.66 21.61 57.40
N MET B 234 24.03 22.78 57.42
CA MET B 234 22.62 22.91 57.74
C MET B 234 21.92 23.58 56.57
N PHE B 235 20.60 23.58 56.63
CA PHE B 235 19.76 23.74 55.44
C PHE B 235 18.70 24.78 55.74
N GLU B 236 18.79 25.93 55.06
CA GLU B 236 17.82 27.01 55.18
C GLU B 236 17.34 27.39 53.79
N LEU B 237 16.14 26.98 53.45
CA LEU B 237 15.52 27.30 52.17
C LEU B 237 14.44 28.36 52.38
N ASP B 238 14.51 29.43 51.59
CA ASP B 238 13.66 30.60 51.78
C ASP B 238 12.71 30.70 50.59
N ARG B 239 11.51 30.13 50.74
CA ARG B 239 10.44 30.30 49.77
C ARG B 239 9.15 29.81 50.42
N ALA B 240 8.05 30.45 50.05
CA ALA B 240 6.74 30.06 50.56
C ALA B 240 6.53 28.58 50.28
N PRO B 241 6.52 27.72 51.30
CA PRO B 241 6.33 26.29 51.05
C PRO B 241 5.07 26.01 50.24
N VAL B 242 4.99 24.79 49.72
CA VAL B 242 3.95 24.37 48.80
C VAL B 242 3.13 23.26 49.45
N ASN B 243 1.98 22.98 48.86
CA ASN B 243 1.12 21.95 49.40
C ASN B 243 0.18 21.45 48.31
N TRP B 244 -0.32 20.24 48.52
CA TRP B 244 -1.23 19.60 47.58
C TRP B 244 -2.52 20.39 47.47
N ASP B 245 -3.02 20.53 46.24
CA ASP B 245 -4.30 21.17 45.99
C ASP B 245 -4.97 20.49 44.82
N LYS B 246 -6.30 20.57 44.79
CA LYS B 246 -7.03 19.92 43.71
C LYS B 246 -6.59 20.50 42.38
N GLY B 247 -6.41 19.62 41.40
CA GLY B 247 -5.74 19.94 40.16
C GLY B 247 -4.34 19.36 40.09
N LYS B 248 -3.72 19.16 41.24
CA LYS B 248 -2.45 18.44 41.29
C LYS B 248 -2.65 16.96 41.54
N VAL B 249 -3.57 16.59 42.43
CA VAL B 249 -3.86 15.18 42.63
C VAL B 249 -4.53 14.60 41.40
N VAL B 250 -5.36 15.40 40.72
CA VAL B 250 -5.95 14.95 39.46
C VAL B 250 -4.85 14.69 38.44
N THR B 251 -3.88 15.60 38.37
CA THR B 251 -2.79 15.42 37.42
C THR B 251 -1.97 14.20 37.78
N LEU B 252 -1.78 13.96 39.07
CA LEU B 252 -1.07 12.77 39.50
C LEU B 252 -1.82 11.50 39.12
N GLY B 253 -3.12 11.48 39.34
CA GLY B 253 -3.91 10.34 38.93
C GLY B 253 -3.78 10.09 37.44
N ILE B 254 -3.88 11.13 36.64
CA ILE B 254 -3.78 10.98 35.20
C ILE B 254 -2.39 10.49 34.81
N PHE B 255 -1.36 11.06 35.43
CA PHE B 255 0.01 10.68 35.11
C PHE B 255 0.28 9.24 35.50
N GLY B 256 -0.16 8.84 36.69
CA GLY B 256 0.04 7.47 37.13
C GLY B 256 -0.73 6.48 36.27
N LEU B 257 -1.96 6.83 35.91
CA LEU B 257 -2.74 5.98 35.04
C LEU B 257 -2.08 5.86 33.67
N THR B 258 -1.54 6.95 33.16
CA THR B 258 -0.90 6.92 31.86
C THR B 258 0.34 6.04 31.89
N VAL B 259 1.16 6.20 32.93
CA VAL B 259 2.34 5.37 33.09
C VAL B 259 1.95 3.90 33.25
N PHE B 260 0.85 3.65 33.96
CA PHE B 260 0.39 2.29 34.16
C PHE B 260 0.00 1.65 32.84
N LEU B 261 -0.76 2.38 32.02
CA LEU B 261 -1.08 1.87 30.68
C LEU B 261 0.17 1.66 29.85
N TRP B 262 1.15 2.55 30.01
CA TRP B 262 2.38 2.45 29.25
C TRP B 262 3.17 1.20 29.63
N ILE B 263 3.22 0.89 30.92
CA ILE B 263 4.01 -0.25 31.37
C ILE B 263 3.29 -1.56 31.04
N PHE B 264 2.13 -1.76 31.64
CA PHE B 264 1.25 -2.86 31.24
C PHE B 264 0.45 -2.45 30.01
N SER B 265 1.14 -2.41 28.89
CA SER B 265 0.51 -2.06 27.62
C SER B 265 0.27 -3.25 26.72
N SER B 266 1.01 -4.34 26.89
CA SER B 266 0.76 -5.52 26.09
C SER B 266 -0.39 -6.33 26.66
N PRO B 267 -0.39 -6.61 27.97
CA PRO B 267 -1.53 -7.33 28.55
C PRO B 267 -2.84 -6.61 28.36
N ILE B 268 -2.83 -5.28 28.50
CA ILE B 268 -4.04 -4.49 28.32
C ILE B 268 -4.44 -4.48 26.86
N ASN B 269 -3.48 -4.29 25.97
CA ASN B 269 -3.79 -4.22 24.54
C ASN B 269 -4.43 -5.52 24.08
N ALA B 270 -3.85 -6.65 24.48
CA ALA B 270 -4.43 -7.95 24.13
C ALA B 270 -5.84 -8.06 24.67
N ALA B 271 -6.09 -7.52 25.85
CA ALA B 271 -7.42 -7.53 26.46
C ALA B 271 -8.32 -6.44 25.91
N LEU B 272 -7.89 -5.70 24.90
CA LEU B 272 -8.70 -4.67 24.28
C LEU B 272 -8.96 -4.90 22.80
N GLY B 273 -8.09 -5.62 22.11
CA GLY B 273 -8.29 -5.92 20.72
C GLY B 273 -7.01 -5.88 19.92
N GLY B 274 -5.90 -5.54 20.57
CA GLY B 274 -4.61 -5.67 19.95
C GLY B 274 -4.24 -4.55 19.00
N PHE B 275 -4.06 -3.31 19.47
CA PHE B 275 -3.82 -2.26 18.50
C PHE B 275 -2.34 -1.94 18.48
N LYS B 276 -1.90 -1.39 17.36
CA LYS B 276 -0.48 -1.49 17.00
C LYS B 276 0.41 -0.68 17.95
N SER B 277 0.02 0.56 18.24
CA SER B 277 0.90 1.48 18.95
C SER B 277 0.20 1.99 20.19
N PHE B 278 -0.33 1.05 20.99
CA PHE B 278 -1.24 1.41 22.06
C PHE B 278 -0.62 2.35 23.07
N ASP B 279 0.71 2.41 23.14
CA ASP B 279 1.33 3.40 24.01
C ASP B 279 1.08 4.80 23.49
N THR B 280 1.11 4.98 22.19
CA THR B 280 0.82 6.28 21.60
C THR B 280 -0.64 6.66 21.81
N LEU B 281 -1.55 5.69 21.70
CA LEU B 281 -2.95 5.96 21.97
C LEU B 281 -3.16 6.27 23.44
N VAL B 282 -2.33 5.69 24.31
CA VAL B 282 -2.32 6.09 25.72
C VAL B 282 -1.89 7.54 25.86
N ALA B 283 -0.88 7.94 25.10
CA ALA B 283 -0.41 9.32 25.18
C ALA B 283 -1.50 10.28 24.77
N LEU B 284 -2.13 10.02 23.63
CA LEU B 284 -3.23 10.86 23.19
C LEU B 284 -4.35 10.87 24.22
N GLY B 285 -4.66 9.71 24.78
CA GLY B 285 -5.65 9.66 25.84
C GLY B 285 -5.27 10.48 27.03
N ALA B 286 -3.98 10.58 27.33
CA ALA B 286 -3.53 11.43 28.42
C ALA B 286 -3.80 12.89 28.09
N ILE B 287 -3.51 13.29 26.86
CA ILE B 287 -3.86 14.65 26.43
C ILE B 287 -5.34 14.91 26.64
N LEU B 288 -6.19 13.95 26.23
CA LEU B 288 -7.62 14.18 26.30
C LEU B 288 -8.12 14.19 27.75
N MET B 289 -7.58 13.30 28.59
CA MET B 289 -7.95 13.29 29.99
C MET B 289 -7.57 14.62 30.64
N LEU B 290 -6.39 15.13 30.33
CA LEU B 290 -5.95 16.39 30.89
C LEU B 290 -6.86 17.53 30.45
N SER B 291 -7.10 17.63 29.15
CA SER B 291 -7.91 18.73 28.65
C SER B 291 -9.33 18.66 29.16
N PHE B 292 -9.94 17.47 29.20
CA PHE B 292 -11.27 17.33 29.77
C PHE B 292 -11.29 17.52 31.27
N ALA B 293 -10.15 17.40 31.94
CA ALA B 293 -10.04 17.69 33.35
C ALA B 293 -9.54 19.10 33.64
N ARG B 294 -9.08 19.81 32.61
CA ARG B 294 -8.81 21.24 32.66
C ARG B 294 -7.56 21.60 33.43
N VAL B 295 -6.71 20.65 33.75
CA VAL B 295 -5.47 20.95 34.43
C VAL B 295 -4.52 21.70 33.52
N VAL B 296 -4.54 21.38 32.23
CA VAL B 296 -3.72 22.08 31.25
C VAL B 296 -4.61 22.55 30.11
N HIS B 297 -4.15 23.58 29.42
CA HIS B 297 -4.79 24.11 28.23
C HIS B 297 -3.81 24.04 27.07
N TRP B 298 -4.31 23.66 25.90
CA TRP B 298 -3.43 23.36 24.77
C TRP B 298 -2.44 24.47 24.50
N LYS B 299 -2.70 25.68 24.96
CA LYS B 299 -1.76 26.77 24.74
C LYS B 299 -0.44 26.45 25.42
N GLU B 300 -0.50 25.88 26.62
CA GLU B 300 0.69 25.43 27.32
C GLU B 300 1.40 24.33 26.55
N ILE B 301 0.62 23.36 26.06
CA ILE B 301 1.21 22.24 25.35
C ILE B 301 1.86 22.68 24.04
N GLN B 302 1.48 23.84 23.52
CA GLN B 302 2.07 24.34 22.30
C GLN B 302 3.22 25.29 22.57
N LYS B 303 3.21 25.94 23.73
CA LYS B 303 4.30 26.81 24.14
C LYS B 303 5.45 26.02 24.74
N THR B 304 5.19 24.81 25.21
CA THR B 304 6.16 23.97 25.88
C THR B 304 6.84 22.99 24.94
N ALA B 305 6.06 22.15 24.27
CA ALA B 305 6.62 21.13 23.41
C ALA B 305 7.60 21.73 22.41
N ASP B 306 8.53 20.91 21.96
CA ASP B 306 9.58 21.30 21.03
C ASP B 306 9.30 20.57 19.74
N TRP B 307 8.46 21.17 18.90
CA TRP B 307 8.06 20.55 17.64
C TRP B 307 9.23 20.39 16.70
N GLY B 308 10.33 21.11 16.93
CA GLY B 308 11.54 20.86 16.17
C GLY B 308 12.01 19.43 16.33
N VAL B 309 11.96 18.92 17.55
CA VAL B 309 12.31 17.54 17.81
C VAL B 309 11.35 16.60 17.08
N LEU B 310 10.07 16.94 17.07
CA LEU B 310 9.08 16.08 16.45
C LEU B 310 9.21 16.07 14.94
N LEU B 311 9.80 17.10 14.36
CA LEU B 311 10.13 17.07 12.94
C LEU B 311 11.46 16.36 12.71
N LEU B 312 12.35 16.43 13.70
CA LEU B 312 13.61 15.73 13.62
C LEU B 312 13.42 14.22 13.58
N PHE B 313 12.49 13.72 14.37
CA PHE B 313 12.22 12.30 14.35
C PHE B 313 11.90 11.85 12.92
N GLY B 314 11.02 12.61 12.26
CA GLY B 314 10.67 12.28 10.90
C GLY B 314 11.83 12.42 9.94
N GLY B 315 12.66 13.44 10.13
CA GLY B 315 13.80 13.61 9.25
C GLY B 315 14.78 12.46 9.36
N GLY B 316 15.09 12.06 10.58
CA GLY B 316 15.96 10.91 10.78
C GLY B 316 15.36 9.63 10.24
N LEU B 317 14.06 9.45 10.43
CA LEU B 317 13.40 8.28 9.88
C LEU B 317 13.48 8.27 8.35
N CYS B 318 13.31 9.43 7.74
CA CYS B 318 13.44 9.48 6.29
C CYS B 318 14.85 9.16 5.86
N LEU B 319 15.85 9.64 6.59
CA LEU B 319 17.23 9.27 6.27
C LEU B 319 17.43 7.77 6.38
N SER B 320 16.84 7.17 7.40
CA SER B 320 16.91 5.72 7.53
C SER B 320 16.29 5.04 6.33
N ASN B 321 15.13 5.53 5.90
CA ASN B 321 14.42 4.93 4.79
C ASN B 321 15.17 5.14 3.48
N VAL B 322 15.91 6.24 3.37
CA VAL B 322 16.76 6.47 2.21
C VAL B 322 17.91 5.49 2.18
N LEU B 323 18.62 5.34 3.29
CA LEU B 323 19.71 4.39 3.33
C LEU B 323 19.22 2.97 3.13
N LYS B 324 17.95 2.73 3.46
CA LYS B 324 17.33 1.44 3.16
C LYS B 324 17.11 1.29 1.66
N GLN B 325 16.32 2.19 1.07
CA GLN B 325 15.94 2.06 -0.34
C GLN B 325 17.16 1.99 -1.24
N THR B 326 18.06 2.96 -1.11
CA THR B 326 19.21 3.03 -1.99
C THR B 326 20.17 1.86 -1.78
N GLY B 327 19.94 1.03 -0.76
CA GLY B 327 20.89 -0.01 -0.48
C GLY B 327 22.25 0.49 -0.10
N THR B 328 22.37 1.75 0.30
CA THR B 328 23.64 2.27 0.74
C THR B 328 24.14 1.50 1.94
N SER B 329 23.26 1.21 2.88
CA SER B 329 23.67 0.50 4.09
C SER B 329 24.29 -0.84 3.76
N VAL B 330 23.68 -1.55 2.81
CA VAL B 330 24.21 -2.83 2.38
C VAL B 330 25.54 -2.65 1.67
N PHE B 331 25.68 -1.58 0.90
CA PHE B 331 26.96 -1.32 0.23
C PHE B 331 28.06 -1.18 1.26
N LEU B 332 27.80 -0.41 2.32
CA LEU B 332 28.78 -0.28 3.38
C LEU B 332 29.03 -1.61 4.06
N ALA B 333 27.96 -2.28 4.48
CA ALA B 333 28.10 -3.56 5.17
C ALA B 333 28.99 -4.52 4.37
N ASN B 334 28.80 -4.57 3.06
CA ASN B 334 29.67 -5.38 2.22
C ASN B 334 31.08 -4.82 2.16
N ALA B 335 31.23 -3.51 2.28
CA ALA B 335 32.55 -2.90 2.25
C ALA B 335 33.30 -3.11 3.57
N LEU B 336 32.57 -3.14 4.69
CA LEU B 336 33.16 -3.32 6.00
C LEU B 336 33.07 -4.76 6.48
N SER B 337 32.76 -5.71 5.60
CA SER B 337 32.53 -7.07 6.05
C SER B 337 33.77 -7.66 6.70
N ASP B 338 34.94 -7.47 6.10
CA ASP B 338 36.13 -8.11 6.64
C ASP B 338 36.50 -7.53 8.01
N MET B 339 36.50 -6.21 8.14
CA MET B 339 36.88 -5.60 9.39
C MET B 339 35.97 -6.04 10.52
N VAL B 340 34.66 -6.04 10.29
CA VAL B 340 33.73 -6.47 11.32
C VAL B 340 33.71 -7.97 11.49
N SER B 341 34.21 -8.72 10.50
CA SER B 341 34.38 -10.15 10.68
C SER B 341 35.47 -10.42 11.70
N HIS B 342 36.61 -9.76 11.55
CA HIS B 342 37.69 -9.91 12.52
C HIS B 342 37.27 -9.37 13.88
N MET B 343 36.70 -8.17 13.90
CA MET B 343 36.21 -7.58 15.13
C MET B 343 34.98 -8.34 15.60
N GLY B 344 34.93 -8.66 16.88
CA GLY B 344 33.81 -9.41 17.40
C GLY B 344 32.60 -8.52 17.51
N ILE B 345 31.81 -8.73 18.56
CA ILE B 345 30.74 -7.83 18.90
C ILE B 345 31.16 -6.89 20.02
N PHE B 346 31.82 -7.43 21.03
CA PHE B 346 32.31 -6.60 22.13
C PHE B 346 33.08 -5.40 21.60
N VAL B 347 33.95 -5.64 20.62
CA VAL B 347 34.73 -4.55 20.06
C VAL B 347 33.81 -3.61 19.28
N VAL B 348 32.80 -4.15 18.63
CA VAL B 348 31.92 -3.31 17.82
C VAL B 348 31.17 -2.34 18.71
N ILE B 349 30.52 -2.84 19.75
CA ILE B 349 29.76 -1.96 20.63
C ILE B 349 30.70 -1.08 21.44
N LEU B 350 31.91 -1.57 21.75
CA LEU B 350 32.89 -0.72 22.41
C LEU B 350 33.23 0.47 21.54
N VAL B 351 33.50 0.24 20.26
CA VAL B 351 33.85 1.31 19.34
C VAL B 351 32.69 2.27 19.19
N VAL B 352 31.48 1.73 19.02
CA VAL B 352 30.31 2.58 18.83
C VAL B 352 30.10 3.46 20.05
N ALA B 353 30.13 2.86 21.24
CA ALA B 353 29.91 3.62 22.47
C ALA B 353 30.98 4.67 22.66
N THR B 354 32.24 4.30 22.45
CA THR B 354 33.33 5.26 22.58
C THR B 354 33.11 6.43 21.63
N PHE B 355 32.77 6.13 20.38
CA PHE B 355 32.66 7.16 19.36
C PHE B 355 31.56 8.13 19.70
N VAL B 356 30.37 7.63 20.03
CA VAL B 356 29.26 8.53 20.33
C VAL B 356 29.48 9.26 21.64
N VAL B 357 30.02 8.56 22.65
CA VAL B 357 30.22 9.17 23.95
C VAL B 357 31.18 10.34 23.85
N PHE B 358 32.26 10.19 23.09
CA PHE B 358 33.19 11.28 22.90
C PHE B 358 32.80 12.21 21.77
N LEU B 359 31.73 11.90 21.05
CA LEU B 359 31.23 12.77 20.00
C LEU B 359 30.23 13.78 20.56
N THR B 360 29.19 13.30 21.23
CA THR B 360 28.15 14.19 21.72
C THR B 360 28.68 15.28 22.63
N GLU B 361 29.92 15.16 23.11
CA GLU B 361 30.51 16.27 23.84
C GLU B 361 30.68 17.47 22.92
N PHE B 362 31.07 17.22 21.67
CA PHE B 362 31.31 18.29 20.71
C PHE B 362 30.06 18.64 19.93
N ALA B 363 29.27 17.65 19.57
CA ALA B 363 28.02 17.84 18.87
C ALA B 363 26.85 17.74 19.84
N SER B 364 25.65 17.77 19.32
CA SER B 364 24.46 17.63 20.13
C SER B 364 24.10 16.17 20.30
N ASN B 365 23.25 15.90 21.29
CA ASN B 365 22.78 14.55 21.51
C ASN B 365 21.73 14.16 20.49
N THR B 366 20.69 14.98 20.37
CA THR B 366 19.58 14.65 19.49
C THR B 366 20.03 14.54 18.04
N ALA B 367 20.84 15.48 17.58
CA ALA B 367 21.30 15.43 16.20
C ALA B 367 22.22 14.26 15.96
N SER B 368 23.17 14.03 16.87
CA SER B 368 24.07 12.91 16.70
C SER B 368 23.31 11.59 16.64
N ALA B 369 22.33 11.42 17.53
CA ALA B 369 21.50 10.23 17.48
C ALA B 369 20.75 10.14 16.16
N ALA B 370 20.05 11.20 15.78
CA ALA B 370 19.29 11.18 14.54
C ALA B 370 20.18 10.83 13.36
N LEU B 371 21.45 11.16 13.44
CA LEU B 371 22.37 10.87 12.35
C LEU B 371 22.83 9.42 12.39
N LEU B 372 23.20 8.93 13.55
CA LEU B 372 23.89 7.65 13.66
C LEU B 372 22.93 6.48 13.77
N ILE B 373 21.87 6.61 14.55
CA ILE B 373 20.92 5.52 14.72
C ILE B 373 20.43 5.00 13.38
N PRO B 374 20.02 5.84 12.45
CA PRO B 374 19.73 5.35 11.10
C PRO B 374 20.88 4.60 10.46
N VAL B 375 22.02 5.27 10.38
CA VAL B 375 23.22 4.68 9.78
C VAL B 375 23.47 3.31 10.38
N PHE B 376 23.67 3.24 11.70
CA PHE B 376 24.11 2.00 12.32
C PHE B 376 23.01 0.97 12.40
N ALA B 377 21.76 1.39 12.57
CA ALA B 377 20.66 0.44 12.55
C ALA B 377 20.56 -0.24 11.19
N THR B 378 20.67 0.53 10.11
CA THR B 378 20.62 -0.08 8.78
C THR B 378 21.85 -0.95 8.53
N VAL B 379 23.04 -0.44 8.85
CA VAL B 379 24.24 -1.22 8.66
C VAL B 379 24.23 -2.49 9.48
N ALA B 380 23.50 -2.50 10.59
CA ALA B 380 23.34 -3.68 11.40
C ALA B 380 22.29 -4.63 10.88
N GLU B 381 21.22 -4.10 10.30
CA GLU B 381 20.27 -4.93 9.58
C GLU B 381 20.96 -5.66 8.44
N ALA B 382 21.90 -4.99 7.78
CA ALA B 382 22.66 -5.64 6.72
C ALA B 382 23.51 -6.77 7.27
N PHE B 383 24.28 -6.51 8.32
CA PHE B 383 25.20 -7.48 8.89
C PHE B 383 24.49 -8.62 9.59
N GLY B 384 23.18 -8.52 9.77
CA GLY B 384 22.44 -9.45 10.57
C GLY B 384 22.29 -9.05 12.01
N MET B 385 23.18 -8.20 12.52
CA MET B 385 23.10 -7.76 13.90
C MET B 385 21.73 -7.21 14.20
N SER B 386 21.40 -7.20 15.48
CA SER B 386 20.12 -6.66 15.91
C SER B 386 20.21 -5.14 15.95
N PRO B 387 19.44 -4.42 15.13
CA PRO B 387 19.46 -2.95 15.23
C PRO B 387 18.97 -2.45 16.56
N VAL B 388 18.20 -3.25 17.29
CA VAL B 388 17.69 -2.81 18.59
C VAL B 388 18.86 -2.47 19.51
N LEU B 389 19.83 -3.36 19.59
CA LEU B 389 20.95 -3.17 20.51
C LEU B 389 21.73 -1.91 20.16
N LEU B 390 22.11 -1.78 18.90
CA LEU B 390 22.97 -0.66 18.53
C LEU B 390 22.21 0.65 18.63
N SER B 391 20.95 0.67 18.23
CA SER B 391 20.15 1.88 18.32
C SER B 391 20.00 2.31 19.77
N VAL B 392 19.68 1.36 20.65
CA VAL B 392 19.56 1.66 22.06
C VAL B 392 20.89 2.15 22.62
N LEU B 393 21.99 1.55 22.19
CA LEU B 393 23.29 1.94 22.71
C LEU B 393 23.64 3.36 22.30
N ILE B 394 23.33 3.71 21.05
CA ILE B 394 23.63 5.04 20.57
C ILE B 394 22.66 6.07 21.14
N ALA B 395 21.49 5.64 21.59
CA ALA B 395 20.56 6.55 22.23
C ALA B 395 20.87 6.74 23.70
N VAL B 396 21.50 5.73 24.31
CA VAL B 396 21.88 5.81 25.71
C VAL B 396 23.24 6.50 25.87
N ALA B 397 24.10 6.41 24.87
CA ALA B 397 25.41 7.00 24.97
C ALA B 397 25.38 8.47 24.55
N ALA B 398 24.57 8.80 23.56
CA ALA B 398 24.45 10.18 23.13
C ALA B 398 23.98 11.08 24.27
N SER B 399 23.25 10.53 25.23
CA SER B 399 22.89 11.29 26.41
C SER B 399 24.11 11.60 27.28
N CYS B 400 25.13 10.74 27.23
CA CYS B 400 26.34 10.93 28.01
C CYS B 400 27.16 12.05 27.38
N ALA B 401 26.83 13.27 27.77
CA ALA B 401 27.50 14.47 27.29
C ALA B 401 28.15 15.22 28.44
N PHE B 402 28.90 14.50 29.25
CA PHE B 402 29.33 14.94 30.57
C PHE B 402 30.60 15.77 30.57
N MET B 403 31.12 16.14 29.40
CA MET B 403 32.50 16.59 29.32
C MET B 403 32.67 18.09 29.34
N LEU B 404 31.79 18.87 28.73
CA LEU B 404 32.06 20.30 28.56
C LEU B 404 30.75 21.03 28.31
N PRO B 405 30.78 22.37 28.23
CA PRO B 405 29.56 23.13 27.95
C PRO B 405 29.01 22.85 26.57
N VAL B 406 28.09 23.67 26.04
CA VAL B 406 26.93 23.11 25.37
C VAL B 406 27.38 21.93 24.53
N ALA B 407 27.02 20.77 25.02
CA ALA B 407 26.95 19.43 24.47
C ALA B 407 25.60 18.83 24.80
N THR B 408 25.11 19.11 26.01
CA THR B 408 23.73 19.20 26.43
C THR B 408 23.51 20.57 27.02
N PRO B 409 22.30 21.10 26.96
CA PRO B 409 22.04 22.39 27.58
C PRO B 409 22.33 22.36 29.07
N PRO B 410 21.90 21.33 29.80
CA PRO B 410 22.11 21.31 31.25
C PRO B 410 23.52 21.70 31.70
N ASN B 411 24.53 21.16 31.03
CA ASN B 411 25.89 21.53 31.36
C ASN B 411 26.06 23.04 31.28
N ALA B 412 25.46 23.66 30.27
CA ALA B 412 25.62 25.08 30.04
C ALA B 412 24.77 25.90 31.01
N ILE B 413 23.62 25.37 31.39
CA ILE B 413 22.83 25.99 32.45
C ILE B 413 23.65 26.10 33.71
N VAL B 414 24.30 25.00 34.08
CA VAL B 414 25.12 24.98 35.28
C VAL B 414 26.30 25.95 35.15
N PHE B 415 27.05 25.82 34.06
CA PHE B 415 28.20 26.68 33.79
C PHE B 415 27.83 28.09 33.35
N ALA B 416 26.55 28.44 33.39
CA ALA B 416 26.20 29.85 33.40
C ALA B 416 26.51 30.49 34.75
N SER B 417 26.30 29.75 35.84
CA SER B 417 26.38 30.35 37.17
C SER B 417 27.78 30.88 37.45
N GLY B 418 28.81 30.12 37.11
CA GLY B 418 30.18 30.55 37.27
C GLY B 418 30.88 29.98 38.48
N HIS B 419 30.22 29.13 39.26
CA HIS B 419 30.84 28.47 40.41
C HIS B 419 31.58 27.20 40.04
N ILE B 420 31.59 26.82 38.76
CA ILE B 420 32.34 25.67 38.31
C ILE B 420 33.21 26.13 37.15
N LYS B 421 34.41 25.57 37.06
CA LYS B 421 35.27 25.85 35.93
C LYS B 421 34.93 24.98 34.74
N GLN B 422 35.77 25.08 33.70
CA GLN B 422 35.73 24.24 32.53
C GLN B 422 36.64 23.03 32.68
N SER B 423 37.87 23.24 33.14
CA SER B 423 38.82 22.14 33.28
C SER B 423 38.28 21.06 34.20
N GLU B 424 37.63 21.44 35.30
CA GLU B 424 37.05 20.45 36.19
C GLU B 424 35.99 19.62 35.47
N MET B 425 35.13 20.27 34.69
CA MET B 425 34.16 19.53 33.92
C MET B 425 34.85 18.61 32.92
N MET B 426 35.90 19.08 32.26
CA MET B 426 36.58 18.23 31.30
C MET B 426 37.13 16.97 31.97
N ARG B 427 37.81 17.14 33.10
CA ARG B 427 38.39 15.99 33.79
C ARG B 427 37.31 15.03 34.26
N VAL B 428 36.31 15.56 34.97
CA VAL B 428 35.25 14.73 35.51
C VAL B 428 34.54 14.00 34.39
N GLY B 429 34.23 14.71 33.31
CA GLY B 429 33.50 14.10 32.22
C GLY B 429 34.32 13.11 31.46
N LEU B 430 35.65 13.30 31.41
CA LEU B 430 36.50 12.28 30.80
C LEU B 430 36.41 10.99 31.59
N TYR B 431 36.61 11.07 32.91
CA TYR B 431 36.57 9.87 33.72
C TYR B 431 35.19 9.24 33.67
N LEU B 432 34.16 10.06 33.70
CA LEU B 432 32.79 9.57 33.66
C LEU B 432 32.45 8.94 32.33
N ASN B 433 32.97 9.51 31.24
CA ASN B 433 32.66 8.98 29.93
C ASN B 433 33.37 7.66 29.72
N ILE B 434 34.57 7.51 30.25
CA ILE B 434 35.24 6.22 30.22
C ILE B 434 34.45 5.19 31.02
N ALA B 435 34.04 5.55 32.23
CA ALA B 435 33.29 4.60 33.05
C ALA B 435 31.97 4.26 32.40
N CYS B 436 31.33 5.22 31.77
CA CYS B 436 30.05 4.96 31.11
C CYS B 436 30.23 4.11 29.88
N ILE B 437 31.34 4.27 29.18
CA ILE B 437 31.66 3.37 28.08
C ILE B 437 31.76 1.95 28.61
N GLY B 438 32.48 1.78 29.71
CA GLY B 438 32.58 0.46 30.31
C GLY B 438 31.22 -0.10 30.67
N LEU B 439 30.39 0.72 31.30
CA LEU B 439 29.10 0.26 31.76
C LEU B 439 28.19 -0.09 30.58
N LEU B 440 28.13 0.79 29.58
CA LEU B 440 27.32 0.49 28.41
C LEU B 440 27.77 -0.78 27.74
N THR B 441 29.08 -0.94 27.58
CA THR B 441 29.59 -2.15 26.96
C THR B 441 29.19 -3.38 27.75
N ALA B 442 29.29 -3.32 29.08
CA ALA B 442 28.97 -4.49 29.89
C ALA B 442 27.49 -4.82 29.83
N ILE B 443 26.62 -3.84 30.06
CA ILE B 443 25.19 -4.12 30.09
C ILE B 443 24.69 -4.48 28.71
N ALA B 444 25.34 -3.99 27.66
CA ALA B 444 25.00 -4.43 26.32
C ALA B 444 25.39 -5.88 26.12
N MET B 445 26.68 -6.19 26.25
CA MET B 445 27.14 -7.56 26.15
C MET B 445 26.28 -8.50 27.00
N LEU B 446 25.64 -7.99 28.04
CA LEU B 446 24.67 -8.79 28.78
C LEU B 446 23.37 -8.94 28.01
N PHE B 447 22.74 -7.82 27.64
CA PHE B 447 21.47 -7.89 26.93
C PHE B 447 21.57 -8.72 25.65
N TRP B 448 22.76 -8.79 25.06
CA TRP B 448 22.97 -9.68 23.92
C TRP B 448 22.55 -11.09 24.27
N GLN B 449 23.22 -11.70 25.25
CA GLN B 449 22.77 -12.98 25.79
C GLN B 449 21.32 -12.88 26.26
N GLU C 27 0.47 -15.71 -4.75
CA GLU C 27 0.79 -14.27 -4.97
C GLU C 27 2.26 -14.12 -5.28
N VAL C 28 3.10 -14.49 -4.32
CA VAL C 28 4.54 -14.40 -4.46
C VAL C 28 5.08 -15.72 -4.96
N GLN C 29 6.07 -15.67 -5.84
CA GLN C 29 6.70 -16.88 -6.34
C GLN C 29 7.96 -16.50 -7.09
N LEU C 30 8.87 -17.47 -7.19
CA LEU C 30 10.09 -17.34 -7.96
C LEU C 30 10.21 -18.55 -8.86
N VAL C 31 10.45 -18.32 -10.14
CA VAL C 31 10.56 -19.39 -11.12
C VAL C 31 11.98 -19.36 -11.68
N GLU C 32 12.63 -20.51 -11.63
CA GLU C 32 14.03 -20.65 -11.97
C GLU C 32 14.16 -21.41 -13.29
N SER C 33 14.99 -20.88 -14.18
CA SER C 33 15.12 -21.42 -15.52
C SER C 33 16.58 -21.33 -15.94
N GLY C 34 16.86 -21.89 -17.11
CA GLY C 34 18.19 -21.87 -17.66
C GLY C 34 19.08 -23.02 -17.24
N GLY C 35 18.55 -23.99 -16.49
CA GLY C 35 19.34 -25.08 -15.99
C GLY C 35 19.22 -26.31 -16.87
N GLY C 36 20.36 -26.81 -17.31
CA GLY C 36 20.37 -27.99 -18.13
C GLY C 36 21.77 -28.51 -18.36
N LEU C 37 21.90 -29.31 -19.41
CA LEU C 37 23.14 -30.02 -19.68
C LEU C 37 24.28 -29.07 -20.00
N VAL C 38 25.48 -29.45 -19.59
CA VAL C 38 26.68 -28.64 -19.79
C VAL C 38 27.89 -29.56 -19.82
N GLN C 39 28.94 -29.09 -20.46
CA GLN C 39 30.23 -29.76 -20.46
C GLN C 39 31.23 -29.00 -19.60
N PRO C 40 32.23 -29.69 -19.04
CA PRO C 40 33.24 -28.99 -18.25
C PRO C 40 33.96 -27.93 -19.06
N GLY C 41 34.44 -26.90 -18.36
CA GLY C 41 34.97 -25.74 -19.04
C GLY C 41 33.94 -24.99 -19.82
N GLY C 42 32.67 -25.23 -19.55
CA GLY C 42 31.57 -24.68 -20.29
C GLY C 42 30.99 -23.44 -19.67
N SER C 43 29.70 -23.21 -19.94
CA SER C 43 29.03 -22.01 -19.48
C SER C 43 27.54 -22.24 -19.51
N LEU C 44 26.86 -21.71 -18.50
CA LEU C 44 25.41 -21.69 -18.47
C LEU C 44 24.96 -20.41 -17.79
N ARG C 45 23.66 -20.21 -17.71
CA ARG C 45 23.12 -18.95 -17.19
C ARG C 45 21.71 -19.19 -16.68
N LEU C 46 21.55 -19.16 -15.37
CA LEU C 46 20.25 -19.37 -14.76
C LEU C 46 19.56 -18.04 -14.53
N SER C 47 18.25 -18.03 -14.74
CA SER C 47 17.43 -16.87 -14.49
C SER C 47 16.44 -17.21 -13.38
N CYS C 48 16.11 -16.22 -12.57
CA CYS C 48 15.19 -16.39 -11.46
C CYS C 48 14.17 -15.26 -11.52
N ALA C 49 13.11 -15.48 -12.28
CA ALA C 49 12.09 -14.47 -12.47
C ALA C 49 11.17 -14.46 -11.25
N ALA C 50 10.89 -13.26 -10.76
CA ALA C 50 10.19 -13.07 -9.50
C ALA C 50 8.82 -12.47 -9.74
N SER C 51 7.91 -12.73 -8.81
CA SER C 51 6.60 -12.12 -8.83
C SER C 51 6.08 -12.02 -7.41
N GLY C 52 5.30 -10.97 -7.15
CA GLY C 52 4.76 -10.70 -5.85
C GLY C 52 5.59 -9.75 -5.02
N PHE C 53 6.77 -9.40 -5.49
CA PHE C 53 7.62 -8.43 -4.81
C PHE C 53 8.53 -7.79 -5.86
N THR C 54 9.39 -6.89 -5.39
CA THR C 54 10.35 -6.21 -6.24
C THR C 54 11.76 -6.60 -5.83
N ILE C 55 12.55 -7.06 -6.80
CA ILE C 55 13.95 -7.37 -6.57
C ILE C 55 14.66 -6.17 -5.98
N TYR C 56 14.18 -4.96 -6.28
CA TYR C 56 14.85 -3.75 -5.84
C TYR C 56 14.93 -3.69 -4.33
N SER C 57 14.02 -4.35 -3.62
CA SER C 57 13.86 -4.21 -2.18
C SER C 57 14.18 -5.49 -1.44
N SER C 58 15.01 -6.35 -2.02
CA SER C 58 15.34 -7.62 -1.39
C SER C 58 16.63 -8.14 -1.98
N SER C 59 17.22 -9.09 -1.28
CA SER C 59 18.44 -9.74 -1.73
C SER C 59 18.08 -11.06 -2.37
N ILE C 60 18.74 -11.39 -3.47
CA ILE C 60 18.51 -12.64 -4.16
C ILE C 60 19.71 -13.54 -3.91
N HIS C 61 19.42 -14.81 -3.67
CA HIS C 61 20.33 -15.79 -3.13
C HIS C 61 20.27 -17.05 -3.98
N TRP C 62 21.41 -17.46 -4.51
CA TRP C 62 21.49 -18.61 -5.40
C TRP C 62 22.20 -19.72 -4.65
N VAL C 63 21.52 -20.86 -4.55
CA VAL C 63 21.85 -21.92 -3.60
C VAL C 63 21.85 -23.23 -4.36
N ARG C 64 23.03 -23.72 -4.71
CA ARG C 64 23.16 -25.07 -5.24
C ARG C 64 23.13 -26.05 -4.10
N GLN C 65 22.26 -27.05 -4.18
CA GLN C 65 22.22 -27.98 -3.06
C GLN C 65 23.39 -28.94 -3.13
N ALA C 66 23.26 -29.97 -3.95
CA ALA C 66 24.34 -30.87 -4.30
C ALA C 66 23.72 -32.06 -4.99
N PRO C 67 24.50 -32.95 -5.58
CA PRO C 67 23.97 -34.27 -5.89
C PRO C 67 24.00 -35.19 -4.67
N GLY C 68 22.85 -35.39 -4.04
CA GLY C 68 22.76 -36.28 -2.91
C GLY C 68 23.58 -35.84 -1.70
N LYS C 69 23.47 -34.56 -1.35
CA LYS C 69 24.15 -34.03 -0.17
C LYS C 69 23.33 -32.86 0.36
N GLY C 70 23.95 -32.06 1.22
CA GLY C 70 23.27 -30.99 1.90
C GLY C 70 23.38 -29.66 1.19
N LEU C 71 22.66 -28.69 1.74
CA LEU C 71 22.53 -27.40 1.10
C LEU C 71 23.84 -26.64 1.14
N GLU C 72 24.12 -25.94 0.05
CA GLU C 72 25.33 -25.18 -0.12
C GLU C 72 24.96 -23.86 -0.73
N TRP C 73 25.53 -22.80 -0.20
CA TRP C 73 25.27 -21.46 -0.69
C TRP C 73 26.30 -21.06 -1.73
N VAL C 74 25.86 -20.27 -2.71
CA VAL C 74 26.70 -19.97 -3.85
C VAL C 74 26.88 -18.47 -4.05
N ALA C 75 25.79 -17.74 -4.27
CA ALA C 75 25.95 -16.32 -4.57
C ALA C 75 24.76 -15.51 -4.08
N SER C 76 24.92 -14.19 -4.14
CA SER C 76 23.89 -13.28 -3.69
C SER C 76 24.08 -11.91 -4.31
N ILE C 77 22.98 -11.16 -4.37
CA ILE C 77 22.97 -9.84 -4.97
C ILE C 77 21.92 -8.98 -4.29
N TYR C 78 22.25 -7.70 -4.15
CA TYR C 78 21.32 -6.65 -3.77
C TYR C 78 21.42 -5.61 -4.88
N SER C 79 20.36 -5.51 -5.68
CA SER C 79 20.43 -4.73 -6.91
C SER C 79 20.35 -3.24 -6.67
N SER C 80 19.60 -2.82 -5.66
CA SER C 80 19.51 -1.40 -5.37
C SER C 80 20.89 -0.75 -5.32
N SER C 81 21.91 -1.53 -4.97
CA SER C 81 23.28 -1.08 -4.90
C SER C 81 24.18 -1.77 -5.91
N GLY C 82 23.76 -2.90 -6.47
CA GLY C 82 24.65 -3.69 -7.29
C GLY C 82 25.65 -4.47 -6.50
N SER C 83 25.39 -4.69 -5.21
CA SER C 83 26.36 -5.32 -4.32
C SER C 83 26.18 -6.82 -4.37
N THR C 84 27.22 -7.52 -4.81
CA THR C 84 27.18 -8.95 -5.01
C THR C 84 28.19 -9.63 -4.10
N SER C 85 27.81 -10.81 -3.62
CA SER C 85 28.70 -11.61 -2.79
C SER C 85 28.68 -13.03 -3.29
N TYR C 86 29.82 -13.50 -3.80
CA TYR C 86 30.00 -14.88 -4.21
C TYR C 86 30.62 -15.67 -3.06
N ALA C 87 30.47 -16.99 -3.14
CA ALA C 87 31.10 -17.87 -2.17
C ALA C 87 32.57 -18.05 -2.48
N ASP C 88 33.32 -18.48 -1.46
CA ASP C 88 34.76 -18.62 -1.62
C ASP C 88 35.12 -19.66 -2.66
N SER C 89 34.18 -20.54 -3.01
CA SER C 89 34.45 -21.60 -3.96
C SER C 89 34.18 -21.21 -5.40
N VAL C 90 33.47 -20.11 -5.62
CA VAL C 90 33.12 -19.65 -6.96
C VAL C 90 33.37 -18.14 -7.01
N LYS C 91 34.57 -17.75 -7.44
CA LYS C 91 34.91 -16.34 -7.55
C LYS C 91 35.19 -15.93 -8.99
N GLY C 92 36.14 -16.56 -9.65
CA GLY C 92 36.46 -16.24 -11.02
C GLY C 92 35.72 -17.15 -11.98
N ARG C 93 34.68 -17.80 -11.48
CA ARG C 93 33.93 -18.79 -12.22
C ARG C 93 32.47 -18.44 -12.39
N PHE C 94 31.89 -17.72 -11.45
CA PHE C 94 30.49 -17.33 -11.49
C PHE C 94 30.41 -15.83 -11.66
N THR C 95 29.20 -15.36 -11.92
CA THR C 95 28.94 -13.92 -11.95
C THR C 95 27.45 -13.72 -11.85
N ILE C 96 27.00 -13.07 -10.79
CA ILE C 96 25.59 -12.79 -10.62
C ILE C 96 25.31 -11.39 -11.12
N SER C 97 24.04 -11.15 -11.43
CA SER C 97 23.60 -9.92 -12.04
C SER C 97 22.10 -9.83 -11.85
N ALA C 98 21.55 -8.67 -12.19
CA ALA C 98 20.12 -8.47 -12.05
C ALA C 98 19.69 -7.21 -12.78
N ASP C 99 18.71 -7.32 -13.66
CA ASP C 99 18.07 -6.16 -14.26
C ASP C 99 16.67 -6.07 -13.67
N THR C 100 16.40 -4.96 -13.01
CA THR C 100 15.06 -4.66 -12.54
C THR C 100 14.26 -4.26 -13.77
N SER C 101 13.04 -3.77 -13.60
CA SER C 101 12.12 -3.29 -14.62
C SER C 101 11.38 -4.43 -15.29
N LYS C 102 11.73 -5.69 -15.05
CA LYS C 102 10.71 -6.72 -15.08
C LYS C 102 10.68 -7.45 -13.74
N ASN C 103 11.63 -8.36 -13.53
CA ASN C 103 12.27 -8.71 -12.27
C ASN C 103 13.18 -9.87 -12.63
N THR C 104 14.41 -9.89 -12.14
CA THR C 104 15.32 -10.97 -12.51
C THR C 104 16.48 -11.04 -11.53
N ALA C 105 17.18 -12.17 -11.61
CA ALA C 105 18.48 -12.31 -10.95
C ALA C 105 19.21 -13.44 -11.69
N TYR C 106 20.10 -13.05 -12.58
CA TYR C 106 20.83 -14.00 -13.41
C TYR C 106 22.09 -14.45 -12.71
N LEU C 107 22.35 -15.75 -12.78
CA LEU C 107 23.61 -16.33 -12.32
C LEU C 107 24.29 -16.94 -13.54
N GLN C 108 25.30 -16.27 -14.06
CA GLN C 108 26.09 -16.78 -15.17
C GLN C 108 27.19 -17.66 -14.59
N MET C 109 27.10 -18.95 -14.87
CA MET C 109 28.10 -19.90 -14.45
C MET C 109 29.10 -20.11 -15.58
N ASN C 110 30.37 -20.03 -15.25
CA ASN C 110 31.43 -20.18 -16.22
C ASN C 110 32.51 -21.07 -15.63
N SER C 111 33.26 -21.73 -16.51
CA SER C 111 34.28 -22.69 -16.11
C SER C 111 33.69 -23.76 -15.19
N LEU C 112 32.47 -24.18 -15.48
CA LEU C 112 31.83 -25.21 -14.68
C LEU C 112 32.70 -26.45 -14.59
N ARG C 113 32.84 -26.96 -13.39
CA ARG C 113 33.64 -28.13 -13.10
C ARG C 113 32.76 -29.35 -12.92
N ALA C 114 33.41 -30.51 -12.84
CA ALA C 114 32.66 -31.73 -12.60
C ALA C 114 31.94 -31.68 -11.26
N GLU C 115 32.52 -31.03 -10.27
CA GLU C 115 31.94 -30.92 -8.93
C GLU C 115 31.04 -29.69 -8.82
N ASP C 116 30.12 -29.54 -9.75
CA ASP C 116 29.16 -28.45 -9.73
C ASP C 116 27.77 -28.87 -10.16
N THR C 117 27.55 -30.14 -10.46
CA THR C 117 26.23 -30.61 -10.84
C THR C 117 25.31 -30.60 -9.63
N ALA C 118 24.12 -30.03 -9.79
CA ALA C 118 23.30 -29.78 -8.61
C ALA C 118 21.94 -29.24 -9.02
N VAL C 119 21.17 -28.87 -8.02
CA VAL C 119 19.84 -28.31 -8.16
C VAL C 119 19.85 -26.90 -7.60
N TYR C 120 20.10 -25.91 -8.45
CA TYR C 120 20.20 -24.53 -8.00
C TYR C 120 18.82 -23.97 -7.70
N TYR C 121 18.65 -23.45 -6.49
CA TYR C 121 17.48 -22.73 -6.04
C TYR C 121 17.78 -21.24 -6.02
N CYS C 122 16.73 -20.45 -6.02
CA CYS C 122 16.86 -18.98 -5.99
C CYS C 122 15.89 -18.45 -4.97
N ALA C 123 16.41 -17.96 -3.86
CA ALA C 123 15.62 -17.46 -2.76
C ALA C 123 15.74 -15.97 -2.63
N ARG C 124 14.86 -15.41 -1.81
CA ARG C 124 14.82 -14.00 -1.49
C ARG C 124 15.02 -13.84 0.00
N TYR C 125 15.83 -12.86 0.38
CA TYR C 125 16.02 -12.51 1.78
C TYR C 125 15.75 -11.02 1.91
N ASN C 126 14.70 -10.66 2.64
CA ASN C 126 14.49 -9.27 3.00
C ASN C 126 15.27 -8.94 4.26
N ILE C 127 15.73 -7.68 4.33
CA ILE C 127 16.70 -7.26 5.31
C ILE C 127 16.16 -6.18 6.24
N HIS C 128 15.42 -5.21 5.71
CA HIS C 128 15.31 -3.91 6.32
C HIS C 128 13.95 -3.61 6.95
N TYR C 129 12.92 -4.38 6.63
CA TYR C 129 11.60 -4.35 7.29
C TYR C 129 10.77 -3.11 6.92
N TRP C 130 11.41 -2.08 6.39
CA TRP C 130 10.78 -1.13 5.48
C TRP C 130 9.74 -0.20 6.10
N ARG C 131 9.22 -0.54 7.26
CA ARG C 131 8.50 0.40 8.11
C ARG C 131 7.19 0.95 7.51
N TRP C 132 6.91 0.70 6.23
CA TRP C 132 5.63 1.15 5.68
C TRP C 132 4.78 -0.02 5.19
N TYR C 133 5.25 -0.79 4.22
CA TYR C 133 4.54 -1.94 3.70
C TYR C 133 5.39 -2.62 2.64
N ASN C 134 5.37 -3.94 2.62
CA ASN C 134 5.92 -4.67 1.50
C ASN C 134 5.59 -6.14 1.65
N PRO C 135 5.26 -6.83 0.57
CA PRO C 135 5.42 -8.28 0.59
C PRO C 135 6.91 -8.53 0.45
N ALA C 136 7.55 -8.81 1.57
CA ALA C 136 9.01 -8.85 1.62
C ALA C 136 9.53 -10.06 2.35
N GLY C 137 8.74 -10.67 3.22
CA GLY C 137 9.21 -11.78 4.00
C GLY C 137 10.43 -11.33 4.75
N GLN C 138 11.16 -12.27 5.34
CA GLN C 138 12.35 -11.87 6.04
C GLN C 138 13.54 -12.82 5.92
N ALA C 139 13.35 -14.09 5.61
CA ALA C 139 14.52 -14.96 5.42
C ALA C 139 14.14 -16.15 4.56
N MET C 140 14.38 -16.05 3.26
CA MET C 140 14.40 -17.23 2.41
C MET C 140 13.09 -18.00 2.50
N ASP C 141 11.99 -17.27 2.68
CA ASP C 141 10.70 -17.91 2.81
C ASP C 141 10.24 -18.55 1.51
N TYR C 142 10.66 -18.00 0.39
CA TYR C 142 10.08 -18.26 -0.93
C TYR C 142 11.22 -18.50 -1.91
N TRP C 143 11.45 -19.78 -2.20
CA TRP C 143 12.61 -20.24 -2.96
C TRP C 143 12.30 -20.52 -4.43
N GLY C 144 11.40 -21.45 -4.67
CA GLY C 144 11.19 -21.93 -6.02
C GLY C 144 11.07 -23.44 -6.10
N GLN C 145 11.62 -24.03 -7.16
CA GLN C 145 11.48 -25.46 -7.38
C GLN C 145 12.83 -26.10 -7.67
N GLY C 146 13.73 -25.35 -8.32
CA GLY C 146 15.04 -25.85 -8.62
C GLY C 146 15.33 -26.09 -10.07
N THR C 147 16.48 -25.62 -10.55
CA THR C 147 16.97 -25.92 -11.88
C THR C 147 18.15 -26.86 -11.74
N LEU C 148 18.04 -28.03 -12.34
CA LEU C 148 19.10 -29.03 -12.26
C LEU C 148 20.07 -28.82 -13.40
N VAL C 149 21.35 -28.65 -13.08
CA VAL C 149 22.41 -28.59 -14.06
C VAL C 149 23.32 -29.79 -13.84
N THR C 150 23.68 -30.45 -14.94
CA THR C 150 24.44 -31.70 -14.91
C THR C 150 25.66 -31.52 -15.79
N VAL C 151 26.76 -31.03 -15.22
CA VAL C 151 28.02 -31.03 -15.95
C VAL C 151 28.29 -32.45 -16.41
N PHE C 152 28.77 -32.58 -17.64
CA PHE C 152 28.59 -33.80 -18.41
C PHE C 152 29.84 -34.11 -19.22
N ASN C 153 30.17 -35.39 -19.34
CA ASN C 153 31.31 -35.83 -20.13
C ASN C 153 30.92 -36.64 -21.37
N GLN C 154 30.20 -37.77 -21.23
CA GLN C 154 29.99 -38.68 -22.35
C GLN C 154 28.59 -39.31 -22.35
N ILE C 155 28.04 -39.50 -23.55
CA ILE C 155 26.71 -40.05 -23.79
C ILE C 155 26.80 -41.41 -24.46
N LYS C 156 25.63 -41.94 -24.85
CA LYS C 156 25.49 -43.22 -25.53
C LYS C 156 25.57 -44.34 -24.49
N GLY C 157 25.15 -44.02 -23.27
CA GLY C 157 24.85 -45.02 -22.29
C GLY C 157 23.35 -45.23 -22.19
N GLY C 158 22.87 -46.29 -22.82
CA GLY C 158 21.52 -46.74 -22.60
C GLY C 158 21.50 -47.64 -21.38
N PRO C 159 20.44 -47.58 -20.59
CA PRO C 159 20.47 -48.27 -19.30
C PRO C 159 20.50 -49.77 -19.42
N SER C 160 21.69 -50.31 -19.66
CA SER C 160 21.86 -51.76 -19.71
C SER C 160 21.24 -52.40 -18.48
N VAL C 161 20.81 -53.64 -18.64
CA VAL C 161 20.04 -54.33 -17.62
C VAL C 161 20.71 -55.65 -17.30
N PHE C 162 20.57 -56.10 -16.06
CA PHE C 162 21.51 -57.09 -15.61
C PHE C 162 20.92 -57.93 -14.48
N PRO C 163 20.49 -59.15 -14.76
CA PRO C 163 19.74 -59.91 -13.75
C PRO C 163 20.62 -60.35 -12.59
N LEU C 164 19.97 -60.58 -11.46
CA LEU C 164 20.63 -61.08 -10.26
C LEU C 164 19.95 -62.37 -9.85
N ALA C 165 20.72 -63.46 -9.79
CA ALA C 165 20.16 -64.77 -9.55
C ALA C 165 20.14 -65.08 -8.06
N PRO C 166 18.99 -65.34 -7.45
CA PRO C 166 19.00 -65.80 -6.06
C PRO C 166 19.77 -67.11 -5.95
N SER C 167 20.72 -67.13 -5.02
CA SER C 167 21.58 -68.30 -4.86
C SER C 167 20.72 -69.56 -4.73
N SER C 168 21.16 -70.64 -5.38
CA SER C 168 20.40 -71.87 -5.39
C SER C 168 20.13 -72.39 -3.98
N LYS C 169 20.97 -72.02 -3.01
CA LYS C 169 20.80 -72.41 -1.62
C LYS C 169 20.07 -71.34 -0.81
N SER C 170 19.13 -70.63 -1.45
CA SER C 170 18.46 -69.52 -0.79
C SER C 170 17.82 -69.97 0.52
N THR C 171 17.41 -68.98 1.32
CA THR C 171 16.85 -69.25 2.63
C THR C 171 15.76 -70.30 2.57
N SER C 172 16.00 -71.43 3.21
CA SER C 172 15.02 -72.52 3.22
C SER C 172 13.87 -72.18 4.15
N GLY C 173 12.65 -72.36 3.66
CA GLY C 173 11.48 -72.01 4.44
C GLY C 173 11.37 -70.54 4.77
N GLY C 174 12.12 -69.70 4.07
CA GLY C 174 12.13 -68.27 4.30
C GLY C 174 11.95 -67.50 3.01
N THR C 175 12.48 -66.28 2.99
CA THR C 175 12.36 -65.39 1.86
C THR C 175 13.71 -65.13 1.22
N ALA C 176 13.71 -64.95 -0.09
CA ALA C 176 14.91 -64.65 -0.86
C ALA C 176 14.63 -63.47 -1.76
N ALA C 177 15.53 -62.50 -1.74
CA ALA C 177 15.38 -61.30 -2.55
C ALA C 177 16.26 -61.37 -3.78
N LEU C 178 15.73 -60.89 -4.90
CA LEU C 178 16.47 -60.85 -6.14
C LEU C 178 16.21 -59.51 -6.81
N GLY C 179 17.13 -59.09 -7.68
CA GLY C 179 17.06 -57.78 -8.26
C GLY C 179 17.55 -57.75 -9.69
N CYS C 180 17.30 -56.62 -10.33
CA CYS C 180 17.85 -56.30 -11.63
C CYS C 180 18.67 -55.03 -11.50
N LEU C 181 19.88 -55.06 -12.05
CA LEU C 181 20.83 -53.96 -11.97
C LEU C 181 20.74 -53.15 -13.24
N VAL C 182 20.56 -51.84 -13.09
CA VAL C 182 20.61 -50.90 -14.20
C VAL C 182 22.02 -50.34 -14.25
N LYS C 183 22.72 -50.68 -15.32
CA LYS C 183 24.13 -50.43 -15.53
C LYS C 183 24.34 -49.39 -16.62
N ASP C 184 25.27 -48.46 -16.36
CA ASP C 184 25.83 -47.58 -17.38
C ASP C 184 24.74 -46.80 -18.12
N TYR C 185 24.08 -45.91 -17.38
CA TYR C 185 23.06 -45.06 -17.94
C TYR C 185 23.27 -43.60 -17.55
N PHE C 186 22.58 -42.72 -18.28
CA PHE C 186 22.66 -41.27 -18.13
C PHE C 186 21.25 -40.77 -17.85
N PRO C 187 21.00 -39.50 -18.00
CA PRO C 187 20.44 -38.68 -16.94
C PRO C 187 19.22 -39.23 -16.22
N GLU C 188 19.02 -38.72 -15.02
CA GLU C 188 17.80 -39.02 -14.29
C GLU C 188 16.58 -38.59 -15.10
N PRO C 189 15.46 -39.29 -14.98
CA PRO C 189 15.28 -40.49 -14.15
C PRO C 189 15.31 -41.79 -14.95
N VAL C 190 15.40 -42.90 -14.24
CA VAL C 190 15.18 -44.23 -14.79
C VAL C 190 14.20 -44.94 -13.87
N THR C 191 13.14 -45.49 -14.42
CA THR C 191 12.11 -46.15 -13.63
C THR C 191 12.23 -47.66 -13.80
N VAL C 192 12.15 -48.39 -12.69
CA VAL C 192 12.29 -49.83 -12.69
C VAL C 192 11.18 -50.38 -11.82
N SER C 193 10.10 -50.85 -12.46
CA SER C 193 8.97 -51.48 -11.77
C SER C 193 8.95 -52.95 -12.15
N TRP C 194 8.63 -53.79 -11.18
CA TRP C 194 8.73 -55.24 -11.34
C TRP C 194 7.40 -55.81 -11.81
N ASN C 195 7.42 -56.51 -12.94
CA ASN C 195 6.23 -57.17 -13.49
C ASN C 195 5.08 -56.18 -13.67
N SER C 196 5.41 -54.99 -14.19
CA SER C 196 4.41 -53.99 -14.56
C SER C 196 3.43 -53.72 -13.42
N GLY C 197 3.98 -53.40 -12.26
CA GLY C 197 3.16 -53.04 -11.12
C GLY C 197 2.54 -54.21 -10.40
N ALA C 198 2.88 -55.44 -10.77
CA ALA C 198 2.31 -56.61 -10.11
C ALA C 198 2.88 -56.85 -8.73
N LEU C 199 4.06 -56.30 -8.43
CA LEU C 199 4.73 -56.53 -7.15
C LEU C 199 5.29 -55.19 -6.66
N THR C 200 4.46 -54.46 -5.91
CA THR C 200 4.90 -53.24 -5.24
C THR C 200 5.14 -53.46 -3.75
N SER C 201 5.14 -54.71 -3.31
CA SER C 201 5.37 -55.06 -1.92
C SER C 201 6.75 -55.70 -1.82
N GLY C 202 7.60 -55.16 -0.95
CA GLY C 202 8.96 -55.65 -0.84
C GLY C 202 9.88 -55.17 -1.93
N VAL C 203 9.49 -54.17 -2.69
CA VAL C 203 10.35 -53.61 -3.72
C VAL C 203 11.22 -52.53 -3.09
N HIS C 204 12.39 -52.33 -3.69
CA HIS C 204 13.31 -51.29 -3.25
C HIS C 204 14.09 -50.81 -4.48
N THR C 205 13.82 -49.58 -4.88
CA THR C 205 14.48 -48.95 -6.02
C THR C 205 15.49 -47.96 -5.44
N PHE C 206 16.74 -48.39 -5.38
CA PHE C 206 17.77 -47.62 -4.72
C PHE C 206 18.07 -46.34 -5.50
N PRO C 207 18.54 -45.30 -4.81
CA PRO C 207 18.93 -44.09 -5.52
C PRO C 207 20.15 -44.34 -6.40
N ALA C 208 20.23 -43.56 -7.47
CA ALA C 208 21.28 -43.75 -8.45
C ALA C 208 22.63 -43.27 -7.92
N VAL C 209 23.68 -43.96 -8.32
CA VAL C 209 25.04 -43.65 -7.89
C VAL C 209 25.86 -43.34 -9.12
N LEU C 210 26.73 -42.34 -9.00
CA LEU C 210 27.55 -41.88 -10.10
C LEU C 210 28.84 -42.69 -10.14
N GLN C 211 29.06 -43.40 -11.24
CA GLN C 211 30.24 -44.23 -11.39
C GLN C 211 31.46 -43.38 -11.72
N SER C 212 32.64 -43.98 -11.56
CA SER C 212 33.87 -43.24 -11.78
C SER C 212 33.99 -42.74 -13.21
N SER C 213 33.19 -43.27 -14.14
CA SER C 213 33.23 -42.89 -15.55
C SER C 213 32.12 -41.93 -15.94
N GLY C 214 31.39 -41.37 -14.97
CA GLY C 214 30.35 -40.43 -15.28
C GLY C 214 29.04 -41.03 -15.70
N LEU C 215 28.90 -42.35 -15.62
CA LEU C 215 27.68 -43.05 -16.01
C LEU C 215 26.97 -43.56 -14.76
N TYR C 216 25.73 -43.16 -14.58
CA TYR C 216 24.94 -43.59 -13.44
C TYR C 216 24.61 -45.07 -13.55
N SER C 217 24.30 -45.68 -12.41
CA SER C 217 23.87 -47.06 -12.36
C SER C 217 23.23 -47.40 -11.03
N LEU C 218 21.98 -47.85 -11.03
CA LEU C 218 21.28 -48.18 -9.80
C LEU C 218 20.91 -49.66 -9.78
N SER C 219 20.22 -50.06 -8.73
CA SER C 219 19.72 -51.41 -8.56
C SER C 219 18.26 -51.34 -8.17
N SER C 220 17.51 -52.38 -8.53
CA SER C 220 16.10 -52.47 -8.14
C SER C 220 15.83 -53.90 -7.70
N VAL C 221 15.39 -54.07 -6.46
CA VAL C 221 15.33 -55.38 -5.84
C VAL C 221 13.93 -55.64 -5.31
N VAL C 222 13.61 -56.92 -5.16
CA VAL C 222 12.32 -57.34 -4.64
C VAL C 222 12.54 -58.51 -3.69
N THR C 223 11.79 -58.51 -2.59
CA THR C 223 11.81 -59.58 -1.61
C THR C 223 10.63 -60.50 -1.86
N VAL C 224 10.87 -61.80 -1.79
CA VAL C 224 9.84 -62.78 -2.10
C VAL C 224 10.13 -64.10 -1.37
N PRO C 225 9.13 -64.90 -1.04
CA PRO C 225 9.41 -66.23 -0.47
C PRO C 225 10.22 -67.09 -1.43
N SER C 226 11.06 -67.94 -0.84
CA SER C 226 11.88 -68.86 -1.62
C SER C 226 11.06 -69.95 -2.32
N SER C 227 9.79 -70.11 -1.97
CA SER C 227 8.97 -71.14 -2.57
C SER C 227 8.22 -70.65 -3.79
N SER C 228 7.65 -69.45 -3.73
CA SER C 228 6.88 -68.90 -4.84
C SER C 228 7.76 -68.32 -5.95
N LEU C 229 9.07 -68.58 -5.92
CA LEU C 229 9.95 -68.03 -6.94
C LEU C 229 9.68 -68.67 -8.30
N GLY C 230 9.38 -69.97 -8.32
CA GLY C 230 9.27 -70.68 -9.57
C GLY C 230 7.94 -70.53 -10.29
N THR C 231 6.90 -70.13 -9.59
CA THR C 231 5.58 -70.01 -10.20
C THR C 231 5.40 -68.72 -10.98
N GLN C 232 6.35 -67.79 -10.91
CA GLN C 232 6.24 -66.52 -11.61
C GLN C 232 7.58 -66.18 -12.25
N THR C 233 7.53 -65.35 -13.28
CA THR C 233 8.71 -64.75 -13.87
C THR C 233 8.81 -63.30 -13.41
N TYR C 234 9.95 -62.93 -12.86
CA TYR C 234 10.16 -61.61 -12.30
C TYR C 234 10.94 -60.76 -13.28
N ILE C 235 10.32 -59.68 -13.73
CA ILE C 235 10.80 -58.90 -14.87
C ILE C 235 10.66 -57.42 -14.52
N CYS C 236 11.71 -56.65 -14.76
CA CYS C 236 11.76 -55.24 -14.38
C CYS C 236 11.75 -54.37 -15.64
N ASN C 237 10.87 -53.37 -15.66
CA ASN C 237 10.70 -52.49 -16.81
C ASN C 237 11.59 -51.27 -16.65
N VAL C 238 12.57 -51.14 -17.53
CA VAL C 238 13.57 -50.07 -17.45
C VAL C 238 13.11 -48.95 -18.35
N ASN C 239 12.32 -48.03 -17.79
CA ASN C 239 11.82 -46.89 -18.52
C ASN C 239 12.84 -45.75 -18.46
N HIS C 240 13.22 -45.25 -19.64
CA HIS C 240 14.22 -44.21 -19.78
C HIS C 240 13.80 -43.35 -20.96
N LYS C 241 13.38 -42.12 -20.69
CA LYS C 241 12.85 -41.27 -21.75
C LYS C 241 13.94 -40.63 -22.61
N PRO C 242 14.97 -40.02 -21.99
CA PRO C 242 16.03 -39.39 -22.79
C PRO C 242 16.42 -40.16 -24.05
N SER C 243 16.79 -41.43 -23.91
CA SER C 243 17.11 -42.26 -25.05
C SER C 243 15.96 -43.18 -25.46
N ASN C 244 14.80 -43.05 -24.84
CA ASN C 244 13.62 -43.84 -25.18
C ASN C 244 13.95 -45.33 -25.18
N THR C 245 14.26 -45.84 -23.99
CA THR C 245 14.59 -47.25 -23.80
C THR C 245 13.52 -47.89 -22.93
N LYS C 246 13.18 -49.14 -23.27
CA LYS C 246 12.32 -49.97 -22.44
C LYS C 246 12.85 -51.40 -22.59
N VAL C 247 13.39 -51.95 -21.52
CA VAL C 247 13.96 -53.29 -21.52
C VAL C 247 13.37 -54.06 -20.36
N ASP C 248 13.34 -55.38 -20.48
CA ASP C 248 12.69 -56.22 -19.48
C ASP C 248 13.50 -57.51 -19.38
N LYS C 249 14.18 -57.71 -18.26
CA LYS C 249 15.03 -58.88 -18.08
C LYS C 249 14.30 -59.97 -17.31
N LYS C 250 14.44 -61.20 -17.77
CA LYS C 250 13.79 -62.36 -17.17
C LYS C 250 14.77 -62.99 -16.19
N VAL C 251 14.45 -62.90 -14.90
CA VAL C 251 15.26 -63.53 -13.86
C VAL C 251 14.92 -65.01 -13.86
N GLU C 252 15.82 -65.83 -14.41
CA GLU C 252 15.61 -67.26 -14.57
C GLU C 252 16.74 -68.01 -13.87
N PRO C 253 16.59 -68.33 -12.60
CA PRO C 253 17.66 -69.09 -11.91
C PRO C 253 17.89 -70.44 -12.59
N LYS C 254 19.15 -70.84 -12.64
CA LYS C 254 19.51 -72.12 -13.24
C LYS C 254 19.03 -73.26 -12.35
N GLU D 27 -5.18 -8.38 -13.25
CA GLU D 27 -5.18 -8.13 -11.79
C GLU D 27 -6.59 -8.01 -11.27
N VAL D 28 -7.29 -7.00 -11.75
CA VAL D 28 -8.68 -6.75 -11.35
C VAL D 28 -9.61 -7.43 -12.35
N GLN D 29 -10.70 -7.98 -11.84
CA GLN D 29 -11.69 -8.59 -12.71
C GLN D 29 -12.94 -8.88 -11.89
N LEU D 30 -14.06 -8.99 -12.60
CA LEU D 30 -15.33 -9.36 -12.00
C LEU D 30 -15.92 -10.49 -12.85
N VAL D 31 -16.32 -11.56 -12.20
CA VAL D 31 -16.89 -12.73 -12.88
C VAL D 31 -18.33 -12.88 -12.43
N GLU D 32 -19.22 -12.97 -13.39
CA GLU D 32 -20.65 -12.98 -13.15
C GLU D 32 -21.21 -14.36 -13.43
N SER D 33 -22.04 -14.85 -12.52
CA SER D 33 -22.54 -16.21 -12.59
C SER D 33 -23.98 -16.22 -12.11
N GLY D 34 -24.61 -17.38 -12.22
CA GLY D 34 -25.97 -17.56 -11.79
C GLY D 34 -27.02 -17.24 -12.82
N GLY D 35 -26.62 -16.90 -14.05
CA GLY D 35 -27.55 -16.53 -15.09
C GLY D 35 -27.91 -17.68 -15.99
N GLY D 36 -29.20 -17.94 -16.12
CA GLY D 36 -29.66 -19.01 -16.97
C GLY D 36 -31.16 -19.00 -17.12
N LEU D 37 -31.69 -20.15 -17.52
CA LEU D 37 -33.09 -20.27 -17.88
C LEU D 37 -33.99 -20.04 -16.68
N VAL D 38 -35.15 -19.44 -16.94
CA VAL D 38 -36.12 -19.13 -15.90
C VAL D 38 -37.51 -19.09 -16.52
N GLN D 39 -38.52 -19.31 -15.70
CA GLN D 39 -39.90 -19.16 -16.09
C GLN D 39 -40.50 -17.91 -15.46
N PRO D 40 -41.52 -17.31 -16.08
CA PRO D 40 -42.15 -16.14 -15.48
C PRO D 40 -42.73 -16.44 -14.11
N GLY D 41 -42.80 -15.41 -13.27
CA GLY D 41 -43.14 -15.61 -11.89
C GLY D 41 -42.12 -16.41 -11.13
N GLY D 42 -40.92 -16.53 -11.67
CA GLY D 42 -39.88 -17.38 -11.14
C GLY D 42 -38.90 -16.62 -10.28
N SER D 43 -37.68 -17.13 -10.22
CA SER D 43 -36.65 -16.57 -9.36
C SER D 43 -35.29 -17.03 -9.85
N LEU D 44 -34.33 -16.12 -9.78
CA LEU D 44 -32.93 -16.45 -10.04
C LEU D 44 -32.06 -15.60 -9.13
N ARG D 45 -30.76 -15.80 -9.21
CA ARG D 45 -29.85 -15.14 -8.29
C ARG D 45 -28.47 -15.07 -8.93
N LEU D 46 -28.06 -13.88 -9.33
CA LEU D 46 -26.77 -13.69 -9.96
C LEU D 46 -25.74 -13.31 -8.91
N SER D 47 -24.53 -13.83 -9.08
CA SER D 47 -23.41 -13.50 -8.24
C SER D 47 -22.34 -12.81 -9.07
N CYS D 48 -21.64 -11.89 -8.45
CA CYS D 48 -20.60 -11.12 -9.12
C CYS D 48 -19.36 -11.15 -8.24
N ALA D 49 -18.55 -12.18 -8.40
CA ALA D 49 -17.36 -12.35 -7.59
C ALA D 49 -16.25 -11.45 -8.11
N ALA D 50 -15.60 -10.74 -7.20
CA ALA D 50 -14.65 -9.70 -7.54
C ALA D 50 -13.23 -10.11 -7.15
N SER D 51 -12.27 -9.53 -7.85
CA SER D 51 -10.87 -9.73 -7.51
C SER D 51 -10.08 -8.51 -7.96
N GLY D 52 -9.04 -8.20 -7.20
CA GLY D 52 -8.22 -7.05 -7.45
C GLY D 52 -8.60 -5.83 -6.65
N PHE D 53 -9.74 -5.87 -5.95
CA PHE D 53 -10.17 -4.78 -5.10
C PHE D 53 -11.07 -5.36 -4.02
N THR D 54 -11.58 -4.48 -3.17
CA THR D 54 -12.48 -4.87 -2.10
C THR D 54 -13.83 -4.23 -2.32
N ILE D 55 -14.88 -5.06 -2.31
CA ILE D 55 -16.25 -4.57 -2.40
C ILE D 55 -16.52 -3.53 -1.34
N TYR D 56 -15.81 -3.63 -0.20
CA TYR D 56 -16.06 -2.73 0.91
C TYR D 56 -15.85 -1.28 0.53
N SER D 57 -15.01 -1.02 -0.47
CA SER D 57 -14.55 0.31 -0.80
C SER D 57 -15.04 0.76 -2.18
N SER D 58 -16.15 0.20 -2.64
CA SER D 58 -16.66 0.56 -3.96
C SER D 58 -18.13 0.20 -4.02
N SER D 59 -18.80 0.76 -5.02
CA SER D 59 -20.20 0.47 -5.27
C SER D 59 -20.30 -0.55 -6.38
N ILE D 60 -21.22 -1.48 -6.22
CA ILE D 60 -21.45 -2.51 -7.23
C ILE D 60 -22.76 -2.21 -7.92
N HIS D 61 -22.75 -2.37 -9.23
CA HIS D 61 -23.77 -1.90 -10.14
C HIS D 61 -24.19 -3.03 -11.07
N TRP D 62 -25.47 -3.34 -11.08
CA TRP D 62 -26.00 -4.44 -11.87
C TRP D 62 -26.82 -3.85 -13.00
N VAL D 63 -26.43 -4.21 -14.23
CA VAL D 63 -26.82 -3.50 -15.44
C VAL D 63 -27.30 -4.56 -16.44
N ARG D 64 -28.61 -4.72 -16.57
CA ARG D 64 -29.17 -5.51 -17.63
C ARG D 64 -29.17 -4.71 -18.91
N GLN D 65 -28.60 -5.26 -19.99
CA GLN D 65 -28.60 -4.46 -21.19
C GLN D 65 -29.96 -4.48 -21.86
N ALA D 66 -30.24 -5.53 -22.59
CA ALA D 66 -31.56 -5.82 -23.13
C ALA D 66 -31.40 -6.93 -24.16
N PRO D 67 -32.47 -7.51 -24.65
CA PRO D 67 -32.35 -8.27 -25.90
C PRO D 67 -32.39 -7.36 -27.11
N GLY D 68 -31.22 -7.11 -27.71
CA GLY D 68 -31.14 -6.29 -28.91
C GLY D 68 -31.58 -4.85 -28.71
N LYS D 69 -31.10 -4.22 -27.64
CA LYS D 69 -31.40 -2.82 -27.37
C LYS D 69 -30.23 -2.23 -26.59
N GLY D 70 -30.46 -1.07 -25.99
CA GLY D 70 -29.41 -0.34 -25.33
C GLY D 70 -29.31 -0.62 -23.86
N LEU D 71 -28.29 -0.04 -23.24
CA LEU D 71 -27.96 -0.36 -21.86
C LEU D 71 -29.01 0.21 -20.92
N GLU D 72 -29.31 -0.57 -19.89
CA GLU D 72 -30.31 -0.22 -18.91
C GLU D 72 -29.73 -0.56 -17.55
N TRP D 73 -29.90 0.35 -16.62
CA TRP D 73 -29.42 0.17 -15.26
C TRP D 73 -30.48 -0.43 -14.38
N VAL D 74 -30.06 -1.26 -13.44
CA VAL D 74 -31.00 -2.04 -12.64
C VAL D 74 -30.83 -1.79 -11.15
N ALA D 75 -29.65 -2.09 -10.60
CA ALA D 75 -29.50 -1.96 -9.16
C ALA D 75 -28.09 -1.60 -8.76
N SER D 76 -27.92 -1.29 -7.49
CA SER D 76 -26.62 -0.88 -6.96
C SER D 76 -26.58 -1.07 -5.46
N ILE D 77 -25.36 -1.21 -4.96
CA ILE D 77 -25.14 -1.43 -3.54
C ILE D 77 -23.80 -0.85 -3.14
N TYR D 78 -23.76 -0.31 -1.92
CA TYR D 78 -22.55 0.08 -1.22
C TYR D 78 -22.59 -0.66 0.11
N SER D 79 -21.71 -1.65 0.26
CA SER D 79 -21.81 -2.60 1.36
C SER D 79 -21.32 -2.01 2.67
N SER D 80 -20.31 -1.14 2.62
CA SER D 80 -19.82 -0.52 3.84
C SER D 80 -20.96 0.03 4.67
N SER D 81 -22.05 0.41 4.02
CA SER D 81 -23.24 0.93 4.69
C SER D 81 -24.45 0.04 4.52
N GLY D 82 -24.43 -0.86 3.55
CA GLY D 82 -25.63 -1.62 3.23
C GLY D 82 -26.63 -0.82 2.45
N SER D 83 -26.20 0.26 1.80
CA SER D 83 -27.10 1.17 1.12
C SER D 83 -27.32 0.70 -0.30
N THR D 84 -28.56 0.36 -0.63
CA THR D 84 -28.92 -0.20 -1.91
C THR D 84 -29.88 0.73 -2.63
N SER D 85 -29.73 0.79 -3.94
CA SER D 85 -30.62 1.59 -4.79
C SER D 85 -31.05 0.75 -5.97
N TYR D 86 -32.34 0.44 -6.04
CA TYR D 86 -32.93 -0.24 -7.18
C TYR D 86 -33.51 0.78 -8.14
N ALA D 87 -33.70 0.34 -9.38
CA ALA D 87 -34.33 1.17 -10.38
C ALA D 87 -35.84 1.21 -10.18
N ASP D 88 -36.47 2.24 -10.76
CA ASP D 88 -37.90 2.42 -10.57
C ASP D 88 -38.69 1.27 -11.17
N SER D 89 -38.09 0.48 -12.05
CA SER D 89 -38.78 -0.61 -12.71
C SER D 89 -38.71 -1.92 -11.94
N VAL D 90 -37.79 -2.03 -10.99
CA VAL D 90 -37.60 -3.25 -10.21
C VAL D 90 -37.47 -2.84 -8.75
N LYS D 91 -38.59 -2.85 -8.02
CA LYS D 91 -38.59 -2.51 -6.60
C LYS D 91 -39.01 -3.68 -5.74
N GLY D 92 -40.21 -4.22 -5.95
CA GLY D 92 -40.68 -5.34 -5.17
C GLY D 92 -40.39 -6.64 -5.87
N ARG D 93 -39.46 -6.60 -6.82
CA ARG D 93 -39.15 -7.73 -7.66
C ARG D 93 -37.70 -8.18 -7.55
N PHE D 94 -36.79 -7.26 -7.26
CA PHE D 94 -35.38 -7.54 -7.16
C PHE D 94 -34.95 -7.33 -5.71
N THR D 95 -33.73 -7.77 -5.41
CA THR D 95 -33.14 -7.49 -4.11
C THR D 95 -31.65 -7.73 -4.22
N ILE D 96 -30.86 -6.68 -4.03
CA ILE D 96 -29.43 -6.80 -4.08
C ILE D 96 -28.89 -6.99 -2.68
N SER D 97 -27.69 -7.54 -2.60
CA SER D 97 -27.07 -7.90 -1.33
C SER D 97 -25.59 -8.09 -1.58
N ALA D 98 -24.85 -8.24 -0.51
CA ALA D 98 -23.41 -8.42 -0.62
C ALA D 98 -22.82 -8.88 0.70
N ASP D 99 -22.08 -9.99 0.68
CA ASP D 99 -21.30 -10.41 1.82
C ASP D 99 -19.84 -10.19 1.48
N THR D 100 -19.18 -9.35 2.26
CA THR D 100 -17.75 -9.17 2.15
C THR D 100 -17.12 -10.43 2.75
N SER D 101 -15.81 -10.45 2.93
CA SER D 101 -15.01 -11.51 3.52
C SER D 101 -14.71 -12.61 2.52
N LYS D 102 -15.32 -12.62 1.33
CA LYS D 102 -14.61 -13.16 0.19
C LYS D 102 -14.50 -12.10 -0.91
N ASN D 103 -15.61 -11.91 -1.64
CA ASN D 103 -16.06 -10.66 -2.24
C ASN D 103 -17.27 -11.05 -3.04
N THR D 104 -18.37 -10.29 -2.98
CA THR D 104 -19.57 -10.69 -3.71
C THR D 104 -20.50 -9.51 -3.86
N ALA D 105 -21.46 -9.68 -4.76
CA ALA D 105 -22.61 -8.79 -4.85
C ALA D 105 -23.72 -9.57 -5.54
N TYR D 106 -24.64 -10.08 -4.74
CA TYR D 106 -25.71 -10.91 -5.24
C TYR D 106 -26.89 -10.06 -5.65
N LEU D 107 -27.49 -10.39 -6.78
CA LEU D 107 -28.74 -9.79 -7.23
C LEU D 107 -29.76 -10.91 -7.31
N GLN D 108 -30.67 -10.97 -6.34
CA GLN D 108 -31.74 -11.95 -6.33
C GLN D 108 -32.89 -11.36 -7.12
N MET D 109 -33.18 -11.97 -8.26
CA MET D 109 -34.29 -11.57 -9.10
C MET D 109 -35.50 -12.42 -8.77
N ASN D 110 -36.64 -11.77 -8.55
CA ASN D 110 -37.87 -12.45 -8.20
C ASN D 110 -39.00 -11.86 -9.01
N SER D 111 -40.04 -12.66 -9.22
CA SER D 111 -41.18 -12.27 -10.05
C SER D 111 -40.71 -11.84 -11.43
N LEU D 112 -39.71 -12.53 -11.97
CA LEU D 112 -39.20 -12.20 -13.29
C LEU D 112 -40.32 -12.21 -14.31
N ARG D 113 -40.36 -11.18 -15.14
CA ARG D 113 -41.36 -11.01 -16.16
C ARG D 113 -40.79 -11.37 -17.52
N ALA D 114 -41.67 -11.43 -18.51
CA ALA D 114 -41.23 -11.70 -19.87
C ALA D 114 -40.28 -10.62 -20.37
N GLU D 115 -40.49 -9.38 -19.95
CA GLU D 115 -39.67 -8.25 -20.35
C GLU D 115 -38.48 -8.06 -19.42
N ASP D 116 -37.74 -9.13 -19.15
CA ASP D 116 -36.55 -9.06 -18.32
C ASP D 116 -35.41 -9.92 -18.84
N THR D 117 -35.58 -10.59 -19.99
CA THR D 117 -34.50 -11.39 -20.54
C THR D 117 -33.41 -10.49 -21.08
N ALA D 118 -32.17 -10.79 -20.71
CA ALA D 118 -31.12 -9.83 -21.00
C ALA D 118 -29.77 -10.42 -20.62
N VAL D 119 -28.74 -9.58 -20.71
CA VAL D 119 -27.36 -9.91 -20.39
C VAL D 119 -26.91 -9.02 -19.25
N TYR D 120 -27.06 -9.50 -18.02
CA TYR D 120 -26.74 -8.70 -16.85
C TYR D 120 -25.24 -8.63 -16.67
N TYR D 121 -24.72 -7.41 -16.59
CA TYR D 121 -23.33 -7.11 -16.27
C TYR D 121 -23.25 -6.62 -14.83
N CYS D 122 -22.05 -6.68 -14.28
CA CYS D 122 -21.80 -6.25 -12.90
C CYS D 122 -20.55 -5.40 -12.88
N ALA D 123 -20.73 -4.11 -12.68
CA ALA D 123 -19.64 -3.16 -12.70
C ALA D 123 -19.35 -2.63 -11.30
N ARG D 124 -18.22 -1.94 -11.21
CA ARG D 124 -17.78 -1.29 -9.99
C ARG D 124 -17.64 0.19 -10.25
N TYR D 125 -18.10 1.01 -9.31
CA TYR D 125 -17.93 2.45 -9.37
C TYR D 125 -17.28 2.87 -8.07
N ASN D 126 -16.07 3.39 -8.15
CA ASN D 126 -15.45 4.03 -7.00
C ASN D 126 -15.87 5.48 -6.92
N ILE D 127 -15.97 5.98 -5.69
CA ILE D 127 -16.61 7.26 -5.42
C ILE D 127 -15.65 8.26 -4.80
N HIS D 128 -14.80 7.82 -3.86
CA HIS D 128 -14.26 8.70 -2.85
C HIS D 128 -12.77 9.02 -3.02
N TYR D 129 -12.05 8.26 -3.83
CA TYR D 129 -10.67 8.56 -4.23
C TYR D 129 -9.64 8.33 -3.13
N TRP D 130 -10.08 8.24 -1.89
CA TRP D 130 -9.42 7.47 -0.83
C TRP D 130 -8.09 8.03 -0.34
N ARG D 131 -7.46 8.91 -1.12
CA ARG D 131 -6.37 9.76 -0.63
C ARG D 131 -5.12 9.01 -0.18
N TRP D 132 -5.14 7.69 -0.07
CA TRP D 132 -3.93 6.95 0.28
C TRP D 132 -3.50 5.98 -0.82
N TYR D 133 -4.32 5.01 -1.16
CA TYR D 133 -4.03 4.04 -2.21
C TYR D 133 -5.20 3.09 -2.37
N ASN D 134 -5.52 2.74 -3.59
CA ASN D 134 -6.44 1.65 -3.83
C ASN D 134 -6.47 1.32 -5.31
N PRO D 135 -6.52 0.06 -5.69
CA PRO D 135 -7.03 -0.25 -7.02
C PRO D 135 -8.54 -0.08 -6.93
N ALA D 136 -9.01 1.06 -7.41
CA ALA D 136 -10.38 1.47 -7.20
C ALA D 136 -11.04 1.97 -8.46
N GLY D 137 -10.29 2.43 -9.43
CA GLY D 137 -10.88 2.99 -10.63
C GLY D 137 -11.77 4.12 -10.22
N GLN D 138 -12.59 4.60 -11.12
CA GLN D 138 -13.50 5.66 -10.75
C GLN D 138 -14.88 5.61 -11.38
N ALA D 139 -15.08 4.95 -12.51
CA ALA D 139 -16.43 4.83 -13.05
C ALA D 139 -16.53 3.63 -13.97
N MET D 140 -16.99 2.50 -13.43
CA MET D 140 -17.46 1.41 -14.27
C MET D 140 -16.38 0.98 -15.26
N ASP D 141 -15.13 1.06 -14.83
CA ASP D 141 -14.02 0.69 -15.71
C ASP D 141 -14.01 -0.80 -16.00
N TYR D 142 -14.48 -1.61 -15.06
CA TYR D 142 -14.24 -3.05 -15.02
C TYR D 142 -15.56 -3.74 -14.74
N TRP D 143 -16.16 -4.28 -15.80
CA TRP D 143 -17.51 -4.81 -15.77
C TRP D 143 -17.55 -6.33 -15.66
N GLY D 144 -16.98 -7.02 -16.62
CA GLY D 144 -17.15 -8.46 -16.70
C GLY D 144 -17.43 -8.95 -18.10
N GLN D 145 -18.30 -9.95 -18.22
CA GLN D 145 -18.56 -10.54 -19.52
C GLN D 145 -20.06 -10.65 -19.78
N GLY D 146 -20.85 -10.83 -18.72
CA GLY D 146 -22.29 -10.91 -18.85
C GLY D 146 -22.88 -12.26 -18.57
N THR D 147 -23.95 -12.29 -17.78
CA THR D 147 -24.74 -13.49 -17.56
C THR D 147 -26.07 -13.31 -18.26
N LEU D 148 -26.37 -14.19 -19.20
CA LEU D 148 -27.61 -14.11 -19.96
C LEU D 148 -28.70 -14.88 -19.24
N VAL D 149 -29.80 -14.20 -18.93
CA VAL D 149 -30.98 -14.84 -18.39
C VAL D 149 -32.10 -14.71 -19.41
N THR D 150 -32.82 -15.82 -19.63
CA THR D 150 -33.85 -15.92 -20.66
C THR D 150 -35.13 -16.40 -19.99
N VAL D 151 -35.94 -15.46 -19.51
CA VAL D 151 -37.27 -15.82 -19.05
C VAL D 151 -37.97 -16.54 -20.19
N PHE D 152 -38.69 -17.61 -19.85
CA PHE D 152 -38.97 -18.68 -20.78
C PHE D 152 -40.39 -19.20 -20.59
N ASN D 153 -41.04 -19.56 -21.70
CA ASN D 153 -42.39 -20.12 -21.66
C ASN D 153 -42.45 -21.58 -22.11
N GLN D 154 -42.02 -21.91 -23.33
CA GLN D 154 -42.26 -23.24 -23.89
C GLN D 154 -41.08 -23.75 -24.73
N ILE D 155 -40.83 -25.07 -24.64
CA ILE D 155 -39.75 -25.77 -25.33
C ILE D 155 -40.30 -26.71 -26.39
N LYS D 156 -39.40 -27.51 -26.98
CA LYS D 156 -39.71 -28.50 -28.00
C LYS D 156 -39.87 -27.81 -29.33
N GLY D 157 -39.16 -26.69 -29.49
CA GLY D 157 -38.94 -26.09 -30.79
C GLY D 157 -37.56 -26.43 -31.28
N GLY D 158 -37.48 -27.42 -32.17
CA GLY D 158 -36.27 -27.66 -32.90
C GLY D 158 -36.25 -26.76 -34.12
N PRO D 159 -35.08 -26.28 -34.51
CA PRO D 159 -35.03 -25.23 -35.53
C PRO D 159 -35.45 -25.73 -36.90
N SER D 160 -36.77 -25.78 -37.10
CA SER D 160 -37.30 -26.16 -38.40
C SER D 160 -36.64 -25.33 -39.50
N VAL D 161 -36.58 -25.90 -40.70
CA VAL D 161 -35.81 -25.31 -41.78
C VAL D 161 -36.73 -25.19 -43.00
N PHE D 162 -36.46 -24.18 -43.81
CA PHE D 162 -37.54 -23.77 -44.70
C PHE D 162 -36.96 -23.08 -45.94
N PRO D 163 -36.92 -23.75 -47.08
CA PRO D 163 -36.20 -23.20 -48.23
C PRO D 163 -36.93 -22.01 -48.83
N LEU D 164 -36.16 -21.17 -49.52
CA LEU D 164 -36.69 -20.01 -50.23
C LEU D 164 -36.28 -20.13 -51.69
N ALA D 165 -37.28 -20.15 -52.57
CA ALA D 165 -37.03 -20.41 -53.98
C ALA D 165 -36.81 -19.10 -54.72
N PRO D 166 -35.66 -18.90 -55.37
CA PRO D 166 -35.53 -17.71 -56.22
C PRO D 166 -36.56 -17.74 -57.33
N SER D 167 -37.31 -16.65 -57.46
CA SER D 167 -38.37 -16.58 -58.45
C SER D 167 -37.85 -16.99 -59.82
N SER D 168 -38.66 -17.75 -60.55
CA SER D 168 -38.24 -18.27 -61.84
C SER D 168 -37.85 -17.16 -62.80
N LYS D 169 -38.38 -15.95 -62.59
CA LYS D 169 -38.05 -14.78 -63.41
C LYS D 169 -36.94 -13.95 -62.79
N SER D 170 -35.99 -14.59 -62.11
CA SER D 170 -34.96 -13.86 -61.39
C SER D 170 -34.21 -12.92 -62.33
N THR D 171 -33.42 -12.03 -61.73
CA THR D 171 -32.72 -11.00 -62.49
C THR D 171 -31.95 -11.61 -63.65
N SER D 172 -32.34 -11.23 -64.86
CA SER D 172 -31.69 -11.75 -66.07
C SER D 172 -30.33 -11.09 -66.24
N GLY D 173 -29.30 -11.89 -66.48
CA GLY D 173 -27.97 -11.37 -66.62
C GLY D 173 -27.43 -10.71 -65.36
N GLY D 174 -28.06 -10.96 -64.22
CA GLY D 174 -27.67 -10.37 -62.96
C GLY D 174 -27.54 -11.44 -61.88
N THR D 175 -27.76 -11.01 -60.64
CA THR D 175 -27.63 -11.87 -59.48
C THR D 175 -28.97 -12.05 -58.78
N ALA D 176 -29.17 -13.25 -58.22
CA ALA D 176 -30.38 -13.58 -57.50
C ALA D 176 -30.00 -14.19 -56.17
N ALA D 177 -30.60 -13.70 -55.08
CA ALA D 177 -30.30 -14.18 -53.75
C ALA D 177 -31.40 -15.12 -53.28
N LEU D 178 -30.98 -16.19 -52.59
CA LEU D 178 -31.90 -17.16 -52.04
C LEU D 178 -31.45 -17.50 -50.63
N GLY D 179 -32.38 -17.97 -49.81
CA GLY D 179 -32.09 -18.20 -48.41
C GLY D 179 -32.83 -19.41 -47.86
N CYS D 180 -32.42 -19.78 -46.65
CA CYS D 180 -33.11 -20.78 -45.86
C CYS D 180 -33.55 -20.12 -44.56
N LEU D 181 -34.81 -20.34 -44.19
CA LEU D 181 -35.42 -19.74 -43.02
C LEU D 181 -35.36 -20.75 -41.88
N VAL D 182 -34.85 -20.32 -40.74
CA VAL D 182 -34.86 -21.10 -39.52
C VAL D 182 -36.08 -20.66 -38.72
N LYS D 183 -37.03 -21.58 -38.59
CA LYS D 183 -38.34 -21.34 -38.03
C LYS D 183 -38.49 -22.04 -36.67
N ASP D 184 -39.08 -21.33 -35.72
CA ASP D 184 -39.59 -21.91 -34.49
C ASP D 184 -38.50 -22.69 -33.74
N TYR D 185 -37.52 -21.93 -33.25
CA TYR D 185 -36.43 -22.50 -32.47
C TYR D 185 -36.21 -21.72 -31.19
N PHE D 186 -35.47 -22.34 -30.27
CA PHE D 186 -35.14 -21.81 -28.94
C PHE D 186 -33.63 -21.77 -28.83
N PRO D 187 -33.11 -21.66 -27.64
CA PRO D 187 -32.17 -20.59 -27.30
C PRO D 187 -31.01 -20.38 -28.26
N GLU D 188 -30.46 -19.17 -28.19
CA GLU D 188 -29.26 -18.87 -28.93
C GLU D 188 -28.14 -19.82 -28.49
N PRO D 189 -27.22 -20.17 -29.40
CA PRO D 189 -27.20 -19.75 -30.80
C PRO D 189 -27.69 -20.81 -31.76
N VAL D 190 -27.93 -20.41 -33.00
CA VAL D 190 -28.15 -21.33 -34.11
C VAL D 190 -27.24 -20.88 -35.25
N THR D 191 -26.45 -21.81 -35.79
CA THR D 191 -25.50 -21.49 -36.84
C THR D 191 -26.01 -22.00 -38.17
N VAL D 192 -25.92 -21.18 -39.19
CA VAL D 192 -26.42 -21.51 -40.53
C VAL D 192 -25.32 -21.12 -41.51
N SER D 193 -24.54 -22.10 -41.95
CA SER D 193 -23.50 -21.92 -42.95
C SER D 193 -23.91 -22.65 -44.22
N TRP D 194 -23.64 -22.03 -45.37
CA TRP D 194 -24.13 -22.52 -46.64
C TRP D 194 -23.09 -23.44 -47.28
N ASN D 195 -23.50 -24.67 -47.59
CA ASN D 195 -22.64 -25.64 -48.26
C ASN D 195 -21.33 -25.85 -47.49
N SER D 196 -21.43 -25.95 -46.16
CA SER D 196 -20.31 -26.30 -45.30
C SER D 196 -19.10 -25.42 -45.58
N GLY D 197 -19.33 -24.10 -45.52
CA GLY D 197 -18.25 -23.15 -45.69
C GLY D 197 -17.81 -22.94 -47.12
N ALA D 198 -18.51 -23.50 -48.09
CA ALA D 198 -18.15 -23.34 -49.50
C ALA D 198 -18.48 -21.96 -50.03
N LEU D 199 -19.41 -21.25 -49.39
CA LEU D 199 -19.86 -19.94 -49.87
C LEU D 199 -19.96 -19.01 -48.66
N THR D 200 -18.86 -18.33 -48.35
CA THR D 200 -18.84 -17.28 -47.34
C THR D 200 -18.85 -15.89 -47.96
N SER D 201 -19.08 -15.79 -49.26
CA SER D 201 -19.13 -14.52 -49.97
C SER D 201 -20.58 -14.25 -50.35
N GLY D 202 -21.09 -13.09 -49.95
CA GLY D 202 -22.47 -12.76 -50.20
C GLY D 202 -23.44 -13.42 -49.25
N VAL D 203 -22.96 -13.98 -48.14
CA VAL D 203 -23.83 -14.59 -47.14
C VAL D 203 -24.27 -13.51 -46.17
N HIS D 204 -25.44 -13.72 -45.58
CA HIS D 204 -25.99 -12.82 -44.57
C HIS D 204 -26.82 -13.64 -43.61
N THR D 205 -26.33 -13.77 -42.38
CA THR D 205 -27.01 -14.51 -41.32
C THR D 205 -27.63 -13.46 -40.40
N PHE D 206 -28.91 -13.21 -40.58
CA PHE D 206 -29.57 -12.13 -39.87
C PHE D 206 -29.69 -12.45 -38.38
N PRO D 207 -29.74 -11.44 -37.53
CA PRO D 207 -29.96 -11.69 -36.11
C PRO D 207 -31.33 -12.26 -35.85
N ALA D 208 -31.42 -13.05 -34.78
CA ALA D 208 -32.65 -13.74 -34.46
C ALA D 208 -33.70 -12.78 -33.93
N VAL D 209 -34.95 -13.07 -34.26
CA VAL D 209 -36.09 -12.26 -33.85
C VAL D 209 -37.02 -13.12 -33.03
N LEU D 210 -37.57 -12.53 -31.98
CA LEU D 210 -38.44 -13.24 -31.05
C LEU D 210 -39.88 -13.15 -31.56
N GLN D 211 -40.47 -14.31 -31.85
CA GLN D 211 -41.83 -14.37 -32.36
C GLN D 211 -42.83 -14.15 -31.23
N SER D 212 -44.07 -13.86 -31.63
CA SER D 212 -45.10 -13.57 -30.65
C SER D 212 -45.35 -14.75 -29.71
N SER D 213 -44.90 -15.95 -30.08
CA SER D 213 -45.11 -17.15 -29.30
C SER D 213 -43.89 -17.55 -28.47
N GLY D 214 -42.88 -16.69 -28.40
CA GLY D 214 -41.71 -17.00 -27.61
C GLY D 214 -40.69 -17.89 -28.29
N LEU D 215 -40.87 -18.18 -29.57
CA LEU D 215 -39.97 -19.02 -30.32
C LEU D 215 -39.19 -18.16 -31.31
N TYR D 216 -37.87 -18.21 -31.22
CA TYR D 216 -37.02 -17.45 -32.12
C TYR D 216 -37.10 -18.01 -33.53
N SER D 217 -36.73 -17.17 -34.50
CA SER D 217 -36.65 -17.61 -35.90
C SER D 217 -35.89 -16.60 -36.74
N LEU D 218 -34.81 -17.03 -37.38
CA LEU D 218 -34.00 -16.15 -38.19
C LEU D 218 -34.01 -16.60 -39.65
N SER D 219 -33.25 -15.88 -40.47
CA SER D 219 -33.09 -16.19 -41.89
C SER D 219 -31.62 -16.18 -42.21
N SER D 220 -31.22 -16.97 -43.21
CA SER D 220 -29.84 -16.98 -43.67
C SER D 220 -29.84 -17.01 -45.18
N VAL D 221 -29.25 -15.99 -45.80
CA VAL D 221 -29.41 -15.77 -47.23
C VAL D 221 -28.03 -15.69 -47.89
N VAL D 222 -28.02 -15.95 -49.19
CA VAL D 222 -26.80 -15.90 -49.99
C VAL D 222 -27.13 -15.25 -51.33
N THR D 223 -26.21 -14.41 -51.79
CA THR D 223 -26.31 -13.76 -53.09
C THR D 223 -25.46 -14.53 -54.10
N VAL D 224 -26.00 -14.73 -55.29
CA VAL D 224 -25.32 -15.54 -56.31
C VAL D 224 -25.80 -15.12 -57.70
N PRO D 225 -24.98 -15.26 -58.74
CA PRO D 225 -25.47 -15.00 -60.10
C PRO D 225 -26.63 -15.90 -60.46
N SER D 226 -27.53 -15.37 -61.28
CA SER D 226 -28.69 -16.13 -61.75
C SER D 226 -28.32 -17.25 -62.70
N SER D 227 -27.08 -17.29 -63.19
CA SER D 227 -26.67 -18.32 -64.14
C SER D 227 -26.07 -19.53 -63.44
N SER D 228 -25.22 -19.31 -62.44
CA SER D 228 -24.56 -20.40 -61.73
C SER D 228 -25.46 -21.06 -60.70
N LEU D 229 -26.76 -20.77 -60.70
CA LEU D 229 -27.65 -21.37 -59.71
C LEU D 229 -27.80 -22.86 -59.94
N GLY D 230 -27.84 -23.30 -61.21
CA GLY D 230 -28.16 -24.67 -61.51
C GLY D 230 -27.00 -25.63 -61.40
N THR D 231 -25.76 -25.14 -61.42
CA THR D 231 -24.60 -26.01 -61.37
C THR D 231 -24.25 -26.47 -59.96
N GLN D 232 -24.92 -25.92 -58.94
CA GLN D 232 -24.63 -26.27 -57.56
C GLN D 232 -25.93 -26.44 -56.81
N THR D 233 -25.87 -27.21 -55.72
CA THR D 233 -26.95 -27.31 -54.76
C THR D 233 -26.59 -26.49 -53.54
N TYR D 234 -27.49 -25.60 -53.15
CA TYR D 234 -27.25 -24.68 -52.04
C TYR D 234 -27.97 -25.19 -50.80
N ILE D 235 -27.18 -25.49 -49.77
CA ILE D 235 -27.67 -26.22 -48.61
C ILE D 235 -27.10 -25.56 -47.36
N CYS D 236 -27.95 -25.33 -46.37
CA CYS D 236 -27.57 -24.60 -45.16
C CYS D 236 -27.59 -25.55 -43.97
N ASN D 237 -26.50 -25.54 -43.20
CA ASN D 237 -26.33 -26.44 -42.06
C ASN D 237 -26.85 -25.76 -40.79
N VAL D 238 -27.91 -26.30 -40.21
CA VAL D 238 -28.58 -25.70 -39.07
C VAL D 238 -28.03 -26.37 -37.82
N ASN D 239 -26.96 -25.81 -37.28
CA ASN D 239 -26.32 -26.32 -36.08
C ASN D 239 -26.99 -25.73 -34.86
N HIS D 240 -27.45 -26.61 -33.96
CA HIS D 240 -28.17 -26.22 -32.75
C HIS D 240 -27.77 -27.21 -31.67
N LYS D 241 -27.03 -26.75 -30.68
CA LYS D 241 -26.50 -27.66 -29.66
C LYS D 241 -27.54 -28.01 -28.61
N PRO D 242 -28.25 -27.03 -28.03
CA PRO D 242 -29.25 -27.35 -27.00
C PRO D 242 -30.05 -28.62 -27.27
N SER D 243 -30.69 -28.72 -28.43
CA SER D 243 -31.42 -29.91 -28.80
C SER D 243 -30.64 -30.82 -29.73
N ASN D 244 -29.38 -30.50 -30.03
CA ASN D 244 -28.53 -31.32 -30.87
C ASN D 244 -29.20 -31.61 -32.21
N THR D 245 -29.41 -30.55 -32.99
CA THR D 245 -30.03 -30.65 -34.30
C THR D 245 -29.02 -30.27 -35.37
N LYS D 246 -29.06 -30.99 -36.48
CA LYS D 246 -28.30 -30.65 -37.68
C LYS D 246 -29.19 -31.02 -38.86
N VAL D 247 -29.64 -30.02 -39.61
CA VAL D 247 -30.52 -30.22 -40.76
C VAL D 247 -29.93 -29.47 -41.94
N ASP D 248 -30.25 -29.94 -43.14
CA ASP D 248 -29.65 -29.38 -44.35
C ASP D 248 -30.73 -29.41 -45.43
N LYS D 249 -31.21 -28.24 -45.84
CA LYS D 249 -32.28 -28.17 -46.82
C LYS D 249 -31.71 -27.90 -48.21
N LYS D 250 -32.24 -28.61 -49.20
CA LYS D 250 -31.80 -28.51 -50.58
C LYS D 250 -32.70 -27.51 -51.30
N VAL D 251 -32.14 -26.36 -51.65
CA VAL D 251 -32.88 -25.35 -52.41
C VAL D 251 -32.92 -25.81 -53.86
N GLU D 252 -34.09 -26.30 -54.29
CA GLU D 252 -34.26 -26.88 -55.62
C GLU D 252 -35.39 -26.14 -56.32
N PRO D 253 -35.10 -25.06 -57.05
CA PRO D 253 -36.17 -24.35 -57.77
C PRO D 253 -36.85 -25.26 -58.77
N LYS D 254 -38.16 -25.09 -58.90
CA LYS D 254 -38.93 -25.88 -59.84
C LYS D 254 -38.59 -25.48 -61.27
N MET E 28 -28.23 11.99 -18.89
CA MET E 28 -29.46 11.22 -18.99
C MET E 28 -29.87 11.04 -20.45
N THR E 29 -30.71 11.91 -20.99
CA THR E 29 -31.16 11.74 -22.36
C THR E 29 -30.04 12.09 -23.33
N GLN E 30 -29.77 11.20 -24.27
CA GLN E 30 -28.58 11.27 -25.10
C GLN E 30 -28.99 11.43 -26.56
N SER E 31 -28.38 12.38 -27.23
CA SER E 31 -28.60 12.65 -28.63
C SER E 31 -27.27 12.86 -29.34
N PRO E 32 -27.23 12.65 -30.67
CA PRO E 32 -28.30 12.13 -31.51
C PRO E 32 -28.41 10.62 -31.45
N SER E 33 -29.52 10.08 -31.93
CA SER E 33 -29.74 8.65 -31.84
C SER E 33 -28.75 7.88 -32.72
N SER E 34 -28.62 8.28 -33.97
CA SER E 34 -27.76 7.62 -34.94
C SER E 34 -26.89 8.65 -35.62
N LEU E 35 -25.62 8.30 -35.84
CA LEU E 35 -24.66 9.20 -36.47
C LEU E 35 -24.02 8.53 -37.66
N SER E 36 -24.03 9.22 -38.80
CA SER E 36 -23.40 8.76 -40.03
C SER E 36 -22.14 9.59 -40.22
N ALA E 37 -20.99 9.00 -39.87
CA ALA E 37 -19.72 9.71 -39.86
C ALA E 37 -18.67 8.90 -40.60
N SER E 38 -17.98 9.54 -41.53
CA SER E 38 -16.91 8.88 -42.27
C SER E 38 -15.59 9.05 -41.54
N VAL E 39 -14.66 8.14 -41.84
CA VAL E 39 -13.38 8.13 -41.15
C VAL E 39 -12.70 9.50 -41.28
N GLY E 40 -11.93 9.85 -40.26
CA GLY E 40 -11.21 11.11 -40.23
C GLY E 40 -12.05 12.30 -39.80
N ASP E 41 -13.35 12.13 -39.67
CA ASP E 41 -14.24 13.23 -39.32
C ASP E 41 -14.20 13.47 -37.82
N ARG E 42 -14.71 14.65 -37.42
CA ARG E 42 -14.89 15.00 -36.03
C ARG E 42 -16.37 14.92 -35.69
N VAL E 43 -16.70 14.18 -34.65
CA VAL E 43 -18.09 13.94 -34.30
C VAL E 43 -18.33 14.35 -32.87
N THR E 44 -19.55 14.78 -32.59
CA THR E 44 -19.95 15.27 -31.28
C THR E 44 -21.23 14.59 -30.84
N ILE E 45 -21.35 14.37 -29.53
CA ILE E 45 -22.50 13.76 -28.91
C ILE E 45 -22.88 14.58 -27.70
N THR E 46 -24.19 14.75 -27.48
CA THR E 46 -24.71 15.55 -26.40
C THR E 46 -25.52 14.66 -25.46
N CYS E 47 -25.50 14.98 -24.17
CA CYS E 47 -26.26 14.22 -23.18
C CYS E 47 -26.75 15.22 -22.15
N ARG E 48 -28.06 15.37 -22.06
CA ARG E 48 -28.70 16.31 -21.15
C ARG E 48 -29.15 15.56 -19.90
N ALA E 49 -28.85 16.15 -18.75
CA ALA E 49 -28.92 15.45 -17.48
C ALA E 49 -30.30 15.55 -16.83
N SER E 50 -30.82 16.75 -16.68
CA SER E 50 -32.08 17.05 -16.00
C SER E 50 -31.97 16.86 -14.50
N GLN E 51 -30.77 16.67 -13.96
CA GLN E 51 -30.52 16.71 -12.52
C GLN E 51 -29.21 17.47 -12.37
N SER E 52 -29.33 18.78 -12.14
CA SER E 52 -28.18 19.67 -12.16
C SER E 52 -27.41 19.66 -10.84
N VAL E 53 -27.09 18.47 -10.34
CA VAL E 53 -26.33 18.33 -9.10
C VAL E 53 -25.11 17.48 -9.33
N SER E 54 -25.28 16.38 -10.06
CA SER E 54 -24.24 15.41 -10.28
C SER E 54 -23.44 15.75 -11.53
N SER E 55 -22.17 16.09 -11.35
CA SER E 55 -21.20 16.09 -12.44
C SER E 55 -20.44 14.78 -12.50
N ALA E 56 -21.18 13.67 -12.52
CA ALA E 56 -20.60 12.33 -12.50
C ALA E 56 -20.72 11.64 -13.84
N VAL E 57 -20.93 12.42 -14.91
CA VAL E 57 -21.24 11.83 -16.20
C VAL E 57 -20.01 11.14 -16.77
N ALA E 58 -20.21 9.91 -17.25
CA ALA E 58 -19.16 9.14 -17.87
C ALA E 58 -19.66 8.61 -19.20
N TRP E 59 -18.71 8.33 -20.09
CA TRP E 59 -19.00 7.96 -21.46
C TRP E 59 -18.41 6.60 -21.78
N TYR E 60 -19.19 5.77 -22.45
CA TYR E 60 -18.86 4.38 -22.71
C TYR E 60 -18.92 4.08 -24.19
N GLN E 61 -17.99 3.25 -24.62
CA GLN E 61 -17.88 2.74 -25.98
C GLN E 61 -18.12 1.25 -25.92
N GLN E 62 -19.18 0.79 -26.58
CA GLN E 62 -19.56 -0.61 -26.57
C GLN E 62 -19.47 -1.11 -28.01
N LYS E 63 -18.79 -2.21 -28.20
CA LYS E 63 -18.95 -2.94 -29.45
C LYS E 63 -20.04 -3.99 -29.31
N PRO E 64 -20.61 -4.43 -30.43
CA PRO E 64 -21.78 -5.34 -30.36
C PRO E 64 -21.47 -6.59 -29.54
N GLY E 65 -22.24 -6.77 -28.47
CA GLY E 65 -22.16 -7.95 -27.66
C GLY E 65 -21.09 -7.94 -26.59
N LYS E 66 -20.16 -7.00 -26.64
CA LYS E 66 -19.05 -6.95 -25.71
C LYS E 66 -19.33 -5.98 -24.57
N ALA E 67 -18.49 -6.05 -23.56
CA ALA E 67 -18.69 -5.23 -22.39
C ALA E 67 -18.28 -3.78 -22.68
N PRO E 68 -19.03 -2.82 -22.16
CA PRO E 68 -18.68 -1.42 -22.41
C PRO E 68 -17.29 -1.08 -21.92
N LYS E 69 -16.65 -0.17 -22.66
CA LYS E 69 -15.31 0.30 -22.38
C LYS E 69 -15.40 1.76 -21.98
N LEU E 70 -14.85 2.09 -20.84
CA LEU E 70 -14.90 3.46 -20.33
C LEU E 70 -13.93 4.35 -21.07
N LEU E 71 -14.33 5.59 -21.29
CA LEU E 71 -13.48 6.62 -21.88
C LEU E 71 -13.29 7.80 -20.95
N ILE E 72 -14.37 8.40 -20.49
CA ILE E 72 -14.35 9.59 -19.67
C ILE E 72 -15.23 9.34 -18.46
N TYR E 73 -14.83 9.88 -17.31
CA TYR E 73 -15.46 9.48 -16.06
C TYR E 73 -16.25 10.59 -15.39
N SER E 74 -15.65 11.75 -15.10
CA SER E 74 -16.39 12.75 -14.33
C SER E 74 -17.28 13.57 -15.25
N ALA E 75 -16.69 14.40 -16.09
CA ALA E 75 -17.36 14.85 -17.30
C ALA E 75 -16.46 14.98 -18.51
N SER E 76 -15.18 15.31 -18.34
CA SER E 76 -14.25 15.52 -19.45
C SER E 76 -12.90 14.88 -19.23
N SER E 77 -12.51 14.59 -18.00
CA SER E 77 -11.17 14.11 -17.73
C SER E 77 -10.97 12.68 -18.22
N LEU E 78 -9.89 12.48 -18.97
CA LEU E 78 -9.67 11.28 -19.75
C LEU E 78 -9.22 10.13 -18.88
N TYR E 79 -9.49 8.92 -19.36
CA TYR E 79 -9.09 7.68 -18.71
C TYR E 79 -7.79 7.10 -19.23
N SER E 80 -7.11 6.41 -18.30
CA SER E 80 -5.78 5.86 -18.52
C SER E 80 -5.90 4.63 -19.40
N GLY E 81 -5.56 4.79 -20.68
CA GLY E 81 -5.69 3.72 -21.63
C GLY E 81 -6.61 4.10 -22.76
N VAL E 82 -6.81 5.41 -22.95
CA VAL E 82 -7.75 5.90 -23.96
C VAL E 82 -7.05 6.94 -24.81
N PRO E 83 -7.38 7.05 -26.10
CA PRO E 83 -6.77 8.08 -26.93
C PRO E 83 -7.19 9.48 -26.53
N SER E 84 -6.36 10.45 -26.89
CA SER E 84 -6.64 11.84 -26.57
C SER E 84 -7.73 12.44 -27.43
N ARG E 85 -8.17 11.76 -28.49
CA ARG E 85 -9.20 12.32 -29.35
C ARG E 85 -10.57 12.25 -28.69
N PHE E 86 -10.73 11.43 -27.67
CA PHE E 86 -11.97 11.36 -26.91
C PHE E 86 -11.90 12.43 -25.84
N SER E 87 -12.59 13.55 -26.06
CA SER E 87 -12.66 14.62 -25.09
C SER E 87 -14.09 14.79 -24.60
N GLY E 88 -14.23 15.42 -23.44
CA GLY E 88 -15.53 15.67 -22.88
C GLY E 88 -15.68 17.11 -22.45
N SER E 89 -16.92 17.49 -22.18
CA SER E 89 -17.22 18.82 -21.71
C SER E 89 -18.54 18.77 -20.95
N ARG E 90 -18.75 19.77 -20.10
CA ARG E 90 -19.97 19.85 -19.30
C ARG E 90 -20.93 20.92 -19.80
N SER E 91 -20.50 22.18 -19.85
CA SER E 91 -21.30 23.27 -20.39
C SER E 91 -22.68 23.36 -19.74
N GLY E 92 -22.71 23.23 -18.41
CA GLY E 92 -23.96 23.29 -17.70
C GLY E 92 -24.47 21.92 -17.32
N THR E 93 -25.59 21.51 -17.91
CA THR E 93 -26.04 20.13 -17.84
C THR E 93 -25.98 19.46 -19.20
N ASP E 94 -25.55 20.17 -20.24
CA ASP E 94 -25.42 19.63 -21.57
C ASP E 94 -24.04 19.01 -21.70
N PHE E 95 -23.85 17.88 -21.02
CA PHE E 95 -22.60 17.18 -21.14
C PHE E 95 -22.38 16.78 -22.59
N THR E 96 -21.13 16.57 -22.95
CA THR E 96 -20.80 16.42 -24.37
C THR E 96 -19.54 15.61 -24.52
N LEU E 97 -19.50 14.86 -25.61
CA LEU E 97 -18.36 14.03 -26.00
C LEU E 97 -17.94 14.41 -27.41
N THR E 98 -16.64 14.43 -27.64
CA THR E 98 -16.08 14.87 -28.90
C THR E 98 -14.99 13.90 -29.32
N ILE E 99 -15.07 13.45 -30.57
CA ILE E 99 -14.05 12.60 -31.15
C ILE E 99 -13.46 13.38 -32.32
N SER E 100 -12.22 13.84 -32.17
CA SER E 100 -11.60 14.67 -33.19
C SER E 100 -11.44 13.91 -34.50
N SER E 101 -10.63 12.85 -34.49
CA SER E 101 -10.35 12.05 -35.68
C SER E 101 -11.04 10.71 -35.52
N LEU E 102 -12.12 10.52 -36.26
CA LEU E 102 -12.89 9.28 -36.18
C LEU E 102 -12.15 8.19 -36.94
N GLN E 103 -11.51 7.32 -36.20
CA GLN E 103 -10.75 6.21 -36.76
C GLN E 103 -11.67 5.01 -36.98
N PRO E 104 -11.26 4.06 -37.82
CA PRO E 104 -12.17 2.94 -38.13
C PRO E 104 -12.51 2.07 -36.94
N GLU E 105 -11.73 2.11 -35.87
CA GLU E 105 -12.03 1.33 -34.68
C GLU E 105 -12.90 2.07 -33.69
N ASP E 106 -13.22 3.33 -33.96
CA ASP E 106 -14.09 4.14 -33.11
C ASP E 106 -15.53 4.08 -33.55
N PHE E 107 -15.92 3.06 -34.32
CA PHE E 107 -17.29 2.90 -34.80
C PHE E 107 -17.97 1.92 -33.87
N ALA E 108 -18.79 2.44 -32.97
CA ALA E 108 -19.36 1.66 -31.89
C ALA E 108 -20.60 2.37 -31.38
N THR E 109 -21.08 1.96 -30.22
CA THR E 109 -22.25 2.55 -29.59
C THR E 109 -21.80 3.29 -28.34
N TYR E 110 -22.21 4.54 -28.20
CA TYR E 110 -21.71 5.42 -27.16
C TYR E 110 -22.83 5.79 -26.19
N TYR E 111 -22.53 5.69 -24.90
CA TYR E 111 -23.53 5.89 -23.85
C TYR E 111 -23.03 6.88 -22.81
N CYS E 112 -23.93 7.70 -22.27
CA CYS E 112 -23.64 8.54 -21.12
C CYS E 112 -24.33 7.97 -19.90
N GLN E 113 -23.61 7.87 -18.80
CA GLN E 113 -24.21 7.51 -17.52
C GLN E 113 -24.03 8.66 -16.56
N GLN E 114 -25.05 8.90 -15.75
CA GLN E 114 -25.03 9.93 -14.72
C GLN E 114 -25.29 9.28 -13.37
N ARG E 115 -24.28 9.28 -12.52
CA ARG E 115 -24.47 8.82 -11.16
C ARG E 115 -25.00 9.94 -10.31
N TYR E 116 -26.10 9.68 -9.60
CA TYR E 116 -26.64 10.61 -8.63
C TYR E 116 -26.86 9.83 -7.34
N GLY E 117 -25.90 9.93 -6.43
CA GLY E 117 -25.95 9.12 -5.24
C GLY E 117 -25.43 7.74 -5.52
N LEU E 118 -26.32 6.77 -5.41
CA LEU E 118 -25.99 5.39 -5.72
C LEU E 118 -26.66 4.90 -6.98
N LEU E 119 -27.60 5.66 -7.54
CA LEU E 119 -28.39 5.20 -8.66
C LEU E 119 -27.87 5.83 -9.94
N VAL E 120 -27.86 5.04 -10.98
CA VAL E 120 -27.32 5.40 -12.26
C VAL E 120 -28.44 5.34 -13.29
N THR E 121 -28.18 5.92 -14.46
CA THR E 121 -29.10 5.83 -15.57
C THR E 121 -28.31 6.17 -16.81
N PHE E 122 -28.38 5.34 -17.84
CA PHE E 122 -27.53 5.61 -18.98
C PHE E 122 -28.35 6.36 -20.02
N GLY E 123 -27.73 6.66 -21.12
CA GLY E 123 -28.42 7.32 -22.19
C GLY E 123 -29.13 6.36 -23.11
N GLN E 124 -30.01 6.92 -23.92
CA GLN E 124 -30.86 6.11 -24.79
C GLN E 124 -30.05 5.39 -25.86
N GLY E 125 -28.78 5.73 -26.03
CA GLY E 125 -27.94 5.06 -26.98
C GLY E 125 -27.63 5.89 -28.20
N THR E 126 -26.34 6.02 -28.49
CA THR E 126 -25.87 6.68 -29.70
C THR E 126 -25.05 5.70 -30.51
N LYS E 127 -25.31 5.65 -31.81
CA LYS E 127 -24.65 4.71 -32.71
C LYS E 127 -24.00 5.48 -33.85
N VAL E 128 -22.69 5.32 -34.00
CA VAL E 128 -21.94 5.95 -35.08
C VAL E 128 -21.62 4.89 -36.11
N GLU E 129 -21.95 5.18 -37.36
CA GLU E 129 -21.80 4.24 -38.46
C GLU E 129 -21.00 4.88 -39.58
N ILE E 130 -20.09 4.10 -40.18
CA ILE E 130 -19.25 4.62 -41.26
C ILE E 130 -20.11 4.80 -42.51
N LYS E 131 -20.15 6.02 -43.01
CA LYS E 131 -21.08 6.41 -44.06
C LYS E 131 -20.52 6.14 -45.45
N ARG E 132 -21.42 6.08 -46.42
CA ARG E 132 -21.05 5.84 -47.81
C ARG E 132 -22.16 6.41 -48.68
N THR E 133 -21.98 6.31 -49.99
CA THR E 133 -22.94 6.81 -50.95
C THR E 133 -24.25 6.01 -50.86
N VAL E 134 -25.34 6.62 -51.31
CA VAL E 134 -26.57 5.87 -51.50
C VAL E 134 -26.27 4.57 -52.23
N ALA E 135 -26.89 3.50 -51.77
CA ALA E 135 -26.85 2.21 -52.41
C ALA E 135 -28.24 1.89 -52.96
N ALA E 136 -28.26 1.07 -54.00
CA ALA E 136 -29.50 0.67 -54.62
C ALA E 136 -29.96 -0.63 -53.96
N PRO E 137 -30.97 -0.59 -53.08
CA PRO E 137 -31.38 -1.84 -52.41
C PRO E 137 -31.79 -2.91 -53.42
N SER E 138 -31.06 -4.02 -53.39
CA SER E 138 -31.49 -5.22 -54.10
C SER E 138 -32.63 -5.82 -53.30
N VAL E 139 -33.87 -5.55 -53.71
CA VAL E 139 -35.07 -5.96 -52.99
C VAL E 139 -35.69 -7.15 -53.69
N PHE E 140 -35.91 -8.25 -52.95
CA PHE E 140 -36.53 -9.41 -53.56
C PHE E 140 -37.73 -9.78 -52.70
N ILE E 141 -38.64 -10.56 -53.29
CA ILE E 141 -39.75 -11.14 -52.54
C ILE E 141 -39.78 -12.64 -52.78
N PHE E 142 -40.08 -13.37 -51.72
CA PHE E 142 -40.08 -14.83 -51.71
C PHE E 142 -41.45 -15.35 -51.32
N PRO E 143 -41.81 -16.55 -51.79
CA PRO E 143 -42.99 -17.22 -51.27
C PRO E 143 -42.62 -18.14 -50.12
N PRO E 144 -43.60 -18.83 -49.52
CA PRO E 144 -43.30 -19.86 -48.53
C PRO E 144 -43.17 -21.23 -49.17
N SER E 145 -42.20 -22.00 -48.68
CA SER E 145 -41.98 -23.34 -49.20
C SER E 145 -43.16 -24.25 -48.86
N ASP E 146 -43.35 -25.30 -49.68
CA ASP E 146 -44.51 -26.15 -49.52
C ASP E 146 -44.57 -26.81 -48.15
N SER E 147 -43.45 -26.94 -47.45
CA SER E 147 -43.46 -27.53 -46.11
C SER E 147 -43.89 -26.53 -45.03
N GLN E 148 -43.98 -25.24 -45.36
CA GLN E 148 -44.76 -24.32 -44.53
C GLN E 148 -46.22 -24.74 -44.48
N LEU E 149 -46.73 -25.20 -45.61
CA LEU E 149 -48.16 -25.38 -45.83
C LEU E 149 -48.70 -26.67 -45.25
N LYS E 150 -47.95 -27.30 -44.36
CA LYS E 150 -48.43 -28.42 -43.57
C LYS E 150 -48.58 -28.09 -42.09
N SER E 151 -47.70 -27.23 -41.56
CA SER E 151 -47.80 -26.84 -40.16
C SER E 151 -48.78 -25.71 -39.93
N GLY E 152 -49.21 -25.01 -40.99
CA GLY E 152 -50.25 -24.02 -40.88
C GLY E 152 -49.75 -22.59 -40.70
N THR E 153 -48.73 -22.21 -41.48
CA THR E 153 -48.19 -20.86 -41.40
C THR E 153 -47.42 -20.58 -42.68
N ALA E 154 -47.26 -19.29 -42.98
CA ALA E 154 -46.45 -18.86 -44.11
C ALA E 154 -45.56 -17.71 -43.68
N SER E 155 -44.28 -17.80 -44.03
CA SER E 155 -43.30 -16.76 -43.74
C SER E 155 -42.87 -16.16 -45.08
N VAL E 156 -43.52 -15.07 -45.47
CA VAL E 156 -43.18 -14.40 -46.72
C VAL E 156 -42.01 -13.48 -46.44
N VAL E 157 -40.91 -13.70 -47.16
CA VAL E 157 -39.65 -13.00 -46.90
C VAL E 157 -39.48 -11.90 -47.95
N CYS E 158 -39.33 -10.67 -47.47
CA CYS E 158 -39.02 -9.52 -48.31
C CYS E 158 -37.62 -9.06 -47.94
N LEU E 159 -36.65 -9.32 -48.83
CA LEU E 159 -35.25 -9.05 -48.57
C LEU E 159 -34.83 -7.73 -49.18
N LEU E 160 -33.95 -7.01 -48.47
CA LEU E 160 -33.34 -5.78 -48.96
C LEU E 160 -31.84 -5.94 -48.72
N ASN E 161 -31.10 -6.29 -49.77
CA ASN E 161 -29.67 -6.53 -49.65
C ASN E 161 -28.89 -5.35 -50.22
N ASN E 162 -27.76 -5.06 -49.56
CA ASN E 162 -26.79 -4.07 -50.02
C ASN E 162 -27.46 -2.72 -50.27
N PHE E 163 -27.94 -2.11 -49.18
CA PHE E 163 -28.57 -0.82 -49.23
C PHE E 163 -28.10 0.02 -48.05
N TYR E 164 -28.33 1.35 -48.15
CA TYR E 164 -27.76 2.33 -47.22
C TYR E 164 -28.69 2.49 -46.01
N PRO E 165 -28.46 3.46 -45.12
CA PRO E 165 -28.34 3.12 -43.70
C PRO E 165 -29.45 2.26 -43.11
N ARG E 166 -30.66 2.79 -42.99
CA ARG E 166 -31.71 2.04 -42.30
C ARG E 166 -33.11 2.22 -42.85
N GLU E 167 -33.42 3.34 -43.52
CA GLU E 167 -34.81 3.74 -43.71
C GLU E 167 -35.42 2.94 -44.85
N ALA E 168 -36.08 1.84 -44.48
CA ALA E 168 -36.91 1.07 -45.41
C ALA E 168 -38.10 0.53 -44.62
N LYS E 169 -39.20 1.28 -44.61
CA LYS E 169 -40.43 0.79 -44.00
C LYS E 169 -41.09 -0.16 -45.00
N VAL E 170 -40.89 -1.46 -44.78
CA VAL E 170 -41.35 -2.47 -45.72
C VAL E 170 -42.87 -2.57 -45.58
N GLN E 171 -43.58 -1.92 -46.47
CA GLN E 171 -45.04 -1.92 -46.47
C GLN E 171 -45.52 -3.24 -47.07
N TRP E 172 -46.09 -4.10 -46.24
CA TRP E 172 -46.52 -5.42 -46.69
C TRP E 172 -47.92 -5.27 -47.30
N LYS E 173 -47.97 -5.12 -48.62
CA LYS E 173 -49.16 -4.65 -49.30
C LYS E 173 -49.76 -5.79 -50.10
N VAL E 174 -51.04 -6.08 -49.86
CA VAL E 174 -51.77 -7.10 -50.61
C VAL E 174 -53.18 -6.58 -50.87
N ASP E 175 -53.67 -6.78 -52.10
CA ASP E 175 -55.05 -6.46 -52.43
C ASP E 175 -55.45 -5.08 -51.90
N ASN E 176 -54.47 -4.17 -51.85
CA ASN E 176 -54.64 -2.90 -51.16
C ASN E 176 -55.09 -3.13 -49.72
N ALA E 177 -54.42 -4.05 -49.04
CA ALA E 177 -54.72 -4.36 -47.65
C ALA E 177 -53.41 -4.47 -46.88
N LEU E 178 -53.27 -3.65 -45.85
CA LEU E 178 -52.12 -3.73 -44.97
C LEU E 178 -52.44 -4.59 -43.75
N GLN E 179 -51.44 -5.33 -43.29
CA GLN E 179 -51.56 -6.16 -42.09
C GLN E 179 -50.53 -5.67 -41.07
N SER E 180 -50.98 -4.80 -40.18
CA SER E 180 -50.10 -4.32 -39.12
C SER E 180 -49.95 -5.37 -38.03
N GLY E 181 -48.86 -5.26 -37.27
CA GLY E 181 -48.58 -6.15 -36.16
C GLY E 181 -47.89 -7.43 -36.55
N ASN E 182 -48.35 -8.06 -37.63
CA ASN E 182 -47.78 -9.33 -38.10
C ASN E 182 -46.64 -9.12 -39.09
N SER E 183 -45.95 -7.99 -39.00
CA SER E 183 -44.83 -7.68 -39.88
C SER E 183 -43.58 -7.56 -39.02
N GLN E 184 -42.68 -8.53 -39.15
CA GLN E 184 -41.43 -8.56 -38.41
C GLN E 184 -40.28 -8.10 -39.30
N GLU E 185 -39.26 -7.55 -38.66
CA GLU E 185 -38.10 -7.02 -39.37
C GLU E 185 -36.83 -7.39 -38.63
N SER E 186 -35.81 -7.76 -39.39
CA SER E 186 -34.50 -8.10 -38.83
C SER E 186 -33.44 -7.61 -39.78
N VAL E 187 -32.49 -6.83 -39.26
CA VAL E 187 -31.42 -6.26 -40.06
C VAL E 187 -30.09 -6.75 -39.52
N THR E 188 -29.10 -6.74 -40.39
CA THR E 188 -27.73 -7.01 -39.99
C THR E 188 -27.11 -5.75 -39.43
N GLU E 189 -25.90 -5.90 -38.90
CA GLU E 189 -25.09 -4.74 -38.59
C GLU E 189 -24.49 -4.20 -39.87
N GLN E 190 -23.63 -3.21 -39.74
CA GLN E 190 -22.96 -2.61 -40.87
C GLN E 190 -21.90 -3.58 -41.39
N ASP E 191 -22.01 -3.97 -42.66
CA ASP E 191 -21.06 -4.92 -43.23
C ASP E 191 -19.65 -4.34 -43.17
N SER E 192 -18.67 -5.22 -43.36
CA SER E 192 -17.27 -4.86 -43.21
C SER E 192 -16.55 -4.65 -44.53
N LYS E 193 -17.16 -5.03 -45.66
CA LYS E 193 -16.53 -4.86 -46.96
C LYS E 193 -17.11 -3.68 -47.73
N ASP E 194 -18.41 -3.45 -47.62
CA ASP E 194 -19.07 -2.35 -48.31
C ASP E 194 -19.82 -1.43 -47.36
N SER E 195 -19.82 -1.72 -46.06
CA SER E 195 -20.39 -0.83 -45.05
C SER E 195 -21.85 -0.48 -45.39
N THR E 196 -22.60 -1.50 -45.77
CA THR E 196 -24.02 -1.34 -46.09
C THR E 196 -24.82 -2.34 -45.27
N TYR E 197 -26.13 -2.18 -45.33
CA TYR E 197 -27.05 -2.93 -44.50
C TYR E 197 -27.87 -3.90 -45.36
N SER E 198 -28.38 -4.92 -44.70
CA SER E 198 -29.24 -5.90 -45.35
C SER E 198 -30.40 -6.22 -44.42
N LEU E 199 -31.60 -6.21 -44.98
CA LEU E 199 -32.83 -6.33 -44.21
C LEU E 199 -33.62 -7.53 -44.70
N SER E 200 -34.15 -8.30 -43.77
CA SER E 200 -34.97 -9.47 -44.07
C SER E 200 -36.25 -9.37 -43.24
N SER E 201 -37.23 -8.65 -43.78
CA SER E 201 -38.53 -8.61 -43.15
C SER E 201 -39.19 -9.98 -43.26
N THR E 202 -40.40 -10.10 -42.70
CA THR E 202 -41.11 -11.36 -42.73
C THR E 202 -42.56 -11.10 -42.40
N LEU E 203 -43.46 -11.47 -43.30
CA LEU E 203 -44.88 -11.52 -43.02
C LEU E 203 -45.20 -12.94 -42.54
N THR E 204 -45.61 -13.05 -41.28
CA THR E 204 -46.02 -14.33 -40.71
C THR E 204 -47.53 -14.39 -40.77
N LEU E 205 -48.05 -15.33 -41.55
CA LEU E 205 -49.49 -15.40 -41.82
C LEU E 205 -49.99 -16.81 -41.55
N SER E 206 -51.30 -16.91 -41.37
CA SER E 206 -51.94 -18.18 -41.05
C SER E 206 -52.10 -19.00 -42.32
N LYS E 207 -52.73 -20.17 -42.18
CA LYS E 207 -52.76 -21.15 -43.26
C LYS E 207 -53.78 -20.77 -44.33
N ALA E 208 -55.06 -20.77 -43.96
CA ALA E 208 -56.08 -20.34 -44.90
C ALA E 208 -55.86 -18.89 -45.32
N ASP E 209 -55.32 -18.07 -44.41
CA ASP E 209 -55.02 -16.69 -44.76
C ASP E 209 -54.03 -16.62 -45.91
N TYR E 210 -53.05 -17.54 -45.94
CA TYR E 210 -52.16 -17.64 -47.08
C TYR E 210 -52.89 -18.20 -48.30
N GLU E 211 -53.79 -19.17 -48.09
CA GLU E 211 -54.48 -19.78 -49.23
C GLU E 211 -55.51 -18.84 -49.84
N LYS E 212 -56.18 -18.04 -49.02
CA LYS E 212 -57.27 -17.20 -49.53
C LYS E 212 -56.76 -15.90 -50.15
N HIS E 213 -55.47 -15.76 -50.34
CA HIS E 213 -54.90 -14.64 -51.10
C HIS E 213 -53.84 -15.16 -52.05
N LYS E 214 -53.79 -14.55 -53.23
CA LYS E 214 -52.88 -14.97 -54.30
C LYS E 214 -51.69 -14.03 -54.46
N VAL E 215 -51.92 -12.73 -54.35
CA VAL E 215 -50.91 -11.72 -54.63
C VAL E 215 -50.18 -11.35 -53.36
N TYR E 216 -48.86 -11.13 -53.47
CA TYR E 216 -48.03 -10.82 -52.33
C TYR E 216 -46.91 -9.88 -52.76
N ALA E 217 -46.86 -8.71 -52.15
CA ALA E 217 -45.88 -7.70 -52.52
C ALA E 217 -45.43 -6.93 -51.28
N CYS E 218 -44.18 -6.49 -51.30
CA CYS E 218 -43.60 -5.65 -50.27
C CYS E 218 -43.10 -4.37 -50.94
N GLU E 219 -43.76 -3.26 -50.65
CA GLU E 219 -43.30 -1.97 -51.15
C GLU E 219 -42.18 -1.46 -50.24
N VAL E 220 -41.16 -0.86 -50.84
CA VAL E 220 -39.96 -0.47 -50.11
C VAL E 220 -39.61 0.96 -50.47
N THR E 221 -39.35 1.77 -49.45
CA THR E 221 -39.02 3.17 -49.61
C THR E 221 -37.57 3.39 -49.18
N HIS E 222 -36.81 4.11 -49.99
CA HIS E 222 -35.42 4.41 -49.68
C HIS E 222 -35.01 5.71 -50.36
N GLN E 223 -33.91 6.28 -49.86
CA GLN E 223 -33.36 7.48 -50.48
C GLN E 223 -32.83 7.19 -51.88
N GLY E 224 -32.44 5.96 -52.14
CA GLY E 224 -31.91 5.57 -53.43
C GLY E 224 -32.93 5.17 -54.45
N LEU E 225 -34.21 5.13 -54.07
CA LEU E 225 -35.30 4.79 -54.99
C LEU E 225 -36.27 5.97 -55.02
N SER E 226 -36.30 6.68 -56.15
CA SER E 226 -37.24 7.78 -56.29
C SER E 226 -38.69 7.29 -56.25
N SER E 227 -38.92 6.02 -56.56
CA SER E 227 -40.24 5.43 -56.56
C SER E 227 -40.23 4.19 -55.68
N PRO E 228 -41.13 4.08 -54.70
CA PRO E 228 -41.20 2.84 -53.93
C PRO E 228 -41.49 1.64 -54.83
N VAL E 229 -40.54 0.74 -54.95
CA VAL E 229 -40.67 -0.42 -55.82
C VAL E 229 -41.37 -1.53 -55.06
N THR E 230 -42.34 -2.17 -55.70
CA THR E 230 -43.05 -3.30 -55.12
C THR E 230 -42.74 -4.53 -55.96
N LYS E 231 -42.34 -5.61 -55.29
CA LYS E 231 -42.06 -6.88 -55.95
C LYS E 231 -43.22 -7.82 -55.61
N SER E 232 -44.23 -7.84 -56.48
CA SER E 232 -45.40 -8.67 -56.30
C SER E 232 -45.18 -10.03 -56.94
N PHE E 233 -46.02 -10.99 -56.55
CA PHE E 233 -45.95 -12.32 -57.12
C PHE E 233 -47.24 -13.07 -56.83
N ASN E 234 -47.44 -14.16 -57.55
CA ASN E 234 -48.59 -15.04 -57.39
C ASN E 234 -48.12 -16.44 -57.03
N ARG E 235 -48.98 -17.19 -56.37
CA ARG E 235 -48.66 -18.55 -55.94
C ARG E 235 -48.76 -19.48 -57.14
N GLY E 236 -47.62 -20.03 -57.57
CA GLY E 236 -47.59 -20.93 -58.70
C GLY E 236 -48.05 -20.26 -59.99
N MET F 28 26.49 -21.62 11.79
CA MET F 28 27.45 -22.21 10.87
C MET F 28 27.52 -23.72 11.07
N THR F 29 28.44 -24.22 11.91
CA THR F 29 28.57 -25.66 12.06
C THR F 29 27.41 -26.20 12.90
N GLN F 30 26.76 -27.23 12.39
CA GLN F 30 25.49 -27.70 12.93
C GLN F 30 25.65 -29.12 13.43
N SER F 31 25.17 -29.36 14.64
CA SER F 31 25.18 -30.66 15.28
C SER F 31 23.84 -30.94 15.92
N PRO F 32 23.51 -32.21 16.14
CA PRO F 32 24.24 -33.40 15.71
C PRO F 32 23.98 -33.76 14.26
N SER F 33 24.82 -34.61 13.70
CA SER F 33 24.69 -34.96 12.28
C SER F 33 23.40 -35.72 12.01
N SER F 34 23.15 -36.76 12.79
CA SER F 34 21.98 -37.61 12.62
C SER F 34 21.28 -37.79 13.95
N LEU F 35 19.95 -37.77 13.92
CA LEU F 35 19.14 -37.88 15.13
C LEU F 35 18.14 -39.01 14.97
N SER F 36 18.11 -39.90 15.96
CA SER F 36 17.17 -41.01 16.01
C SER F 36 16.13 -40.67 17.07
N ALA F 37 14.97 -40.21 16.62
CA ALA F 37 13.93 -39.71 17.52
C ALA F 37 12.60 -40.33 17.17
N SER F 38 11.92 -40.87 18.17
CA SER F 38 10.61 -41.47 17.98
C SER F 38 9.52 -40.41 18.17
N VAL F 39 8.36 -40.69 17.57
CA VAL F 39 7.27 -39.73 17.58
C VAL F 39 6.94 -39.34 19.02
N GLY F 40 6.47 -38.11 19.19
CA GLY F 40 6.11 -37.59 20.48
C GLY F 40 7.27 -37.09 21.32
N ASP F 41 8.50 -37.33 20.88
CA ASP F 41 9.67 -36.95 21.65
C ASP F 41 9.98 -35.47 21.44
N ARG F 42 10.82 -34.94 22.31
CA ARG F 42 11.33 -33.58 22.20
C ARG F 42 12.79 -33.65 21.75
N VAL F 43 13.11 -32.95 20.68
CA VAL F 43 14.44 -33.03 20.09
C VAL F 43 15.04 -31.64 20.02
N THR F 44 16.37 -31.57 20.11
CA THR F 44 17.10 -30.32 20.10
C THR F 44 18.25 -30.41 19.10
N ILE F 45 18.53 -29.27 18.48
CA ILE F 45 19.60 -29.13 17.50
C ILE F 45 20.39 -27.88 17.84
N THR F 46 21.71 -27.96 17.70
CA THR F 46 22.61 -26.87 18.02
C THR F 46 23.34 -26.42 16.76
N CYS F 47 23.63 -25.13 16.67
CA CYS F 47 24.36 -24.58 15.54
C CYS F 47 25.26 -23.48 16.07
N ARG F 48 26.56 -23.69 15.94
CA ARG F 48 27.57 -22.75 16.42
C ARG F 48 28.05 -21.89 15.27
N ALA F 49 28.11 -20.59 15.53
CA ALA F 49 28.26 -19.60 14.48
C ALA F 49 29.71 -19.31 14.12
N SER F 50 30.53 -18.99 15.11
CA SER F 50 31.91 -18.58 14.95
C SER F 50 32.06 -17.20 14.35
N GLN F 51 30.96 -16.46 14.22
CA GLN F 51 31.00 -15.04 13.88
C GLN F 51 29.97 -14.37 14.78
N SER F 52 30.44 -13.85 15.91
CA SER F 52 29.56 -13.37 16.95
C SER F 52 29.08 -11.95 16.69
N VAL F 53 28.57 -11.69 15.49
CA VAL F 53 28.06 -10.38 15.12
C VAL F 53 26.63 -10.52 14.62
N SER F 54 26.40 -11.52 13.78
CA SER F 54 25.12 -11.71 13.12
C SER F 54 24.22 -12.59 13.96
N SER F 55 23.12 -12.03 14.46
CA SER F 55 22.00 -12.81 14.97
C SER F 55 20.95 -13.01 13.89
N ALA F 56 21.37 -13.48 12.72
CA ALA F 56 20.50 -13.67 11.57
C ALA F 56 20.20 -15.13 11.31
N VAL F 57 20.38 -15.98 12.31
CA VAL F 57 20.30 -17.41 12.11
C VAL F 57 18.86 -17.82 11.84
N ALA F 58 18.65 -18.62 10.81
CA ALA F 58 17.35 -19.14 10.46
C ALA F 58 17.44 -20.64 10.28
N TRP F 59 16.31 -21.31 10.45
CA TRP F 59 16.25 -22.76 10.48
C TRP F 59 15.29 -23.25 9.40
N TYR F 60 15.71 -24.28 8.69
CA TYR F 60 14.99 -24.80 7.53
C TYR F 60 14.70 -26.27 7.68
N GLN F 61 13.53 -26.65 7.19
CA GLN F 61 13.06 -28.02 7.15
C GLN F 61 12.93 -28.41 5.69
N GLN F 62 13.70 -29.40 5.27
CA GLN F 62 13.72 -29.85 3.89
C GLN F 62 13.25 -31.29 3.88
N LYS F 63 12.31 -31.59 3.02
CA LYS F 63 12.03 -32.97 2.68
C LYS F 63 12.84 -33.38 1.46
N PRO F 64 13.08 -34.68 1.28
CA PRO F 64 13.97 -35.13 0.20
C PRO F 64 13.53 -34.60 -1.16
N GLY F 65 14.41 -33.83 -1.79
CA GLY F 65 14.20 -33.36 -3.13
C GLY F 65 13.38 -32.09 -3.25
N LYS F 66 12.72 -31.68 -2.18
CA LYS F 66 11.85 -30.52 -2.21
C LYS F 66 12.57 -29.27 -1.70
N ALA F 67 11.93 -28.14 -1.92
CA ALA F 67 12.54 -26.88 -1.53
C ALA F 67 12.46 -26.69 -0.02
N PRO F 68 13.50 -26.14 0.58
CA PRO F 68 13.46 -25.93 2.04
C PRO F 68 12.32 -25.04 2.46
N LYS F 69 11.79 -25.35 3.64
CA LYS F 69 10.68 -24.64 4.24
C LYS F 69 11.20 -23.92 5.48
N LEU F 70 10.97 -22.62 5.55
CA LEU F 70 11.45 -21.83 6.66
C LEU F 70 10.60 -22.04 7.90
N LEU F 71 11.25 -22.05 9.05
CA LEU F 71 10.59 -22.12 10.33
C LEU F 71 10.86 -20.90 11.20
N ILE F 72 12.12 -20.59 11.42
CA ILE F 72 12.55 -19.51 12.30
C ILE F 72 13.55 -18.67 11.54
N TYR F 73 13.51 -17.36 11.78
CA TYR F 73 14.24 -16.44 10.91
C TYR F 73 15.40 -15.74 11.61
N SER F 74 15.16 -15.02 12.70
CA SER F 74 16.25 -14.23 13.27
C SER F 74 17.13 -15.10 14.16
N ALA F 75 16.61 -15.54 15.30
CA ALA F 75 17.14 -16.70 15.97
C ALA F 75 16.09 -17.59 16.62
N SER F 76 14.98 -17.03 17.10
CA SER F 76 13.94 -17.78 17.81
C SER F 76 12.54 -17.42 17.38
N SER F 77 12.33 -16.24 16.82
CA SER F 77 10.99 -15.78 16.54
C SER F 77 10.36 -16.54 15.38
N LEU F 78 9.14 -17.02 15.61
CA LEU F 78 8.49 -18.00 14.76
C LEU F 78 7.94 -17.37 13.49
N TYR F 79 7.82 -18.20 12.46
CA TYR F 79 7.25 -17.79 11.19
C TYR F 79 5.77 -18.10 11.03
N SER F 80 5.13 -17.25 10.23
CA SER F 80 3.69 -17.25 10.01
C SER F 80 3.34 -18.42 9.12
N GLY F 81 2.82 -19.49 9.70
CA GLY F 81 2.50 -20.69 8.97
C GLY F 81 3.27 -21.88 9.50
N VAL F 82 3.73 -21.78 10.74
CA VAL F 82 4.56 -22.83 11.33
C VAL F 82 3.99 -23.18 12.70
N PRO F 83 4.09 -24.44 13.12
CA PRO F 83 3.60 -24.81 14.46
C PRO F 83 4.43 -24.18 15.56
N SER F 84 3.81 -24.08 16.73
CA SER F 84 4.47 -23.49 17.89
C SER F 84 5.50 -24.41 18.52
N ARG F 85 5.55 -25.68 18.12
CA ARG F 85 6.51 -26.60 18.70
C ARG F 85 7.92 -26.34 18.20
N PHE F 86 8.06 -25.63 17.09
CA PHE F 86 9.37 -25.25 16.57
C PHE F 86 9.77 -23.96 17.26
N SER F 87 10.65 -24.07 18.25
CA SER F 87 11.15 -22.89 18.95
C SER F 87 12.65 -22.75 18.70
N GLY F 88 13.15 -21.54 18.91
CA GLY F 88 14.56 -21.28 18.74
C GLY F 88 15.12 -20.55 19.94
N SER F 89 16.45 -20.50 19.99
CA SER F 89 17.16 -19.79 21.04
C SER F 89 18.54 -19.43 20.53
N ARG F 90 19.15 -18.44 21.17
CA ARG F 90 20.46 -17.97 20.77
C ARG F 90 21.55 -18.41 21.75
N SER F 91 21.44 -18.02 23.03
CA SER F 91 22.37 -18.45 24.06
C SER F 91 23.82 -18.16 23.71
N GLY F 92 24.07 -16.97 23.17
CA GLY F 92 25.41 -16.58 22.78
C GLY F 92 25.64 -16.71 21.30
N THR F 93 26.49 -17.64 20.89
CA THR F 93 26.59 -18.04 19.49
C THR F 93 26.12 -19.46 19.28
N ASP F 94 25.70 -20.14 20.35
CA ASP F 94 25.19 -21.50 20.26
C ASP F 94 23.69 -21.43 19.96
N PHE F 95 23.37 -21.04 18.74
CA PHE F 95 21.98 -21.01 18.35
C PHE F 95 21.41 -22.42 18.46
N THR F 96 20.09 -22.51 18.59
CA THR F 96 19.49 -23.77 18.94
C THR F 96 18.04 -23.81 18.45
N LEU F 97 17.62 -25.01 18.08
CA LEU F 97 16.28 -25.31 17.63
C LEU F 97 15.71 -26.43 18.49
N THR F 98 14.43 -26.31 18.82
CA THR F 98 13.77 -27.25 19.71
C THR F 98 12.42 -27.61 19.12
N ILE F 99 12.14 -28.90 19.06
CA ILE F 99 10.85 -29.42 18.63
C ILE F 99 10.28 -30.17 19.83
N SER F 100 9.23 -29.61 20.43
CA SER F 100 8.66 -30.20 21.63
C SER F 100 8.08 -31.58 21.34
N SER F 101 7.05 -31.63 20.49
CA SER F 101 6.36 -32.87 20.16
C SER F 101 6.71 -33.24 18.73
N LEU F 102 7.56 -34.24 18.57
CA LEU F 102 8.01 -34.68 17.25
C LEU F 102 6.89 -35.47 16.59
N GLN F 103 6.20 -34.84 15.67
CA GLN F 103 5.12 -35.46 14.93
C GLN F 103 5.66 -36.20 13.72
N PRO F 104 4.88 -37.13 13.15
CA PRO F 104 5.41 -37.93 12.04
C PRO F 104 5.74 -37.12 10.80
N GLU F 105 5.20 -35.91 10.66
CA GLU F 105 5.51 -35.06 9.51
C GLU F 105 6.72 -34.16 9.75
N ASP F 106 7.27 -34.18 10.96
CA ASP F 106 8.46 -33.40 11.29
C ASP F 106 9.74 -34.19 11.11
N PHE F 107 9.72 -35.25 10.32
CA PHE F 107 10.89 -36.08 10.07
C PHE F 107 11.47 -35.64 8.73
N ALA F 108 12.55 -34.86 8.80
CA ALA F 108 13.10 -34.19 7.64
C ALA F 108 14.55 -33.84 7.94
N THR F 109 15.12 -32.98 7.11
CA THR F 109 16.50 -32.54 7.27
C THR F 109 16.48 -31.07 7.66
N TYR F 110 17.21 -30.73 8.72
CA TYR F 110 17.14 -29.40 9.32
C TYR F 110 18.47 -28.68 9.16
N TYR F 111 18.41 -27.42 8.74
CA TYR F 111 19.60 -26.64 8.44
C TYR F 111 19.55 -25.29 9.14
N CYS F 112 20.71 -24.80 9.57
CA CYS F 112 20.85 -23.44 10.07
C CYS F 112 21.60 -22.62 9.04
N GLN F 113 21.10 -21.43 8.74
CA GLN F 113 21.81 -20.48 7.91
C GLN F 113 22.10 -19.24 8.74
N GLN F 114 23.29 -18.67 8.53
CA GLN F 114 23.71 -17.45 9.19
C GLN F 114 24.05 -16.41 8.13
N ARG F 115 23.24 -15.37 8.04
CA ARG F 115 23.57 -14.26 7.17
C ARG F 115 24.51 -13.31 7.88
N TYR F 116 25.62 -12.98 7.22
CA TYR F 116 26.55 -11.98 7.71
C TYR F 116 26.80 -11.02 6.54
N GLY F 117 26.08 -9.92 6.53
CA GLY F 117 26.15 -9.01 5.41
C GLY F 117 25.27 -9.50 4.30
N LEU F 118 25.90 -9.86 3.19
CA LEU F 118 25.19 -10.42 2.06
C LEU F 118 25.47 -11.89 1.85
N LEU F 119 26.44 -12.44 2.56
CA LEU F 119 26.88 -13.81 2.33
C LEU F 119 26.29 -14.72 3.39
N VAL F 120 25.90 -15.89 2.97
CA VAL F 120 25.25 -16.86 3.79
C VAL F 120 26.11 -18.12 3.84
N THR F 121 25.78 -19.00 4.79
CA THR F 121 26.42 -20.30 4.87
C THR F 121 25.52 -21.16 5.71
N PHE F 122 25.19 -22.36 5.22
CA PHE F 122 24.24 -23.14 5.97
C PHE F 122 25.01 -24.13 6.83
N GLY F 123 24.29 -24.92 7.57
CA GLY F 123 24.90 -25.93 8.38
C GLY F 123 25.18 -27.22 7.63
N GLN F 124 26.00 -28.05 8.23
CA GLN F 124 26.45 -29.27 7.60
C GLN F 124 25.31 -30.25 7.38
N GLY F 125 24.16 -30.01 7.98
CA GLY F 125 23.01 -30.87 7.79
C GLY F 125 22.69 -31.72 8.99
N THR F 126 21.45 -31.64 9.44
CA THR F 126 20.92 -32.49 10.50
C THR F 126 19.75 -33.29 9.98
N LYS F 127 19.76 -34.59 10.27
CA LYS F 127 18.73 -35.50 9.78
C LYS F 127 18.09 -36.21 10.97
N VAL F 128 16.78 -36.07 11.10
CA VAL F 128 16.01 -36.72 12.16
C VAL F 128 15.26 -37.89 11.53
N GLU F 129 15.41 -39.07 12.13
CA GLU F 129 14.82 -40.29 11.60
C GLU F 129 14.01 -40.97 12.69
N ILE F 130 12.86 -41.51 12.31
CA ILE F 130 11.98 -42.18 13.26
C ILE F 130 12.61 -43.51 13.64
N LYS F 131 12.85 -43.69 14.94
CA LYS F 131 13.63 -44.80 15.45
C LYS F 131 12.78 -46.02 15.71
N ARG F 132 13.43 -47.17 15.79
CA ARG F 132 12.78 -48.44 16.05
C ARG F 132 13.81 -49.39 16.65
N THR F 133 13.35 -50.59 16.97
CA THR F 133 14.23 -51.60 17.56
C THR F 133 15.28 -52.04 16.55
N VAL F 134 16.39 -52.58 17.06
CA VAL F 134 17.34 -53.25 16.19
C VAL F 134 16.60 -54.18 15.24
N ALA F 135 17.02 -54.17 13.99
CA ALA F 135 16.55 -55.10 12.98
C ALA F 135 17.69 -56.04 12.60
N ALA F 136 17.31 -57.22 12.15
CA ALA F 136 18.28 -58.21 11.72
C ALA F 136 18.53 -58.04 10.24
N PRO F 137 19.65 -57.46 9.81
CA PRO F 137 19.88 -57.25 8.37
C PRO F 137 19.81 -58.56 7.60
N SER F 138 18.85 -58.64 6.69
CA SER F 138 18.84 -59.71 5.70
C SER F 138 19.92 -59.40 4.68
N VAL F 139 21.09 -60.02 4.84
CA VAL F 139 22.26 -59.74 4.02
C VAL F 139 22.42 -60.85 3.00
N PHE F 140 22.51 -60.49 1.72
CA PHE F 140 22.70 -61.51 0.69
C PHE F 140 23.91 -61.10 -0.13
N ILE F 141 24.48 -62.07 -0.84
CA ILE F 141 25.54 -61.79 -1.81
C ILE F 141 25.15 -62.41 -3.15
N PHE F 142 25.45 -61.67 -4.22
CA PHE F 142 25.09 -62.04 -5.58
C PHE F 142 26.34 -62.14 -6.44
N PRO F 143 26.31 -62.97 -7.48
CA PRO F 143 27.37 -62.95 -8.48
C PRO F 143 27.00 -62.01 -9.62
N PRO F 144 27.88 -61.87 -10.62
CA PRO F 144 27.52 -61.13 -11.83
C PRO F 144 26.94 -62.04 -12.90
N SER F 145 25.93 -61.53 -13.60
CA SER F 145 25.30 -62.32 -14.65
C SER F 145 26.25 -62.52 -15.82
N ASP F 146 26.03 -63.58 -16.58
CA ASP F 146 26.95 -63.95 -17.65
C ASP F 146 27.10 -62.85 -18.69
N SER F 147 26.13 -61.94 -18.81
CA SER F 147 26.25 -60.85 -19.77
C SER F 147 27.10 -59.70 -19.24
N GLN F 148 27.44 -59.69 -17.95
CA GLN F 148 28.56 -58.87 -17.48
C GLN F 148 29.86 -59.31 -18.15
N LEU F 149 30.03 -60.60 -18.34
CA LEU F 149 31.30 -61.21 -18.69
C LEU F 149 31.61 -61.12 -20.17
N LYS F 150 30.90 -60.25 -20.89
CA LYS F 150 31.24 -59.93 -22.28
C LYS F 150 31.73 -58.49 -22.43
N SER F 151 31.21 -57.56 -21.63
CA SER F 151 31.66 -56.18 -21.71
C SER F 151 32.91 -55.92 -20.89
N GLY F 152 33.28 -56.84 -20.00
CA GLY F 152 34.54 -56.75 -19.28
C GLY F 152 34.45 -56.10 -17.91
N THR F 153 33.43 -56.47 -17.15
CA THR F 153 33.25 -55.92 -15.81
C THR F 153 32.35 -56.87 -15.02
N ALA F 154 32.46 -56.78 -13.69
CA ALA F 154 31.59 -57.53 -12.80
C ALA F 154 31.10 -56.61 -11.68
N SER F 155 29.79 -56.64 -11.44
CA SER F 155 29.17 -55.87 -10.38
C SER F 155 28.66 -56.86 -9.33
N VAL F 156 29.47 -57.11 -8.32
CA VAL F 156 29.09 -58.02 -7.25
C VAL F 156 28.24 -57.24 -6.26
N VAL F 157 27.01 -57.70 -6.04
CA VAL F 157 26.03 -56.98 -5.24
C VAL F 157 25.95 -57.62 -3.87
N CYS F 158 26.18 -56.83 -2.83
CA CYS F 158 26.02 -57.25 -1.44
C CYS F 158 24.87 -56.44 -0.87
N LEU F 159 23.73 -57.10 -0.67
CA LEU F 159 22.50 -56.43 -0.24
C LEU F 159 22.31 -56.57 1.26
N LEU F 160 21.78 -55.51 1.88
CA LEU F 160 21.41 -55.50 3.28
C LEU F 160 19.99 -54.95 3.34
N ASN F 161 19.00 -55.83 3.45
CA ASN F 161 17.61 -55.42 3.46
C ASN F 161 17.04 -55.46 4.88
N ASN F 162 16.16 -54.50 5.16
CA ASN F 162 15.40 -54.44 6.40
C ASN F 162 16.32 -54.50 7.61
N PHE F 163 17.11 -53.45 7.77
CA PHE F 163 18.04 -53.32 8.88
C PHE F 163 18.01 -51.89 9.40
N TYR F 164 18.53 -51.70 10.63
CA TYR F 164 18.41 -50.45 11.36
C TYR F 164 19.55 -49.49 10.98
N PRO F 165 19.74 -48.36 11.67
CA PRO F 165 19.80 -47.09 10.95
C PRO F 165 20.76 -47.03 9.76
N ARG F 166 22.07 -47.09 10.00
CA ARG F 166 23.00 -46.89 8.90
C ARG F 166 24.29 -47.71 8.99
N GLU F 167 24.73 -48.12 10.17
CA GLU F 167 26.12 -48.55 10.35
C GLU F 167 26.29 -49.97 9.83
N ALA F 168 26.70 -50.07 8.57
CA ALA F 168 27.15 -51.34 7.97
C ALA F 168 28.29 -51.03 7.02
N LYS F 169 29.52 -51.11 7.51
CA LYS F 169 30.69 -50.96 6.65
C LYS F 169 30.88 -52.29 5.94
N VAL F 170 30.43 -52.37 4.70
CA VAL F 170 30.44 -53.62 3.96
C VAL F 170 31.89 -53.88 3.54
N GLN F 171 32.56 -54.73 4.29
CA GLN F 171 33.95 -55.09 4.02
C GLN F 171 33.98 -56.11 2.89
N TRP F 172 34.45 -55.69 1.73
CA TRP F 172 34.47 -56.55 0.54
C TRP F 172 35.71 -57.43 0.61
N LYS F 173 35.56 -58.64 1.15
CA LYS F 173 36.69 -59.45 1.58
C LYS F 173 36.83 -60.64 0.63
N VAL F 174 38.01 -60.81 0.05
CA VAL F 174 38.33 -61.94 -0.79
C VAL F 174 39.74 -62.40 -0.50
N ASP F 175 39.93 -63.72 -0.40
CA ASP F 175 41.26 -64.30 -0.25
C ASP F 175 42.07 -63.56 0.81
N ASN F 176 41.37 -63.04 1.83
CA ASN F 176 41.96 -62.11 2.79
C ASN F 176 42.62 -60.94 2.05
N ALA F 177 41.88 -60.37 1.11
CA ALA F 177 42.35 -59.22 0.34
C ALA F 177 41.22 -58.21 0.24
N LEU F 178 41.47 -56.99 0.72
CA LEU F 178 40.53 -55.89 0.59
C LEU F 178 40.85 -55.06 -0.64
N GLN F 179 39.80 -54.57 -1.29
CA GLN F 179 39.93 -53.69 -2.45
C GLN F 179 39.27 -52.36 -2.11
N SER F 180 40.06 -51.41 -1.65
CA SER F 180 39.54 -50.08 -1.36
C SER F 180 39.34 -49.29 -2.65
N GLY F 181 38.48 -48.29 -2.57
CA GLY F 181 38.20 -47.39 -3.68
C GLY F 181 37.16 -47.92 -4.65
N ASN F 182 37.24 -49.21 -4.99
CA ASN F 182 36.30 -49.82 -5.93
C ASN F 182 35.09 -50.41 -5.24
N SER F 183 34.72 -49.88 -4.07
CA SER F 183 33.56 -50.34 -3.30
C SER F 183 32.57 -49.19 -3.24
N GLN F 184 31.45 -49.34 -3.94
CA GLN F 184 30.39 -48.35 -3.95
C GLN F 184 29.24 -48.77 -3.05
N GLU F 185 28.52 -47.78 -2.54
CA GLU F 185 27.42 -48.03 -1.62
C GLU F 185 26.26 -47.11 -1.97
N SER F 186 25.05 -47.66 -1.89
CA SER F 186 23.84 -46.90 -2.15
C SER F 186 22.76 -47.40 -1.20
N VAL F 187 22.15 -46.49 -0.47
CA VAL F 187 21.12 -46.82 0.50
C VAL F 187 19.84 -46.11 0.12
N THR F 188 18.73 -46.68 0.58
CA THR F 188 17.44 -46.04 0.46
C THR F 188 17.25 -45.03 1.58
N GLU F 189 16.17 -44.28 1.49
CA GLU F 189 15.75 -43.48 2.63
C GLU F 189 15.06 -44.41 3.64
N GLN F 190 14.51 -43.81 4.68
CA GLN F 190 13.81 -44.57 5.70
C GLN F 190 12.47 -45.04 5.14
N ASP F 191 12.25 -46.35 5.14
CA ASP F 191 11.00 -46.88 4.60
C ASP F 191 9.81 -46.32 5.37
N SER F 192 8.63 -46.49 4.80
CA SER F 192 7.41 -45.91 5.34
C SER F 192 6.53 -46.91 6.06
N LYS F 193 6.81 -48.21 5.94
CA LYS F 193 6.02 -49.24 6.60
C LYS F 193 6.70 -49.81 7.83
N ASP F 194 8.02 -49.97 7.78
CA ASP F 194 8.79 -50.48 8.90
C ASP F 194 9.92 -49.56 9.34
N SER F 195 10.08 -48.41 8.67
CA SER F 195 11.03 -47.39 9.10
C SER F 195 12.43 -47.98 9.27
N THR F 196 12.84 -48.77 8.28
CA THR F 196 14.15 -49.39 8.27
C THR F 196 14.83 -49.07 6.94
N TYR F 197 16.11 -49.41 6.87
CA TYR F 197 16.95 -49.05 5.75
C TYR F 197 17.33 -50.29 4.96
N SER F 198 17.69 -50.07 3.70
CA SER F 198 18.15 -51.14 2.83
C SER F 198 19.35 -50.65 2.05
N LEU F 199 20.40 -51.46 2.01
CA LEU F 199 21.68 -51.07 1.45
C LEU F 199 22.03 -52.04 0.32
N SER F 200 22.53 -51.48 -0.79
CA SER F 200 22.97 -52.26 -1.94
C SER F 200 24.36 -51.78 -2.32
N SER F 201 25.38 -52.35 -1.67
CA SER F 201 26.74 -52.07 -2.05
C SER F 201 27.02 -52.68 -3.42
N THR F 202 28.23 -52.49 -3.92
CA THR F 202 28.59 -53.01 -5.23
C THR F 202 30.11 -52.99 -5.34
N LEU F 203 30.70 -54.16 -5.59
CA LEU F 203 32.09 -54.25 -5.97
C LEU F 203 32.15 -54.25 -7.49
N THR F 204 32.74 -53.20 -8.06
CA THR F 204 32.92 -53.08 -9.51
C THR F 204 34.33 -53.53 -9.82
N LEU F 205 34.45 -54.64 -10.55
CA LEU F 205 35.74 -55.26 -10.81
C LEU F 205 35.93 -55.48 -12.29
N SER F 206 37.19 -55.67 -12.68
CA SER F 206 37.56 -55.84 -14.08
C SER F 206 37.26 -57.28 -14.50
N LYS F 207 37.60 -57.60 -15.75
CA LYS F 207 37.19 -58.87 -16.35
C LYS F 207 38.05 -60.02 -15.86
N ALA F 208 39.34 -60.00 -16.20
CA ALA F 208 40.25 -61.02 -15.69
C ALA F 208 40.32 -60.99 -14.18
N ASP F 209 40.17 -59.80 -13.58
CA ASP F 209 40.14 -59.70 -12.13
C ASP F 209 39.01 -60.52 -11.54
N TYR F 210 37.86 -60.52 -12.21
CA TYR F 210 36.77 -61.41 -11.81
C TYR F 210 37.09 -62.86 -12.09
N GLU F 211 37.75 -63.15 -13.22
CA GLU F 211 38.05 -64.54 -13.57
C GLU F 211 39.15 -65.12 -12.71
N LYS F 212 40.14 -64.32 -12.31
CA LYS F 212 41.28 -64.85 -11.58
C LYS F 212 41.01 -64.98 -10.09
N HIS F 213 39.76 -64.80 -9.65
CA HIS F 213 39.37 -65.08 -8.27
C HIS F 213 38.05 -65.84 -8.28
N LYS F 214 37.93 -66.78 -7.35
CA LYS F 214 36.77 -67.66 -7.26
C LYS F 214 35.84 -67.28 -6.11
N VAL F 215 36.39 -66.90 -4.97
CA VAL F 215 35.62 -66.67 -3.75
C VAL F 215 35.25 -65.20 -3.66
N TYR F 216 34.04 -64.93 -3.18
CA TYR F 216 33.53 -63.57 -3.08
C TYR F 216 32.61 -63.45 -1.87
N ALA F 217 32.97 -62.57 -0.95
CA ALA F 217 32.21 -62.42 0.28
C ALA F 217 32.21 -60.96 0.72
N CYS F 218 31.11 -60.56 1.35
CA CYS F 218 30.96 -59.23 1.94
C CYS F 218 30.67 -59.41 3.43
N GLU F 219 31.63 -59.03 4.27
CA GLU F 219 31.42 -59.05 5.71
C GLU F 219 30.64 -57.80 6.11
N VAL F 220 29.71 -57.95 7.04
CA VAL F 220 28.79 -56.88 7.40
C VAL F 220 28.75 -56.76 8.91
N THR F 221 28.89 -55.54 9.41
CA THR F 221 28.88 -55.25 10.83
C THR F 221 27.64 -54.43 11.16
N HIS F 222 26.94 -54.82 12.22
CA HIS F 222 25.75 -54.11 12.67
C HIS F 222 25.55 -54.32 14.16
N GLN F 223 24.73 -53.44 14.74
CA GLN F 223 24.40 -53.57 16.15
C GLN F 223 23.56 -54.82 16.40
N GLY F 224 22.82 -55.29 15.39
CA GLY F 224 21.99 -56.46 15.51
C GLY F 224 22.68 -57.77 15.26
N LEU F 225 23.95 -57.74 14.88
CA LEU F 225 24.74 -58.95 14.65
C LEU F 225 25.94 -58.93 15.57
N SER F 226 25.93 -59.81 16.57
CA SER F 226 27.07 -59.90 17.47
C SER F 226 28.34 -60.34 16.75
N SER F 227 28.18 -61.02 15.61
CA SER F 227 29.31 -61.49 14.82
C SER F 227 29.15 -60.98 13.40
N PRO F 228 30.16 -60.30 12.83
CA PRO F 228 30.07 -59.92 11.42
C PRO F 228 29.89 -61.14 10.52
N VAL F 229 28.74 -61.24 9.89
CA VAL F 229 28.42 -62.38 9.04
C VAL F 229 28.96 -62.11 7.64
N THR F 230 29.61 -63.12 7.06
CA THR F 230 30.11 -63.05 5.70
C THR F 230 29.36 -64.06 4.86
N LYS F 231 28.84 -63.61 3.72
CA LYS F 231 28.14 -64.48 2.77
C LYS F 231 29.08 -64.68 1.58
N SER F 232 29.87 -65.75 1.65
CA SER F 232 30.82 -66.08 0.59
C SER F 232 30.15 -66.97 -0.44
N PHE F 233 30.78 -67.06 -1.61
CA PHE F 233 30.28 -67.92 -2.67
C PHE F 233 31.39 -68.15 -3.69
N ASN F 234 31.18 -69.15 -4.54
CA ASN F 234 32.08 -69.50 -5.61
C ASN F 234 31.36 -69.41 -6.94
N ARG F 235 32.13 -69.19 -8.00
CA ARG F 235 31.56 -69.05 -9.34
C ARG F 235 31.21 -70.43 -9.88
N GLY F 236 29.92 -70.69 -10.05
CA GLY F 236 29.45 -71.97 -10.54
C GLY F 236 29.80 -73.12 -9.62
O1 6PE G . -31.37 10.71 11.83
O2 6PE G . -31.55 11.41 14.33
P1 6PE G . -31.00 10.47 13.27
O3 6PE G . -29.34 10.49 13.40
C1 6PE G . -28.83 11.56 12.62
C2 6PE G . -28.26 12.68 13.49
C3 6PE G . -28.66 12.53 15.00
O4 6PE G . -29.15 13.80 15.47
C4 6PE G . -28.22 14.76 15.56
O5 6PE G . -27.75 15.31 14.59
C5 6PE G . -27.81 15.15 16.99
C6 6PE G . -27.34 16.60 17.00
C7 6PE G . -25.97 16.74 16.36
C8 6PE G . -25.43 18.14 16.58
C9 6PE G . -24.74 18.59 15.33
O6 6PE G . -26.83 12.70 13.39
C10 6PE G . -26.31 13.45 12.39
O7 6PE G . -26.62 13.31 11.23
C11 6PE G . -25.30 14.50 12.82
C12 6PE G . -24.69 15.20 11.60
C13 6PE G . -24.20 16.61 11.98
C14 6PE G . -23.11 17.08 11.03
C15 6PE G . -23.18 18.57 10.84
O8 6PE G . -31.45 8.93 13.64
C16 6PE G . -32.85 8.96 13.71
C17 6PE G . -33.41 7.69 13.11
N1 6PE G . -34.43 7.14 14.00
H1 6PE G . -29.53 11.89 12.07
H2 6PE G . -28.15 11.22 12.02
H3 6PE G . -28.63 13.49 13.17
H4 6PE G . -27.89 12.25 15.48
H5 6PE G . -29.33 11.84 15.09
H6 6PE G . -27.10 14.59 17.29
H7 6PE G . -28.56 15.04 17.59
H8 6PE G . -27.31 16.92 17.92
H9 6PE G . -27.97 17.14 16.54
H10 6PE G . -26.01 16.56 15.43
H11 6PE G . -25.38 16.10 16.74
H12 6PE G . -24.81 18.14 17.30
H13 6PE G . -26.14 18.74 16.80
H14 6PE G . -24.40 19.50 15.43
H15 6PE G . -24.00 18.02 15.11
H16 6PE G . -25.34 18.59 14.59
H17 6PE G . -25.72 15.16 13.38
H18 6PE G . -24.60 14.08 13.33
H19 6PE G . -23.95 14.68 11.26
H20 6PE G . -25.33 15.25 10.90
H21 6PE G . -24.93 17.22 11.95
H22 6PE G . -23.86 16.62 12.88
H23 6PE G . -22.26 16.84 11.38
H24 6PE G . -23.20 16.64 10.18
H25 6PE G . -24.04 18.85 10.51
H26 6PE G . -23.03 19.02 11.67
H27 6PE G . -22.51 18.87 10.22
H28 6PE G . -33.13 9.06 14.62
H29 6PE G . -33.17 9.72 13.22
H30 6PE G . -33.80 7.90 12.26
H31 6PE G . -32.69 7.07 12.97
H32 6PE G . -34.69 6.37 13.64
H33 6PE G . -34.02 6.95 14.77
C1 HEX H . -29.62 19.98 2.33
C2 HEX H . -28.20 20.19 1.91
C3 HEX H . -27.73 18.96 1.19
C4 HEX H . -26.25 19.08 0.96
C5 HEX H . -25.93 18.72 -0.45
C6 HEX H . -24.48 18.44 -0.54
H11 HEX H . -29.70 19.26 2.96
H12 HEX H . -30.00 20.77 2.71
H13 HEX H . -30.16 19.71 1.58
H21 HEX H . -28.11 20.95 1.34
H22 HEX H . -27.63 20.36 2.66
H31 HEX H . -27.94 18.18 1.71
H32 HEX H . -28.20 18.81 0.37
H41 HEX H . -25.96 19.96 1.18
H42 HEX H . -25.77 18.52 1.55
H51 HEX H . -26.43 17.95 -0.71
H52 HEX H . -26.20 19.39 -1.07
H61 HEX H . -24.23 18.15 -1.42
H62 HEX H . -23.96 19.20 -0.29
H63 HEX H . -24.25 17.75 0.09
C1 OCT I . -2.22 35.71 -10.40
C2 OCT I . -1.67 36.98 -9.83
C3 OCT I . -1.37 36.79 -8.36
C4 OCT I . -0.34 37.77 -7.85
C5 OCT I . -0.17 37.62 -6.35
C6 OCT I . 0.87 38.60 -5.86
C7 OCT I . 0.99 38.58 -4.34
C8 OCT I . 1.92 39.67 -3.88
H11 OCT I . -2.95 35.37 -9.86
H12 OCT I . -2.55 35.83 -11.29
H13 OCT I . -1.57 35.02 -10.44
H21 OCT I . -0.88 37.25 -10.30
H22 OCT I . -2.30 37.70 -9.95
H31 OCT I . -2.17 36.87 -7.85
H32 OCT I . -1.07 35.89 -8.20
H41 OCT I . 0.51 37.64 -8.29
H42 OCT I . -0.58 38.67 -8.07
H51 OCT I . -1.01 37.76 -5.90
H52 OCT I . 0.07 36.71 -6.12
H61 OCT I . 1.72 38.41 -6.25
H62 OCT I . 0.65 39.48 -6.15
H71 OCT I . 0.14 38.68 -3.94
H72 OCT I . 1.31 37.73 -4.04
H81 OCT I . 1.77 39.91 -2.95
H82 OCT I . 2.85 39.44 -3.96
H83 OCT I . 1.80 40.49 -4.39
O1 6PE J . 34.64 6.02 0.59
O2 6PE J . 35.47 8.48 0.58
P1 6PE J . 34.52 7.43 0.07
O3 6PE J . 32.96 7.97 0.36
C1 6PE J . 32.62 7.62 1.68
C2 6PE J . 32.50 8.86 2.58
C3 6PE J . 33.12 10.13 1.91
O4 6PE J . 33.97 10.77 2.88
C4 6PE J . 33.35 11.33 3.93
O5 6PE J . 32.85 10.68 4.81
C5 6PE J . 33.31 12.86 3.92
C6 6PE J . 33.23 13.37 5.36
C7 6PE J . 31.84 13.14 5.94
C8 6PE J . 31.72 13.84 7.28
C9 6PE J . 30.92 12.97 8.22
O6 6PE J . 31.11 9.10 2.88
C10 6PE J . 30.63 8.49 3.99
O7 6PE J . 30.68 7.30 4.16
C11 6PE J . 30.01 9.42 5.02
C12 6PE J . 29.36 8.61 6.15
C13 6PE J . 29.32 9.45 7.44
C14 6PE J . 28.22 8.94 8.37
C15 6PE J . 28.61 9.17 9.81
O8 6PE J . 34.66 7.36 -1.57
C16 6PE J . 35.99 7.04 -1.83
C17 6PE J . 36.07 5.98 -2.90
N1 6PE J . 37.07 6.37 -3.89
H1 6PE J . 33.28 7.03 2.02
H2 6PE J . 31.79 7.11 1.68
H3 6PE J . 32.99 8.66 3.37
H4 6PE J . 32.40 10.70 1.65
H5 6PE J . 33.60 9.89 1.13
H6 6PE J . 32.55 13.18 3.44
H7 6PE J . 34.10 13.21 3.50
H8 6PE J . 33.44 14.31 5.38
H9 6PE J . 33.87 12.92 5.89
H10 6PE J . 31.67 12.22 6.06
H11 6PE J . 31.18 13.48 5.34
H12 6PE J . 31.27 14.67 7.17
H13 6PE J . 32.58 14.02 7.65
H14 6PE J . 30.86 13.37 9.09
H15 6PE J . 30.04 12.82 7.88
H16 6PE J . 31.34 12.12 8.32
H17 6PE J . 30.67 10.01 5.39
H18 6PE J . 29.33 9.95 4.60
H19 6PE J . 28.47 8.35 5.90
H20 6PE J . 29.86 7.80 6.30
H21 6PE J . 30.15 9.39 7.89
H22 6PE J . 29.17 10.36 7.24
H23 6PE J . 27.40 9.40 8.19
H24 6PE J . 28.05 8.01 8.22
H25 6PE J . 29.43 8.73 10.03
H26 6PE J . 28.70 10.10 9.99
H27 6PE J . 27.92 8.82 10.41
H28 6PE J . 36.47 7.84 -2.09
H29 6PE J . 36.39 6.71 -1.02
H30 6PE J . 36.31 5.15 -2.51
H31 6PE J . 35.21 5.89 -3.31
H32 6PE J . 37.06 5.77 -4.53
H33 6PE J . 36.81 7.15 -4.24
C1 HEX K . 33.52 -0.03 12.53
C2 HEX K . 32.14 -0.01 13.12
C3 HEX K . 31.27 -0.92 12.30
C4 HEX K . 29.85 -0.74 12.75
C5 HEX K . 29.19 -2.07 12.90
C6 HEX K . 27.73 -1.85 12.91
H11 HEX K . 33.51 0.26 11.61
H12 HEX K . 34.13 0.53 13.02
H13 HEX K . 33.87 -0.92 12.53
H21 HEX K . 32.15 -0.30 14.03
H22 HEX K . 31.76 0.87 13.13
H31 HEX K . 31.38 -0.71 11.37
H32 HEX K . 31.53 -1.84 12.36
H41 HEX K . 29.83 -0.24 13.56
H42 HEX K . 29.36 -0.20 12.13
H51 HEX K . 29.43 -2.63 12.17
H52 HEX K . 29.49 -2.54 13.67
H61 HEX K . 27.25 -2.69 12.96
H62 HEX K . 27.47 -1.30 13.65
H63 HEX K . 27.45 -1.39 12.13
C1 OCT L . 8.99 -1.27 36.10
C2 OCT L . 8.87 -0.28 37.22
C3 OCT L . 8.81 1.12 36.65
C4 OCT L . 8.17 2.11 37.61
C5 OCT L . 8.26 3.51 37.05
C6 OCT L . 7.60 4.47 38.01
C7 OCT L . 7.75 5.91 37.55
C8 OCT L . 7.22 6.85 38.61
H11 OCT L . 9.69 -1.04 35.48
H12 OCT L . 9.17 -2.15 36.42
H13 OCT L . 8.18 -1.33 35.58
H21 OCT L . 8.09 -0.47 37.75
H22 OCT L . 9.60 -0.38 37.82
H31 OCT L . 9.69 1.40 36.43
H32 OCT L . 8.34 1.11 35.83
H41 OCT L . 7.26 1.86 37.80
H42 OCT L . 8.61 2.06 38.46
H51 OCT L . 9.17 3.75 36.88
H52 OCT L . 7.85 3.54 36.18
H61 OCT L . 6.67 4.25 38.13
H62 OCT L . 7.98 4.36 38.88
H71 OCT L . 8.67 6.11 37.36
H72 OCT L . 7.30 6.05 36.72
H81 OCT L . 7.58 7.74 38.51
H82 OCT L . 6.25 6.93 38.58
H83 OCT L . 7.44 6.56 39.50
#